data_4OHS
#
_entry.id   4OHS
#
_cell.length_a   50.967
_cell.length_b   68.114
_cell.length_c   132.788
_cell.angle_alpha   98.38
_cell.angle_beta   90.74
_cell.angle_gamma   110.47
#
_symmetry.space_group_name_H-M   'P 1'
#
loop_
_entity.id
_entity.type
_entity.pdbx_description
1 polymer 'FAR-RED FLUORESCENT PROTEIN AQ143'
2 non-polymer 'CHLORIDE ION'
3 water water
#
_entity_poly.entity_id   1
_entity_poly.type   'polypeptide(L)'
_entity_poly.pdbx_seq_one_letter_code
;MHHHHHHGSGAPLVTEDMCIKMTMEGTINGHHFKCVGEGEGKPFEGTQVEKIRITEGGPLPFAYDILAPCC(CH6)SKTF
IKHVSGIPDYFKESFPEGFTWERTQIFEDGGSLTIHQDTSLQGNNFIFKVNVIGANFPANGPVMQKKTAGWEPSVEILYP
RDGVLCGQALMALKCTDGDHLTSHLRTTYRSRKPSNAVNMPEFHFGDHRIEILKAEQGKFYEQYESAVARYCEAAPSKLG
H
;
_entity_poly.pdbx_strand_id   A,B,C,D,E,F,G,H
#
loop_
_chem_comp.id
_chem_comp.type
_chem_comp.name
_chem_comp.formula
CL non-polymer 'CHLORIDE ION' 'Cl -1'
#
# COMPACT_ATOMS: atom_id res chain seq x y z
N GLY A 10 -34.68 -26.12 -10.24
CA GLY A 10 -33.78 -26.29 -11.37
C GLY A 10 -32.42 -26.80 -10.95
N ALA A 11 -31.45 -26.66 -11.85
CA ALA A 11 -30.10 -27.18 -11.67
C ALA A 11 -29.48 -26.86 -10.31
N PRO A 12 -28.82 -27.85 -9.70
CA PRO A 12 -28.11 -27.66 -8.43
C PRO A 12 -26.76 -26.99 -8.68
N LEU A 13 -26.54 -25.85 -8.03
CA LEU A 13 -25.43 -24.97 -8.39
C LEU A 13 -24.20 -25.13 -7.50
N VAL A 14 -24.37 -25.76 -6.34
CA VAL A 14 -23.22 -25.99 -5.46
C VAL A 14 -22.70 -27.42 -5.61
N THR A 15 -21.43 -27.54 -5.95
CA THR A 15 -20.81 -28.81 -6.31
C THR A 15 -19.94 -29.34 -5.16
N GLU A 16 -19.52 -30.59 -5.27
CA GLU A 16 -18.61 -31.21 -4.30
C GLU A 16 -17.28 -30.45 -4.23
N ASP A 17 -16.82 -29.97 -5.39
CA ASP A 17 -15.58 -29.20 -5.46
C ASP A 17 -15.81 -27.83 -6.09
N MET A 18 -15.57 -26.78 -5.31
CA MET A 18 -15.75 -25.42 -5.81
C MET A 18 -14.58 -24.53 -5.40
N CYS A 19 -14.40 -23.43 -6.13
CA CYS A 19 -13.27 -22.54 -5.89
C CYS A 19 -13.70 -21.20 -5.29
N ILE A 20 -12.70 -20.44 -4.84
CA ILE A 20 -12.94 -19.16 -4.19
C ILE A 20 -12.16 -18.03 -4.85
N LYS A 21 -12.84 -16.94 -5.16
CA LYS A 21 -12.18 -15.71 -5.58
C LYS A 21 -12.60 -14.58 -4.68
N MET A 22 -11.65 -13.99 -3.97
CA MET A 22 -11.96 -12.94 -2.99
C MET A 22 -11.21 -11.64 -3.25
N THR A 23 -11.91 -10.53 -3.08
CA THR A 23 -11.28 -9.22 -3.02
C THR A 23 -11.73 -8.51 -1.75
N MET A 24 -10.77 -8.05 -0.97
CA MET A 24 -11.06 -7.35 0.27
C MET A 24 -10.24 -6.08 0.41
N GLU A 25 -10.91 -4.98 0.71
CA GLU A 25 -10.23 -3.73 0.99
C GLU A 25 -10.87 -3.02 2.17
N GLY A 26 -10.10 -2.14 2.80
CA GLY A 26 -10.62 -1.39 3.94
C GLY A 26 -9.56 -0.62 4.70
N THR A 27 -9.91 -0.25 5.93
CA THR A 27 -9.07 0.61 6.75
C THR A 27 -9.08 0.15 8.20
N ILE A 28 -7.89 -0.07 8.75
CA ILE A 28 -7.73 -0.44 10.17
C ILE A 28 -6.90 0.60 10.89
N ASN A 29 -7.52 1.30 11.83
CA ASN A 29 -6.86 2.38 12.55
C ASN A 29 -6.20 3.39 11.62
N GLY A 30 -6.89 3.72 10.53
CA GLY A 30 -6.40 4.70 9.59
C GLY A 30 -5.56 4.13 8.45
N HIS A 31 -5.11 2.89 8.58
CA HIS A 31 -4.27 2.26 7.57
CA HIS A 31 -4.26 2.30 7.54
C HIS A 31 -5.08 1.56 6.49
N HIS A 32 -5.03 2.09 5.27
CA HIS A 32 -5.71 1.48 4.13
CA HIS A 32 -5.70 1.49 4.12
C HIS A 32 -4.96 0.24 3.67
N PHE A 33 -5.71 -0.77 3.23
CA PHE A 33 -5.10 -1.99 2.72
C PHE A 33 -6.02 -2.66 1.72
N LYS A 34 -5.45 -3.56 0.93
CA LYS A 34 -6.21 -4.36 -0.01
C LYS A 34 -5.54 -5.72 -0.15
N CYS A 35 -6.34 -6.76 -0.37
CA CYS A 35 -5.79 -8.09 -0.57
C CYS A 35 -6.71 -8.92 -1.45
N VAL A 36 -6.12 -9.88 -2.15
CA VAL A 36 -6.87 -10.78 -3.00
C VAL A 36 -6.65 -12.22 -2.54
N GLY A 37 -7.65 -13.06 -2.72
CA GLY A 37 -7.57 -14.44 -2.31
C GLY A 37 -8.07 -15.40 -3.37
N GLU A 38 -7.35 -16.51 -3.54
CA GLU A 38 -7.83 -17.60 -4.36
C GLU A 38 -7.73 -18.90 -3.59
N GLY A 39 -8.80 -19.69 -3.61
CA GLY A 39 -8.84 -20.92 -2.84
C GLY A 39 -9.81 -21.94 -3.41
N GLU A 40 -9.96 -23.04 -2.68
CA GLU A 40 -10.86 -24.12 -3.08
C GLU A 40 -11.30 -24.89 -1.85
N GLY A 41 -12.31 -25.72 -1.99
CA GLY A 41 -12.80 -26.50 -0.87
C GLY A 41 -13.93 -27.46 -1.20
N LYS A 42 -14.39 -28.16 -0.17
CA LYS A 42 -15.51 -29.09 -0.28
C LYS A 42 -16.69 -28.54 0.49
N PRO A 43 -17.59 -27.82 -0.19
CA PRO A 43 -18.74 -27.14 0.41
C PRO A 43 -19.54 -28.01 1.39
N PHE A 44 -19.72 -29.27 1.02
CA PHE A 44 -20.55 -30.18 1.82
C PHE A 44 -19.76 -30.91 2.90
N GLU A 45 -18.44 -30.95 2.76
CA GLU A 45 -17.58 -31.55 3.78
C GLU A 45 -17.13 -30.47 4.76
N GLY A 46 -17.56 -29.24 4.49
CA GLY A 46 -17.30 -28.12 5.38
C GLY A 46 -15.84 -27.72 5.50
N THR A 47 -15.06 -27.99 4.46
CA THR A 47 -13.63 -27.66 4.47
C THR A 47 -13.24 -26.75 3.32
N GLN A 48 -12.23 -25.93 3.56
CA GLN A 48 -11.76 -24.97 2.57
C GLN A 48 -10.36 -24.47 2.90
N VAL A 49 -9.61 -24.11 1.88
CA VAL A 49 -8.30 -23.51 2.04
C VAL A 49 -8.17 -22.34 1.07
N GLU A 50 -7.52 -21.27 1.51
CA GLU A 50 -7.41 -20.07 0.67
C GLU A 50 -6.03 -19.44 0.77
N LYS A 51 -5.50 -19.01 -0.37
CA LYS A 51 -4.24 -18.29 -0.40
C LYS A 51 -4.49 -16.79 -0.57
N ILE A 52 -4.04 -16.01 0.40
CA ILE A 52 -4.27 -14.58 0.41
C ILE A 52 -2.98 -13.80 0.14
N ARG A 53 -3.08 -12.82 -0.75
CA ARG A 53 -1.96 -11.96 -1.08
C ARG A 53 -2.29 -10.50 -0.80
N ILE A 54 -1.49 -9.85 0.05
CA ILE A 54 -1.68 -8.43 0.32
C ILE A 54 -1.21 -7.62 -0.88
N THR A 55 -2.13 -6.91 -1.51
CA THR A 55 -1.82 -6.19 -2.74
C THR A 55 -1.62 -4.69 -2.53
N GLU A 56 -2.20 -4.15 -1.45
CA GLU A 56 -1.99 -2.75 -1.10
C GLU A 56 -1.86 -2.58 0.42
N GLY A 57 -1.01 -1.65 0.83
CA GLY A 57 -0.88 -1.32 2.25
C GLY A 57 0.01 -2.27 3.03
N GLY A 58 0.65 -3.19 2.31
CA GLY A 58 1.56 -4.13 2.94
C GLY A 58 2.95 -3.54 3.13
N PRO A 59 3.71 -4.06 4.10
CA PRO A 59 3.26 -5.08 5.08
C PRO A 59 2.31 -4.49 6.10
N LEU A 60 1.26 -5.23 6.44
CA LEU A 60 0.23 -4.74 7.34
C LEU A 60 0.80 -4.30 8.68
N PRO A 61 0.38 -3.13 9.17
CA PRO A 61 0.81 -2.65 10.50
C PRO A 61 -0.05 -3.24 11.62
N PHE A 62 -0.88 -4.22 11.28
CA PHE A 62 -1.72 -4.91 12.25
C PHE A 62 -1.66 -6.41 11.98
N ALA A 63 -2.05 -7.20 12.99
CA ALA A 63 -2.03 -8.65 12.88
C ALA A 63 -3.02 -9.14 11.83
N TYR A 64 -2.53 -9.99 10.92
CA TYR A 64 -3.39 -10.52 9.87
C TYR A 64 -4.57 -11.29 10.45
N ASP A 65 -4.37 -11.87 11.64
CA ASP A 65 -5.38 -12.71 12.29
C ASP A 65 -6.77 -12.10 12.34
N ILE A 66 -6.86 -10.77 12.43
CA ILE A 66 -8.16 -10.12 12.48
C ILE A 66 -8.83 -10.07 11.11
N LEU A 67 -8.06 -10.32 10.05
CA LEU A 67 -8.66 -10.40 8.71
C LEU A 67 -9.21 -11.79 8.46
N ALA A 68 -8.71 -12.78 9.21
CA ALA A 68 -9.00 -14.18 8.95
C ALA A 68 -10.50 -14.50 8.99
N PRO A 69 -11.21 -14.11 10.06
CA PRO A 69 -12.63 -14.45 10.04
C PRO A 69 -13.43 -13.57 9.07
N CYS A 70 -12.77 -12.57 8.47
CA CYS A 70 -13.41 -11.78 7.42
C CYS A 70 -13.36 -12.45 6.03
N CYS A 71 -12.36 -13.30 5.76
CA CYS A 71 -12.03 -14.07 4.58
CA CYS A 71 -12.01 -14.06 4.56
C CYS A 71 -12.73 -15.36 4.69
C CYS A 71 -12.71 -15.33 4.46
N1 CH6 A 72 -13.03 -15.79 5.96
CE CH6 A 72 -10.73 -19.26 3.78
SD CH6 A 72 -11.08 -19.69 5.45
CG1 CH6 A 72 -12.50 -18.64 5.45
CB1 CH6 A 72 -12.68 -17.97 6.79
CA1 CH6 A 72 -13.71 -17.04 6.16
C1 CH6 A 72 -14.77 -16.92 7.18
N2 CH6 A 72 -14.72 -17.75 8.25
OH CH6 A 72 -19.13 -15.70 14.26
CD2 CH6 A 72 -18.20 -17.57 11.26
CE2 CH6 A 72 -18.97 -16.95 12.23
CZ CH6 A 72 -18.33 -16.32 13.28
CE1 CH6 A 72 -16.93 -16.31 13.38
CD1 CH6 A 72 -16.15 -16.92 12.41
CG2 CH6 A 72 -16.80 -17.56 11.35
CB2 CH6 A 72 -16.03 -18.23 10.30
CA2 CH6 A 72 -15.74 -17.50 9.05
C2 CH6 A 72 -16.52 -16.43 8.38
O2 CH6 A 72 -17.61 -15.88 8.81
N3 CH6 A 72 -15.86 -16.13 7.26
CA3 CH6 A 72 -16.31 -15.09 6.34
C3 CH6 A 72 -16.81 -15.76 5.05
O3 CH6 A 72 -17.09 -15.15 4.03
N1 NRQ A 72 -13.73 -15.70 5.30
CE NRQ A 72 -10.73 -19.26 3.78
SD NRQ A 72 -11.08 -19.69 5.45
CG1 NRQ A 72 -12.50 -18.64 5.45
CB1 NRQ A 72 -12.28 -17.38 6.31
CA1 NRQ A 72 -13.54 -16.55 6.22
C1 NRQ A 72 -14.62 -16.74 7.24
N2 NRQ A 72 -14.56 -17.60 8.29
OH NRQ A 72 -19.13 -15.70 14.26
CD2 NRQ A 72 -18.20 -17.57 11.26
CE2 NRQ A 72 -18.97 -16.95 12.23
CZ NRQ A 72 -18.33 -16.32 13.28
CE1 NRQ A 72 -16.93 -16.31 13.38
CD1 NRQ A 72 -16.15 -16.92 12.41
CG2 NRQ A 72 -16.80 -17.56 11.35
CB2 NRQ A 72 -16.08 -18.24 10.26
CA2 NRQ A 72 -15.68 -17.49 9.04
C2 NRQ A 72 -16.52 -16.50 8.32
O2 NRQ A 72 -17.69 -16.09 8.65
N3 NRQ A 72 -15.79 -16.08 7.29
CA3 NRQ A 72 -16.31 -15.09 6.34
C3 NRQ A 72 -16.81 -15.76 5.05
O3 NRQ A 72 -17.09 -15.15 4.03
N SER A 73 -16.90 -17.09 5.11
CA SER A 73 -17.06 -17.91 3.90
C SER A 73 -18.10 -19.01 4.14
N LYS A 74 -19.36 -18.61 4.22
CA LYS A 74 -20.39 -19.47 4.82
C LYS A 74 -20.97 -20.58 3.92
N THR A 75 -20.47 -20.73 2.68
CA THR A 75 -20.91 -21.77 1.81
C THR A 75 -20.19 -23.06 2.09
N PHE A 76 -19.10 -23.00 2.82
CA PHE A 76 -18.30 -24.18 3.08
C PHE A 76 -18.53 -24.70 4.51
N ILE A 77 -19.80 -24.97 4.83
CA ILE A 77 -20.17 -25.48 6.14
C ILE A 77 -20.91 -26.80 5.99
N LYS A 78 -20.43 -27.84 6.68
CA LYS A 78 -21.13 -29.11 6.67
C LYS A 78 -22.35 -29.07 7.56
N HIS A 79 -23.53 -29.29 6.98
CA HIS A 79 -24.76 -29.27 7.74
C HIS A 79 -25.24 -30.67 8.07
N VAL A 80 -25.41 -30.93 9.37
CA VAL A 80 -25.87 -32.22 9.83
C VAL A 80 -27.24 -32.10 10.48
N SER A 81 -27.85 -33.25 10.80
CA SER A 81 -29.14 -33.32 11.48
C SER A 81 -30.28 -32.66 10.71
N GLY A 82 -30.12 -32.55 9.40
CA GLY A 82 -31.18 -32.04 8.54
C GLY A 82 -31.38 -30.54 8.59
N ILE A 83 -30.45 -29.84 9.23
CA ILE A 83 -30.51 -28.38 9.30
C ILE A 83 -30.35 -27.79 7.91
N PRO A 84 -31.35 -26.98 7.48
CA PRO A 84 -31.32 -26.34 6.16
C PRO A 84 -30.11 -25.43 5.99
N ASP A 85 -29.49 -25.47 4.81
CA ASP A 85 -28.34 -24.62 4.54
C ASP A 85 -28.79 -23.31 3.91
N TYR A 86 -28.98 -22.31 4.76
CA TYR A 86 -29.42 -20.98 4.36
C TYR A 86 -28.54 -20.37 3.26
N PHE A 87 -27.26 -20.74 3.27
CA PHE A 87 -26.29 -20.14 2.36
C PHE A 87 -26.19 -20.86 1.03
N LYS A 88 -26.09 -22.19 1.07
CA LYS A 88 -26.03 -22.98 -0.15
C LYS A 88 -27.31 -22.85 -0.96
N GLU A 89 -28.44 -22.83 -0.27
CA GLU A 89 -29.75 -22.78 -0.91
C GLU A 89 -30.13 -21.38 -1.39
N SER A 90 -29.22 -20.42 -1.19
CA SER A 90 -29.50 -19.03 -1.56
C SER A 90 -29.23 -18.75 -3.04
N PHE A 91 -28.49 -19.65 -3.68
CA PHE A 91 -28.06 -19.44 -5.06
C PHE A 91 -29.15 -19.83 -6.06
N PRO A 92 -29.12 -19.23 -7.27
CA PRO A 92 -28.09 -18.35 -7.85
C PRO A 92 -28.05 -16.93 -7.29
N GLU A 93 -29.11 -16.51 -6.61
CA GLU A 93 -29.18 -15.16 -6.07
C GLU A 93 -27.98 -14.82 -5.19
N GLY A 94 -27.63 -15.74 -4.29
CA GLY A 94 -26.53 -15.52 -3.38
C GLY A 94 -26.96 -14.81 -2.13
N PHE A 95 -26.00 -14.23 -1.41
CA PHE A 95 -26.32 -13.55 -0.16
C PHE A 95 -25.27 -12.48 0.18
N THR A 96 -25.64 -11.63 1.13
CA THR A 96 -24.70 -10.70 1.72
C THR A 96 -24.71 -10.90 3.23
N TRP A 97 -23.69 -10.40 3.91
CA TRP A 97 -23.77 -10.35 5.36
C TRP A 97 -23.02 -9.16 5.94
N GLU A 98 -23.49 -8.74 7.11
CA GLU A 98 -22.97 -7.58 7.81
C GLU A 98 -22.59 -8.01 9.21
N ARG A 99 -21.47 -7.50 9.72
CA ARG A 99 -20.98 -7.96 11.00
C ARG A 99 -20.19 -6.90 11.74
N THR A 100 -20.45 -6.78 13.04
CA THR A 100 -19.62 -5.96 13.91
C THR A 100 -18.96 -6.83 14.97
N GLN A 101 -17.64 -6.75 15.04
CA GLN A 101 -16.87 -7.54 16.00
C GLN A 101 -16.26 -6.62 17.06
N ILE A 102 -16.66 -6.81 18.30
CA ILE A 102 -16.21 -5.94 19.38
C ILE A 102 -15.18 -6.65 20.27
N PHE A 103 -13.94 -6.18 20.23
CA PHE A 103 -12.90 -6.75 21.06
C PHE A 103 -12.99 -6.18 22.48
N GLU A 104 -12.50 -6.93 23.45
CA GLU A 104 -12.66 -6.55 24.85
C GLU A 104 -11.75 -5.39 25.27
N ASP A 105 -10.79 -5.03 24.42
CA ASP A 105 -9.86 -3.96 24.76
C ASP A 105 -10.19 -2.67 24.02
N GLY A 106 -11.33 -2.64 23.34
CA GLY A 106 -11.81 -1.41 22.72
C GLY A 106 -11.83 -1.44 21.20
N GLY A 107 -11.00 -2.31 20.62
CA GLY A 107 -10.94 -2.45 19.17
C GLY A 107 -12.26 -2.97 18.61
N SER A 108 -12.61 -2.53 17.40
CA SER A 108 -13.85 -2.98 16.77
C SER A 108 -13.74 -3.07 15.25
N LEU A 109 -14.35 -4.10 14.70
CA LEU A 109 -14.39 -4.32 13.26
C LEU A 109 -15.82 -4.36 12.76
N THR A 110 -16.11 -3.63 11.68
CA THR A 110 -17.39 -3.78 11.00
C THR A 110 -17.16 -4.14 9.54
N ILE A 111 -17.87 -5.18 9.09
CA ILE A 111 -17.63 -5.79 7.80
C ILE A 111 -18.89 -5.88 6.94
N HIS A 112 -18.77 -5.52 5.67
CA HIS A 112 -19.81 -5.86 4.70
C HIS A 112 -19.24 -6.83 3.66
N GLN A 113 -19.96 -7.93 3.45
CA GLN A 113 -19.51 -8.95 2.50
C GLN A 113 -20.59 -9.25 1.47
N ASP A 114 -20.15 -9.49 0.25
CA ASP A 114 -21.05 -9.88 -0.82
C ASP A 114 -20.64 -11.25 -1.37
N THR A 115 -21.57 -12.20 -1.37
CA THR A 115 -21.27 -13.52 -1.88
C THR A 115 -22.14 -13.86 -3.10
N SER A 116 -21.49 -14.00 -4.25
CA SER A 116 -22.17 -14.37 -5.48
C SER A 116 -21.53 -15.61 -6.08
N LEU A 117 -22.24 -16.24 -7.01
CA LEU A 117 -21.74 -17.45 -7.65
C LEU A 117 -21.55 -17.24 -9.15
N GLN A 118 -20.36 -17.59 -9.63
CA GLN A 118 -20.03 -17.48 -11.05
C GLN A 118 -19.44 -18.78 -11.54
N GLY A 119 -20.30 -19.63 -12.11
CA GLY A 119 -19.89 -20.94 -12.55
C GLY A 119 -19.45 -21.81 -11.39
N ASN A 120 -18.16 -22.12 -11.34
CA ASN A 120 -17.61 -22.97 -10.29
C ASN A 120 -16.93 -22.15 -9.20
N ASN A 121 -17.00 -20.83 -9.33
CA ASN A 121 -16.34 -19.94 -8.40
C ASN A 121 -17.28 -19.15 -7.50
N PHE A 122 -17.12 -19.29 -6.19
CA PHE A 122 -17.74 -18.35 -5.26
C PHE A 122 -16.98 -17.03 -5.32
N ILE A 123 -17.70 -15.93 -5.49
CA ILE A 123 -17.07 -14.62 -5.59
C ILE A 123 -17.31 -13.81 -4.31
N PHE A 124 -16.25 -13.55 -3.57
CA PHE A 124 -16.35 -12.81 -2.32
C PHE A 124 -15.88 -11.37 -2.47
N LYS A 125 -16.73 -10.43 -2.09
CA LYS A 125 -16.34 -9.02 -2.05
C LYS A 125 -16.48 -8.50 -0.62
N VAL A 126 -15.37 -8.10 -0.03
CA VAL A 126 -15.37 -7.72 1.38
C VAL A 126 -14.88 -6.29 1.63
N ASN A 127 -15.65 -5.54 2.42
CA ASN A 127 -15.24 -4.22 2.88
C ASN A 127 -15.13 -4.20 4.40
N VAL A 128 -14.03 -3.65 4.91
CA VAL A 128 -13.74 -3.71 6.33
C VAL A 128 -13.32 -2.35 6.88
N ILE A 129 -13.91 -1.96 8.01
CA ILE A 129 -13.43 -0.78 8.73
C ILE A 129 -13.16 -1.13 10.19
N GLY A 130 -11.94 -0.87 10.65
CA GLY A 130 -11.55 -1.15 12.01
C GLY A 130 -11.24 0.13 12.76
N ALA A 131 -11.61 0.18 14.04
CA ALA A 131 -11.45 1.40 14.81
C ALA A 131 -11.06 1.12 16.26
N ASN A 132 -10.22 2.01 16.81
CA ASN A 132 -9.89 2.04 18.23
C ASN A 132 -9.11 0.85 18.77
N PHE A 133 -8.42 0.13 17.90
CA PHE A 133 -7.50 -0.90 18.35
C PHE A 133 -6.38 -0.22 19.13
N PRO A 134 -6.16 -0.62 20.38
CA PRO A 134 -5.16 0.01 21.24
C PRO A 134 -3.77 -0.03 20.62
N ALA A 135 -3.02 1.05 20.76
CA ALA A 135 -1.71 1.18 20.12
C ALA A 135 -0.74 0.08 20.55
N ASN A 136 -0.79 -0.27 21.83
CA ASN A 136 0.11 -1.28 22.38
C ASN A 136 -0.58 -2.62 22.62
N GLY A 137 -1.76 -2.78 22.01
CA GLY A 137 -2.49 -4.03 22.10
C GLY A 137 -1.88 -5.08 21.20
N PRO A 138 -2.27 -6.35 21.39
CA PRO A 138 -1.75 -7.50 20.62
C PRO A 138 -1.97 -7.37 19.13
N VAL A 139 -3.03 -6.68 18.72
CA VAL A 139 -3.35 -6.56 17.30
C VAL A 139 -2.41 -5.60 16.57
N MET A 140 -2.25 -4.40 17.11
CA MET A 140 -1.41 -3.39 16.45
C MET A 140 0.08 -3.67 16.65
N GLN A 141 0.41 -4.45 17.67
CA GLN A 141 1.81 -4.80 17.93
C GLN A 141 2.19 -6.13 17.28
N LYS A 142 1.19 -6.81 16.73
CA LYS A 142 1.36 -8.14 16.11
C LYS A 142 1.84 -9.18 17.09
N LYS A 143 1.19 -9.28 18.24
CA LYS A 143 1.57 -10.28 19.22
C LYS A 143 0.48 -11.33 19.36
N THR A 144 -0.13 -11.69 18.23
CA THR A 144 -1.18 -12.70 18.21
C THR A 144 -0.66 -14.01 17.60
N ALA A 145 -1.32 -15.12 17.93
CA ALA A 145 -0.86 -16.43 17.49
C ALA A 145 -2.01 -17.35 17.08
N GLY A 146 -2.95 -16.82 16.29
CA GLY A 146 -4.02 -17.61 15.75
C GLY A 146 -5.27 -17.65 16.62
N TRP A 147 -6.35 -18.18 16.06
CA TRP A 147 -7.64 -18.24 16.75
C TRP A 147 -7.89 -19.58 17.41
N GLU A 148 -8.58 -19.55 18.56
CA GLU A 148 -9.18 -20.76 19.10
C GLU A 148 -10.38 -21.10 18.23
N PRO A 149 -10.78 -22.38 18.21
CA PRO A 149 -12.04 -22.70 17.54
C PRO A 149 -13.19 -21.95 18.21
N SER A 150 -14.20 -21.55 17.44
CA SER A 150 -15.29 -20.76 18.00
C SER A 150 -16.65 -21.36 17.67
N VAL A 151 -17.65 -21.00 18.47
CA VAL A 151 -19.01 -21.47 18.26
C VAL A 151 -19.96 -20.30 18.03
N GLU A 152 -20.65 -20.32 16.90
CA GLU A 152 -21.63 -19.30 16.57
C GLU A 152 -23.04 -19.83 16.83
N ILE A 153 -23.91 -18.99 17.38
CA ILE A 153 -25.31 -19.37 17.46
C ILE A 153 -26.07 -18.73 16.29
N LEU A 154 -26.82 -19.55 15.57
CA LEU A 154 -27.58 -19.09 14.41
C LEU A 154 -29.08 -19.17 14.70
N TYR A 155 -29.79 -18.07 14.47
CA TYR A 155 -31.21 -18.01 14.74
C TYR A 155 -31.92 -17.06 13.77
N PRO A 156 -33.16 -17.40 13.41
CA PRO A 156 -33.98 -16.55 12.54
C PRO A 156 -34.48 -15.29 13.25
N ARG A 157 -34.51 -14.18 12.53
CA ARG A 157 -35.10 -12.96 13.06
C ARG A 157 -35.55 -12.05 11.91
N ASP A 158 -36.84 -11.76 11.88
CA ASP A 158 -37.43 -10.84 10.91
C ASP A 158 -37.08 -11.18 9.46
N GLY A 159 -37.20 -12.45 9.11
CA GLY A 159 -37.06 -12.88 7.73
C GLY A 159 -35.66 -13.24 7.27
N VAL A 160 -34.67 -12.95 8.10
CA VAL A 160 -33.28 -13.29 7.77
C VAL A 160 -32.64 -14.08 8.90
N LEU A 161 -31.38 -14.47 8.68
CA LEU A 161 -30.66 -15.27 9.66
C LEU A 161 -29.66 -14.42 10.43
N CYS A 162 -29.72 -14.49 11.75
CA CYS A 162 -28.78 -13.76 12.60
C CYS A 162 -27.81 -14.71 13.27
N GLY A 163 -26.61 -14.21 13.54
CA GLY A 163 -25.59 -15.00 14.21
C GLY A 163 -24.84 -14.18 15.24
N GLN A 164 -24.50 -14.82 16.35
CA GLN A 164 -23.63 -14.23 17.35
C GLN A 164 -22.59 -15.26 17.79
N ALA A 165 -21.36 -14.80 18.00
CA ALA A 165 -20.30 -15.71 18.43
C ALA A 165 -19.28 -15.01 19.30
N LEU A 166 -18.59 -15.81 20.11
CA LEU A 166 -17.43 -15.35 20.85
C LEU A 166 -16.20 -15.93 20.19
N MET A 167 -15.20 -15.10 19.95
CA MET A 167 -13.94 -15.58 19.41
C MET A 167 -12.81 -15.28 20.38
N ALA A 168 -11.83 -16.17 20.44
CA ALA A 168 -10.71 -16.02 21.34
C ALA A 168 -9.39 -16.02 20.58
N LEU A 169 -8.80 -14.84 20.48
CA LEU A 169 -7.54 -14.66 19.77
C LEU A 169 -6.35 -14.97 20.69
N LYS A 170 -5.55 -15.95 20.31
CA LYS A 170 -4.37 -16.31 21.10
C LYS A 170 -3.30 -15.24 20.99
N CYS A 171 -2.69 -14.89 22.13
CA CYS A 171 -1.64 -13.88 22.15
C CYS A 171 -0.29 -14.49 22.53
N THR A 172 0.79 -13.84 22.13
CA THR A 172 2.12 -14.38 22.35
C THR A 172 2.62 -14.17 23.79
N ASP A 173 1.78 -13.63 24.65
CA ASP A 173 2.11 -13.56 26.07
C ASP A 173 1.36 -14.65 26.83
N GLY A 174 0.53 -15.40 26.11
CA GLY A 174 -0.21 -16.50 26.68
C GLY A 174 -1.68 -16.20 26.87
N ASP A 175 -2.00 -14.92 27.07
CA ASP A 175 -3.38 -14.49 27.26
C ASP A 175 -4.23 -14.70 26.02
N HIS A 176 -5.55 -14.69 26.21
CA HIS A 176 -6.49 -14.67 25.11
C HIS A 176 -7.12 -13.29 25.00
N LEU A 177 -7.26 -12.79 23.77
CA LEU A 177 -7.99 -11.57 23.53
C LEU A 177 -9.34 -11.93 22.91
N THR A 178 -10.41 -11.76 23.69
CA THR A 178 -11.72 -12.20 23.25
C THR A 178 -12.49 -11.10 22.54
N SER A 179 -13.48 -11.49 21.76
CA SER A 179 -14.34 -10.55 21.06
C SER A 179 -15.76 -11.08 20.97
N HIS A 180 -16.70 -10.18 20.75
CA HIS A 180 -18.09 -10.54 20.55
C HIS A 180 -18.51 -10.17 19.13
N LEU A 181 -19.14 -11.11 18.44
CA LEU A 181 -19.55 -10.90 17.06
C LEU A 181 -21.07 -10.90 16.92
N ARG A 182 -21.60 -9.93 16.19
CA ARG A 182 -23.00 -9.91 15.82
CA ARG A 182 -23.01 -9.93 15.81
C ARG A 182 -23.13 -9.83 14.30
N THR A 183 -23.80 -10.82 13.71
CA THR A 183 -23.90 -10.89 12.26
C THR A 183 -25.33 -11.10 11.77
N THR A 184 -25.70 -10.38 10.72
CA THR A 184 -26.95 -10.63 10.02
C THR A 184 -26.66 -11.17 8.63
N TYR A 185 -27.17 -12.35 8.32
CA TYR A 185 -26.99 -12.96 7.02
C TYR A 185 -28.25 -12.76 6.16
N ARG A 186 -28.08 -12.17 4.98
CA ARG A 186 -29.22 -11.82 4.14
C ARG A 186 -29.21 -12.56 2.80
N SER A 187 -30.03 -13.59 2.72
CA SER A 187 -30.24 -14.31 1.46
C SER A 187 -31.00 -13.42 0.49
N ARG A 188 -30.60 -13.46 -0.78
CA ARG A 188 -31.27 -12.68 -1.81
C ARG A 188 -32.42 -13.50 -2.40
N LYS A 189 -32.63 -14.68 -1.85
CA LYS A 189 -33.72 -15.55 -2.27
C LYS A 189 -35.06 -14.97 -1.86
N PRO A 190 -36.11 -15.25 -2.61
CA PRO A 190 -37.47 -14.91 -2.18
C PRO A 190 -37.74 -15.44 -0.78
N SER A 191 -38.25 -14.59 0.10
CA SER A 191 -38.50 -14.96 1.49
C SER A 191 -39.35 -16.22 1.58
N ASN A 192 -40.50 -16.20 0.91
CA ASN A 192 -41.39 -17.36 0.89
C ASN A 192 -40.69 -18.59 0.33
N ALA A 193 -39.61 -18.39 -0.42
CA ALA A 193 -38.84 -19.49 -0.96
C ALA A 193 -37.68 -19.86 -0.05
N VAL A 194 -37.58 -19.20 1.10
CA VAL A 194 -36.53 -19.49 2.07
C VAL A 194 -36.94 -20.60 3.01
N ASN A 195 -36.15 -21.68 3.04
CA ASN A 195 -36.30 -22.68 4.07
C ASN A 195 -35.43 -22.30 5.26
N MET A 196 -35.95 -21.40 6.08
CA MET A 196 -35.23 -20.88 7.24
C MET A 196 -34.98 -21.97 8.28
N PRO A 197 -33.72 -22.12 8.70
CA PRO A 197 -33.38 -23.09 9.73
C PRO A 197 -33.85 -22.65 11.10
N GLU A 198 -33.88 -23.57 12.06
CA GLU A 198 -34.16 -23.22 13.44
C GLU A 198 -32.85 -22.93 14.16
N PHE A 199 -32.96 -22.53 15.42
CA PHE A 199 -31.79 -22.26 16.26
C PHE A 199 -30.81 -23.42 16.23
N HIS A 200 -29.56 -23.13 15.88
CA HIS A 200 -28.51 -24.15 15.86
C HIS A 200 -27.13 -23.55 16.04
N PHE A 201 -26.12 -24.40 16.09
CA PHE A 201 -24.75 -23.96 16.34
C PHE A 201 -23.86 -24.09 15.12
N GLY A 202 -22.80 -23.29 15.08
CA GLY A 202 -21.83 -23.34 14.01
C GLY A 202 -20.42 -23.40 14.56
N ASP A 203 -19.81 -24.58 14.48
CA ASP A 203 -18.41 -24.75 14.88
C ASP A 203 -17.47 -24.29 13.77
N HIS A 204 -16.58 -23.36 14.09
CA HIS A 204 -15.60 -22.90 13.12
C HIS A 204 -14.18 -23.03 13.66
N ARG A 205 -13.30 -23.65 12.89
CA ARG A 205 -11.89 -23.76 13.26
C ARG A 205 -11.02 -23.16 12.17
N ILE A 206 -10.33 -22.07 12.49
CA ILE A 206 -9.47 -21.40 11.54
C ILE A 206 -8.00 -21.65 11.87
N GLU A 207 -7.24 -22.07 10.85
CA GLU A 207 -5.81 -22.28 11.02
C GLU A 207 -5.04 -21.53 9.94
N ILE A 208 -4.11 -20.69 10.33
CA ILE A 208 -3.28 -20.03 9.35
C ILE A 208 -2.06 -20.89 9.15
N LEU A 209 -2.06 -21.61 8.04
CA LEU A 209 -1.04 -22.58 7.69
C LEU A 209 0.29 -21.94 7.44
N LYS A 210 0.28 -20.78 6.84
CA LYS A 210 1.52 -20.15 6.47
C LYS A 210 1.42 -18.65 6.58
N ALA A 211 2.48 -18.01 7.04
CA ALA A 211 2.60 -16.57 7.00
C ALA A 211 3.95 -16.11 6.44
N GLU A 212 3.94 -15.39 5.34
CA GLU A 212 5.21 -15.02 4.70
C GLU A 212 5.36 -13.54 4.37
N GLN A 213 6.38 -12.92 4.93
CA GLN A 213 6.81 -11.58 4.55
C GLN A 213 5.73 -10.59 4.80
N GLY A 214 4.82 -10.92 5.70
CA GLY A 214 3.71 -10.05 5.98
C GLY A 214 2.90 -9.86 4.74
N LYS A 215 3.06 -10.75 3.78
CA LYS A 215 2.40 -10.62 2.52
C LYS A 215 1.56 -11.81 2.08
N PHE A 216 2.04 -13.00 2.35
CA PHE A 216 1.40 -14.20 1.85
C PHE A 216 0.87 -15.03 2.98
N TYR A 217 -0.40 -15.35 2.91
CA TYR A 217 -1.02 -16.14 3.95
C TYR A 217 -1.84 -17.30 3.40
N GLU A 218 -1.63 -18.49 3.92
CA GLU A 218 -2.45 -19.64 3.58
C GLU A 218 -3.39 -19.94 4.75
N GLN A 219 -4.68 -20.02 4.45
CA GLN A 219 -5.70 -20.07 5.48
C GLN A 219 -6.64 -21.26 5.32
N TYR A 220 -6.80 -22.04 6.37
CA TYR A 220 -7.67 -23.22 6.34
C TYR A 220 -8.81 -23.09 7.35
N GLU A 221 -10.00 -23.53 6.95
CA GLU A 221 -11.13 -23.56 7.87
C GLU A 221 -12.01 -24.80 7.68
N SER A 222 -12.36 -25.43 8.79
CA SER A 222 -13.39 -26.46 8.80
C SER A 222 -14.59 -25.96 9.60
N ALA A 223 -15.78 -26.21 9.09
CA ALA A 223 -16.99 -25.71 9.73
C ALA A 223 -18.12 -26.73 9.72
N VAL A 224 -18.89 -26.75 10.80
CA VAL A 224 -20.04 -27.66 10.93
C VAL A 224 -21.24 -26.94 11.54
N ALA A 225 -22.40 -27.09 10.92
CA ALA A 225 -23.65 -26.61 11.51
C ALA A 225 -24.38 -27.78 12.17
N ARG A 226 -24.71 -27.62 13.46
CA ARG A 226 -25.23 -28.72 14.25
C ARG A 226 -26.11 -28.26 15.40
N TYR A 227 -26.80 -29.22 16.02
CA TYR A 227 -27.48 -28.96 17.28
C TYR A 227 -26.55 -29.32 18.42
N CYS A 228 -26.95 -29.01 19.65
CA CYS A 228 -26.13 -29.34 20.82
C CYS A 228 -25.95 -30.86 20.92
N GLU A 229 -24.71 -31.28 21.13
CA GLU A 229 -24.29 -32.69 21.14
C GLU A 229 -25.05 -33.53 20.13
N PRO B 12 -2.56 32.56 8.79
CA PRO B 12 -3.34 31.47 9.36
C PRO B 12 -4.03 30.63 8.30
N LEU B 13 -3.97 29.31 8.45
CA LEU B 13 -4.55 28.39 7.48
C LEU B 13 -6.07 28.28 7.65
N VAL B 14 -6.52 28.35 8.91
CA VAL B 14 -7.94 28.37 9.19
C VAL B 14 -8.42 29.80 9.41
N THR B 15 -9.36 30.25 8.59
CA THR B 15 -9.83 31.63 8.66
C THR B 15 -11.22 31.73 9.29
N GLU B 16 -11.77 32.93 9.32
CA GLU B 16 -13.06 33.17 9.96
C GLU B 16 -14.21 32.47 9.24
N ASP B 17 -14.17 32.49 7.91
CA ASP B 17 -15.19 31.83 7.10
C ASP B 17 -14.57 30.85 6.13
N MET B 18 -14.98 29.58 6.21
CA MET B 18 -14.43 28.56 5.34
C MET B 18 -15.54 27.67 4.77
N CYS B 19 -15.20 26.90 3.75
CA CYS B 19 -16.20 26.08 3.06
C CYS B 19 -15.96 24.59 3.23
N ILE B 20 -17.00 23.81 2.96
CA ILE B 20 -16.95 22.37 3.15
C ILE B 20 -17.25 21.62 1.85
N LYS B 21 -16.43 20.63 1.54
CA LYS B 21 -16.70 19.72 0.44
C LYS B 21 -16.59 18.29 0.95
N MET B 22 -17.71 17.57 0.89
CA MET B 22 -17.75 16.22 1.45
C MET B 22 -18.19 15.18 0.43
N THR B 23 -17.50 14.06 0.41
CA THR B 23 -17.97 12.87 -0.28
C THR B 23 -18.10 11.73 0.73
N MET B 24 -19.21 11.01 0.65
CA MET B 24 -19.44 9.90 1.55
C MET B 24 -19.95 8.67 0.80
N GLU B 25 -19.41 7.52 1.16
CA GLU B 25 -19.85 6.26 0.56
C GLU B 25 -19.99 5.21 1.66
N GLY B 26 -20.99 4.36 1.52
CA GLY B 26 -21.18 3.32 2.52
C GLY B 26 -22.28 2.31 2.26
N THR B 27 -22.44 1.40 3.21
CA THR B 27 -23.45 0.36 3.14
C THR B 27 -24.13 0.19 4.50
N ILE B 28 -25.44 0.34 4.52
CA ILE B 28 -26.22 0.17 5.74
C ILE B 28 -27.20 -0.99 5.60
N ASN B 29 -27.02 -2.01 6.42
CA ASN B 29 -27.83 -3.22 6.34
C ASN B 29 -27.90 -3.80 4.93
N GLY B 30 -26.80 -3.66 4.19
CA GLY B 30 -26.72 -4.21 2.84
C GLY B 30 -27.06 -3.23 1.73
N HIS B 31 -27.56 -2.05 2.09
CA HIS B 31 -27.92 -1.07 1.08
CA HIS B 31 -27.93 -1.04 1.10
C HIS B 31 -26.78 -0.09 0.81
N HIS B 32 -26.25 -0.13 -0.41
CA HIS B 32 -25.19 0.78 -0.83
CA HIS B 32 -25.19 0.79 -0.79
C HIS B 32 -25.74 2.18 -1.09
N PHE B 33 -24.93 3.18 -0.78
CA PHE B 33 -25.31 4.56 -1.04
C PHE B 33 -24.09 5.48 -1.17
N LYS B 34 -24.28 6.58 -1.88
CA LYS B 34 -23.29 7.64 -1.93
C LYS B 34 -23.99 8.97 -1.72
N CYS B 35 -23.27 9.92 -1.13
CA CYS B 35 -23.81 11.28 -1.00
C CYS B 35 -22.69 12.31 -1.06
N VAL B 36 -23.03 13.48 -1.58
CA VAL B 36 -22.06 14.57 -1.72
C VAL B 36 -22.56 15.80 -0.99
N GLY B 37 -21.68 16.45 -0.24
CA GLY B 37 -22.06 17.61 0.53
C GLY B 37 -21.25 18.84 0.21
N GLU B 38 -21.91 19.99 0.23
CA GLU B 38 -21.23 21.27 0.12
C GLU B 38 -21.83 22.24 1.14
N GLY B 39 -20.98 23.00 1.80
CA GLY B 39 -21.45 23.91 2.82
C GLY B 39 -20.40 24.93 3.25
N GLU B 40 -20.73 25.67 4.30
CA GLU B 40 -19.82 26.67 4.84
C GLU B 40 -20.08 26.87 6.32
N GLY B 41 -19.18 27.56 7.00
CA GLY B 41 -19.34 27.83 8.41
C GLY B 41 -18.26 28.71 8.97
N LYS B 42 -18.38 29.03 10.25
CA LYS B 42 -17.38 29.82 10.95
C LYS B 42 -16.67 28.94 11.98
N PRO B 43 -15.47 28.47 11.64
CA PRO B 43 -14.68 27.52 12.44
C PRO B 43 -14.50 27.95 13.89
N PHE B 44 -14.29 29.24 14.13
CA PHE B 44 -14.00 29.71 15.47
C PHE B 44 -15.27 30.04 16.25
N GLU B 45 -16.36 30.28 15.54
CA GLU B 45 -17.64 30.52 16.20
C GLU B 45 -18.36 29.20 16.44
N GLY B 46 -17.78 28.12 15.90
CA GLY B 46 -18.29 26.78 16.13
C GLY B 46 -19.62 26.49 15.45
N THR B 47 -19.85 27.12 14.31
CA THR B 47 -21.09 26.94 13.57
C THR B 47 -20.83 26.56 12.12
N GLN B 48 -21.74 25.77 11.55
CA GLN B 48 -21.61 25.33 10.17
C GLN B 48 -22.96 24.86 9.63
N VAL B 49 -23.10 24.92 8.31
CA VAL B 49 -24.28 24.42 7.62
C VAL B 49 -23.85 23.73 6.33
N GLU B 50 -24.50 22.62 6.02
CA GLU B 50 -24.12 21.84 4.84
C GLU B 50 -25.33 21.30 4.10
N LYS B 51 -25.26 21.32 2.77
CA LYS B 51 -26.31 20.74 1.95
C LYS B 51 -25.84 19.39 1.40
N ILE B 52 -26.56 18.34 1.75
CA ILE B 52 -26.16 16.98 1.38
C ILE B 52 -27.11 16.39 0.34
N ARG B 53 -26.56 15.95 -0.78
CA ARG B 53 -27.33 15.27 -1.81
C ARG B 53 -26.99 13.78 -1.87
N ILE B 54 -28.00 12.92 -1.74
CA ILE B 54 -27.78 11.50 -1.96
C ILE B 54 -27.66 11.25 -3.46
N THR B 55 -26.47 10.89 -3.90
CA THR B 55 -26.19 10.75 -5.33
C THR B 55 -26.40 9.32 -5.83
N GLU B 56 -26.42 8.37 -4.92
CA GLU B 56 -26.64 6.97 -5.28
C GLU B 56 -27.31 6.22 -4.13
N GLY B 57 -28.19 5.29 -4.47
CA GLY B 57 -28.88 4.49 -3.47
C GLY B 57 -30.09 5.19 -2.89
N GLY B 58 -30.45 6.33 -3.47
CA GLY B 58 -31.62 7.07 -3.03
C GLY B 58 -32.89 6.57 -3.72
N PRO B 59 -34.04 6.67 -3.04
CA PRO B 59 -34.19 7.19 -1.67
C PRO B 59 -33.70 6.20 -0.62
N LEU B 60 -33.00 6.71 0.40
CA LEU B 60 -32.47 5.87 1.46
C LEU B 60 -33.56 5.06 2.14
N PRO B 61 -33.32 3.76 2.34
CA PRO B 61 -34.25 2.87 3.03
C PRO B 61 -34.14 2.97 4.55
N PHE B 62 -33.26 3.85 5.01
CA PHE B 62 -33.07 4.08 6.43
C PHE B 62 -33.16 5.57 6.75
N ALA B 63 -33.26 5.89 8.03
CA ALA B 63 -33.36 7.27 8.47
C ALA B 63 -32.05 8.01 8.21
N TYR B 64 -32.13 9.19 7.61
CA TYR B 64 -30.94 9.99 7.33
C TYR B 64 -30.22 10.40 8.60
N ASP B 65 -30.97 10.56 9.67
CA ASP B 65 -30.44 11.04 10.94
C ASP B 65 -29.19 10.31 11.35
N ILE B 66 -29.03 9.06 10.96
CA ILE B 66 -27.87 8.30 11.39
C ILE B 66 -26.65 8.65 10.57
N LEU B 67 -26.85 9.40 9.49
CA LEU B 67 -25.71 9.87 8.71
C LEU B 67 -25.21 11.22 9.23
N ALA B 68 -26.10 12.02 9.82
CA ALA B 68 -25.76 13.39 10.22
C ALA B 68 -24.49 13.50 11.06
N PRO B 69 -24.31 12.63 12.07
CA PRO B 69 -23.05 12.81 12.80
C PRO B 69 -21.84 12.18 12.10
N CYS B 70 -22.04 11.70 10.87
CA CYS B 70 -20.93 11.18 10.08
C CYS B 70 -20.33 12.27 9.18
N CYS B 71 -21.16 13.18 8.68
CA CYS B 71 -21.16 14.37 7.85
CA CYS B 71 -21.16 14.35 7.82
C CYS B 71 -20.63 15.46 8.67
C CYS B 71 -20.53 15.52 8.46
N1 CH6 B 72 -20.92 15.41 10.02
CE CH6 B 72 -23.10 20.24 8.81
SD CH6 B 72 -23.04 19.42 10.36
CG1 CH6 B 72 -21.70 18.34 9.98
CB1 CH6 B 72 -21.57 17.41 11.16
CA1 CH6 B 72 -20.45 16.43 10.89
C1 CH6 B 72 -20.09 15.89 12.22
N2 CH6 B 72 -20.74 16.30 13.33
OH CH6 B 72 -19.52 11.97 19.64
CD2 CH6 B 72 -19.10 14.81 17.40
CE2 CH6 B 72 -18.82 13.85 18.36
CZ CH6 B 72 -19.81 12.93 18.68
CE1 CH6 B 72 -21.07 12.98 18.08
CD1 CH6 B 72 -21.34 13.95 17.11
CG2 CH6 B 72 -20.36 14.87 16.79
CB2 CH6 B 72 -20.66 15.88 15.77
CA2 CH6 B 72 -20.23 15.67 14.39
C2 CH6 B 72 -19.12 14.82 13.86
O2 CH6 B 72 -18.35 14.05 14.52
N3 CH6 B 72 -19.12 15.01 12.54
CA3 CH6 B 72 -18.18 14.36 11.62
C3 CH6 B 72 -17.20 15.40 11.10
O3 CH6 B 72 -16.36 15.17 10.23
N1 NRQ B 72 -20.03 15.52 9.73
CE NRQ B 72 -23.10 20.24 8.81
SD NRQ B 72 -23.04 19.42 10.36
CG1 NRQ B 72 -21.70 18.34 9.98
CB1 NRQ B 72 -21.92 16.88 10.46
CA1 NRQ B 72 -20.70 16.01 10.69
C1 NRQ B 72 -20.25 15.73 12.11
N2 NRQ B 72 -20.87 16.18 13.24
OH NRQ B 72 -19.52 11.97 19.64
CD2 NRQ B 72 -19.10 14.81 17.40
CE2 NRQ B 72 -18.82 13.85 18.36
CZ NRQ B 72 -19.81 12.93 18.68
CE1 NRQ B 72 -21.07 12.98 18.08
CD1 NRQ B 72 -21.34 13.95 17.11
CG2 NRQ B 72 -20.36 14.87 16.79
CB2 NRQ B 72 -20.51 15.96 15.78
CA2 NRQ B 72 -20.23 15.71 14.33
C2 NRQ B 72 -19.07 14.97 13.81
O2 NRQ B 72 -18.17 14.37 14.49
N3 NRQ B 72 -19.19 14.99 12.48
CA3 NRQ B 72 -18.18 14.36 11.62
C3 NRQ B 72 -17.20 15.40 11.10
O3 NRQ B 72 -16.36 15.17 10.23
N SER B 73 -17.35 16.61 11.62
CA SER B 73 -16.78 17.82 11.01
C SER B 73 -16.10 18.66 12.09
N LYS B 74 -14.96 18.18 12.56
CA LYS B 74 -14.41 18.62 13.82
C LYS B 74 -13.69 19.97 13.79
N THR B 75 -13.55 20.58 12.61
CA THR B 75 -12.82 21.81 12.50
C THR B 75 -13.68 23.00 12.85
N PHE B 76 -14.98 22.79 12.97
CA PHE B 76 -15.90 23.88 13.26
C PHE B 76 -16.35 23.85 14.72
N ILE B 77 -15.38 23.78 15.62
CA ILE B 77 -15.68 23.74 17.05
C ILE B 77 -15.08 24.94 17.78
N LYS B 78 -15.92 25.69 18.48
CA LYS B 78 -15.46 26.82 19.28
C LYS B 78 -14.79 26.35 20.56
N HIS B 79 -13.51 26.66 20.72
CA HIS B 79 -12.76 26.23 21.89
C HIS B 79 -12.63 27.35 22.91
N VAL B 80 -13.11 27.11 24.12
CA VAL B 80 -13.04 28.10 25.18
C VAL B 80 -12.06 27.66 26.26
N SER B 81 -11.78 28.55 27.20
CA SER B 81 -10.93 28.27 28.36
C SER B 81 -9.51 27.83 27.99
N GLY B 82 -9.04 28.25 26.83
CA GLY B 82 -7.68 27.97 26.42
C GLY B 82 -7.41 26.52 26.03
N ILE B 83 -8.47 25.76 25.80
CA ILE B 83 -8.33 24.38 25.36
C ILE B 83 -7.79 24.32 23.93
N PRO B 84 -6.63 23.68 23.76
CA PRO B 84 -6.01 23.56 22.42
C PRO B 84 -6.91 22.88 21.42
N ASP B 85 -6.96 23.40 20.21
CA ASP B 85 -7.77 22.82 19.15
C ASP B 85 -6.96 21.79 18.37
N TYR B 86 -7.14 20.53 18.74
CA TYR B 86 -6.43 19.40 18.15
C TYR B 86 -6.66 19.31 16.64
N PHE B 87 -7.78 19.87 16.19
CA PHE B 87 -8.20 19.75 14.79
C PHE B 87 -7.73 20.93 13.95
N LYS B 88 -7.98 22.15 14.42
CA LYS B 88 -7.53 23.35 13.72
C LYS B 88 -6.01 23.42 13.63
N GLU B 89 -5.34 22.97 14.68
CA GLU B 89 -3.89 23.06 14.75
C GLU B 89 -3.20 21.90 14.02
N SER B 90 -3.99 21.00 13.45
CA SER B 90 -3.44 19.84 12.76
C SER B 90 -3.01 20.17 11.33
N PHE B 91 -3.47 21.32 10.82
CA PHE B 91 -3.20 21.71 9.45
C PHE B 91 -1.83 22.36 9.30
N PRO B 92 -1.24 22.27 8.08
CA PRO B 92 -1.78 21.78 6.81
C PRO B 92 -1.90 20.26 6.70
N GLU B 93 -1.29 19.53 7.64
CA GLU B 93 -1.29 18.07 7.57
C GLU B 93 -2.70 17.49 7.64
N GLY B 94 -3.54 18.07 8.48
CA GLY B 94 -4.90 17.60 8.65
C GLY B 94 -4.98 16.39 9.57
N PHE B 95 -6.06 15.64 9.47
CA PHE B 95 -6.29 14.52 10.38
C PHE B 95 -7.29 13.50 9.84
N THR B 96 -7.25 12.30 10.43
CA THR B 96 -8.27 11.29 10.20
C THR B 96 -8.96 10.99 11.51
N TRP B 97 -10.12 10.32 11.44
CA TRP B 97 -10.66 9.70 12.64
C TRP B 97 -11.45 8.45 12.31
N GLU B 98 -11.57 7.59 13.31
CA GLU B 98 -12.26 6.32 13.21
C GLU B 98 -13.27 6.22 14.33
N ARG B 99 -14.44 5.65 14.06
CA ARG B 99 -15.50 5.65 15.05
C ARG B 99 -16.42 4.44 14.93
N THR B 100 -16.79 3.87 16.07
CA THR B 100 -17.81 2.83 16.12
C THR B 100 -18.98 3.31 17.00
N GLN B 101 -20.18 3.31 16.41
CA GLN B 101 -21.37 3.77 17.13
C GLN B 101 -22.33 2.61 17.37
N ILE B 102 -22.47 2.21 18.63
CA ILE B 102 -23.34 1.10 19.00
C ILE B 102 -24.68 1.59 19.52
N PHE B 103 -25.76 1.23 18.83
CA PHE B 103 -27.11 1.57 19.26
C PHE B 103 -27.62 0.53 20.24
N GLU B 104 -28.50 0.94 21.15
CA GLU B 104 -28.95 0.05 22.23
C GLU B 104 -29.81 -1.11 21.73
N ASP B 105 -30.33 -1.00 20.51
CA ASP B 105 -31.20 -2.06 19.99
C ASP B 105 -30.47 -3.03 19.06
N GLY B 106 -29.14 -2.89 18.97
CA GLY B 106 -28.34 -3.84 18.22
C GLY B 106 -27.65 -3.29 16.99
N GLY B 107 -28.19 -2.21 16.44
CA GLY B 107 -27.60 -1.57 15.28
C GLY B 107 -26.22 -1.02 15.60
N SER B 108 -25.35 -0.97 14.58
CA SER B 108 -24.02 -0.45 14.78
C SER B 108 -23.47 0.23 13.53
N LEU B 109 -22.67 1.27 13.75
CA LEU B 109 -22.04 2.01 12.67
C LEU B 109 -20.53 2.08 12.90
N THR B 110 -19.76 1.84 11.86
CA THR B 110 -18.33 2.10 11.94
C THR B 110 -17.91 3.00 10.79
N ILE B 111 -17.19 4.06 11.12
CA ILE B 111 -16.87 5.11 10.17
C ILE B 111 -15.38 5.40 10.09
N HIS B 112 -14.87 5.58 8.88
CA HIS B 112 -13.54 6.17 8.70
C HIS B 112 -13.68 7.48 7.95
N GLN B 113 -12.97 8.50 8.42
CA GLN B 113 -13.08 9.82 7.83
C GLN B 113 -11.70 10.43 7.59
N ASP B 114 -11.56 11.12 6.47
CA ASP B 114 -10.33 11.85 6.16
C ASP B 114 -10.64 13.34 6.05
N THR B 115 -9.86 14.15 6.76
CA THR B 115 -10.04 15.60 6.71
C THR B 115 -8.77 16.31 6.28
N SER B 116 -8.85 17.00 5.15
CA SER B 116 -7.70 17.76 4.63
C SER B 116 -8.12 19.20 4.32
N LEU B 117 -7.14 20.03 4.02
CA LEU B 117 -7.40 21.44 3.73
C LEU B 117 -6.88 21.86 2.37
N GLN B 118 -7.79 22.32 1.51
CA GLN B 118 -7.44 22.84 0.20
C GLN B 118 -7.86 24.31 0.08
N GLY B 119 -6.91 25.21 0.28
CA GLY B 119 -7.18 26.63 0.21
C GLY B 119 -8.20 27.07 1.25
N ASN B 120 -9.41 27.35 0.79
CA ASN B 120 -10.48 27.82 1.66
C ASN B 120 -11.48 26.71 1.97
N ASN B 121 -11.20 25.51 1.46
CA ASN B 121 -12.12 24.39 1.61
C ASN B 121 -11.60 23.26 2.48
N PHE B 122 -12.39 22.86 3.46
CA PHE B 122 -12.14 21.61 4.18
C PHE B 122 -12.66 20.46 3.32
N ILE B 123 -11.81 19.46 3.09
CA ILE B 123 -12.22 18.30 2.30
C ILE B 123 -12.52 17.11 3.20
N PHE B 124 -13.75 16.61 3.12
CA PHE B 124 -14.15 15.47 3.93
C PHE B 124 -14.38 14.23 3.06
N LYS B 125 -13.66 13.16 3.37
CA LYS B 125 -13.88 11.87 2.71
C LYS B 125 -14.35 10.87 3.77
N VAL B 126 -15.54 10.30 3.57
CA VAL B 126 -16.14 9.46 4.60
C VAL B 126 -16.54 8.07 4.09
N ASN B 127 -16.16 7.05 4.85
CA ASN B 127 -16.59 5.68 4.57
C ASN B 127 -17.38 5.11 5.75
N VAL B 128 -18.56 4.56 5.47
CA VAL B 128 -19.46 4.12 6.52
C VAL B 128 -19.97 2.69 6.30
N ILE B 129 -19.90 1.86 7.32
CA ILE B 129 -20.56 0.56 7.26
C ILE B 129 -21.48 0.37 8.46
N GLY B 130 -22.74 0.06 8.19
CA GLY B 130 -23.73 -0.15 9.23
C GLY B 130 -24.25 -1.58 9.22
N ALA B 131 -24.40 -2.17 10.41
CA ALA B 131 -24.84 -3.55 10.51
C ALA B 131 -25.91 -3.74 11.59
N ASN B 132 -26.80 -4.70 11.33
CA ASN B 132 -27.70 -5.25 12.34
C ASN B 132 -28.74 -4.28 12.89
N PHE B 133 -29.07 -3.24 12.12
CA PHE B 133 -30.18 -2.38 12.48
C PHE B 133 -31.48 -3.18 12.36
N PRO B 134 -32.23 -3.31 13.46
CA PRO B 134 -33.47 -4.09 13.51
C PRO B 134 -34.45 -3.70 12.40
N ALA B 135 -35.03 -4.69 11.74
CA ALA B 135 -35.91 -4.47 10.60
C ALA B 135 -37.08 -3.56 10.95
N ASN B 136 -37.61 -3.71 12.16
CA ASN B 136 -38.74 -2.91 12.60
C ASN B 136 -38.35 -1.83 13.60
N GLY B 137 -37.06 -1.52 13.65
CA GLY B 137 -36.57 -0.47 14.52
C GLY B 137 -36.81 0.90 13.91
N PRO B 138 -36.67 1.96 14.74
CA PRO B 138 -36.91 3.34 14.29
C PRO B 138 -36.06 3.75 13.10
N VAL B 139 -34.83 3.25 13.03
CA VAL B 139 -33.90 3.61 11.97
C VAL B 139 -34.34 3.08 10.61
N MET B 140 -34.66 1.79 10.54
CA MET B 140 -35.05 1.18 9.28
C MET B 140 -36.49 1.51 8.90
N GLN B 141 -37.29 1.90 9.88
CA GLN B 141 -38.68 2.26 9.63
C GLN B 141 -38.87 3.76 9.50
N LYS B 142 -37.76 4.51 9.61
CA LYS B 142 -37.78 5.97 9.53
C LYS B 142 -38.74 6.60 10.52
N LYS B 143 -38.59 6.27 11.80
CA LYS B 143 -39.46 6.80 12.84
C LYS B 143 -38.68 7.73 13.77
N THR B 144 -37.63 8.34 13.24
CA THR B 144 -36.79 9.23 14.02
C THR B 144 -37.16 10.69 13.75
N ALA B 145 -36.77 11.58 14.67
CA ALA B 145 -37.10 12.99 14.53
C ALA B 145 -35.95 13.88 15.02
N GLY B 146 -34.74 13.56 14.57
CA GLY B 146 -33.58 14.38 14.89
C GLY B 146 -32.86 13.95 16.16
N TRP B 147 -31.76 14.64 16.46
CA TRP B 147 -30.93 14.31 17.61
C TRP B 147 -31.11 15.28 18.76
N GLU B 148 -30.99 14.77 19.97
CA GLU B 148 -30.81 15.61 21.14
C GLU B 148 -29.38 16.14 21.08
N PRO B 149 -29.11 17.26 21.77
CA PRO B 149 -27.71 17.70 21.87
C PRO B 149 -26.86 16.66 22.59
N SER B 150 -25.60 16.55 22.21
CA SER B 150 -24.74 15.50 22.75
C SER B 150 -23.50 16.06 23.44
N VAL B 151 -22.98 15.33 24.42
CA VAL B 151 -21.73 15.69 25.07
C VAL B 151 -20.70 14.60 24.86
N GLU B 152 -19.60 14.95 24.20
CA GLU B 152 -18.48 14.05 24.00
C GLU B 152 -17.41 14.33 25.04
N ILE B 153 -16.78 13.30 25.58
CA ILE B 153 -15.62 13.50 26.43
C ILE B 153 -14.37 13.25 25.60
N LEU B 154 -13.44 14.21 25.66
CA LEU B 154 -12.22 14.14 24.88
C LEU B 154 -11.01 13.99 25.80
N TYR B 155 -10.19 12.99 25.54
CA TYR B 155 -9.03 12.72 26.38
C TYR B 155 -7.89 12.11 25.58
N PRO B 156 -6.65 12.47 25.94
CA PRO B 156 -5.46 11.93 25.26
C PRO B 156 -5.20 10.47 25.62
N ARG B 157 -4.73 9.70 24.65
CA ARG B 157 -4.33 8.32 24.87
C ARG B 157 -3.37 7.84 23.79
N ASP B 158 -2.17 7.45 24.23
CA ASP B 158 -1.14 6.90 23.35
C ASP B 158 -0.78 7.84 22.20
N GLY B 159 -0.67 9.13 22.48
CA GLY B 159 -0.21 10.09 21.50
C GLY B 159 -1.28 10.71 20.62
N VAL B 160 -2.51 10.23 20.73
CA VAL B 160 -3.61 10.77 19.95
C VAL B 160 -4.81 11.11 20.83
N LEU B 161 -5.84 11.70 20.23
CA LEU B 161 -7.02 12.12 20.97
C LEU B 161 -8.17 11.13 20.82
N CYS B 162 -8.69 10.66 21.95
CA CYS B 162 -9.83 9.76 21.95
C CYS B 162 -11.09 10.50 22.38
N GLY B 163 -12.24 10.02 21.89
CA GLY B 163 -13.52 10.61 22.25
C GLY B 163 -14.59 9.55 22.47
N GLN B 164 -15.41 9.77 23.49
CA GLN B 164 -16.59 8.94 23.72
C GLN B 164 -17.80 9.83 23.96
N ALA B 165 -18.96 9.37 23.50
CA ALA B 165 -20.18 10.15 23.65
C ALA B 165 -21.42 9.28 23.65
N LEU B 166 -22.44 9.74 24.36
CA LEU B 166 -23.76 9.15 24.29
C LEU B 166 -24.62 10.04 23.40
N MET B 167 -25.29 9.43 22.44
CA MET B 167 -26.21 10.18 21.59
C MET B 167 -27.63 9.66 21.77
N ALA B 168 -28.58 10.58 21.78
CA ALA B 168 -29.99 10.23 21.96
C ALA B 168 -30.80 10.64 20.74
N LEU B 169 -31.27 9.63 20.01
CA LEU B 169 -32.08 9.85 18.81
C LEU B 169 -33.55 9.91 19.17
N LYS B 170 -34.20 11.01 18.83
CA LYS B 170 -35.62 11.18 19.13
C LYS B 170 -36.47 10.34 18.20
N CYS B 171 -37.44 9.63 18.77
CA CYS B 171 -38.35 8.81 17.99
C CYS B 171 -39.71 9.49 17.88
N THR B 172 -40.50 9.08 16.90
CA THR B 172 -41.79 9.72 16.62
C THR B 172 -42.83 9.41 17.70
N ASP B 173 -42.61 8.35 18.49
CA ASP B 173 -43.56 7.99 19.54
C ASP B 173 -43.25 8.72 20.85
N GLY B 174 -42.15 9.47 20.86
CA GLY B 174 -41.77 10.23 22.03
C GLY B 174 -40.59 9.64 22.79
N ASP B 175 -40.24 8.41 22.43
CA ASP B 175 -39.14 7.71 23.08
C ASP B 175 -37.80 8.18 22.52
N HIS B 176 -36.72 7.76 23.16
CA HIS B 176 -35.37 8.01 22.65
C HIS B 176 -34.68 6.69 22.35
N LEU B 177 -33.90 6.67 21.28
CA LEU B 177 -33.05 5.53 20.96
C LEU B 177 -31.59 5.93 21.16
N THR B 178 -30.97 5.42 22.22
CA THR B 178 -29.63 5.85 22.59
C THR B 178 -28.55 5.03 21.92
N SER B 179 -27.36 5.61 21.85
CA SER B 179 -26.20 4.94 21.26
C SER B 179 -24.91 5.37 21.95
N HIS B 180 -23.90 4.51 21.86
CA HIS B 180 -22.60 4.81 22.45
C HIS B 180 -21.53 4.92 21.37
N LEU B 181 -20.80 6.04 21.37
CA LEU B 181 -19.79 6.30 20.37
C LEU B 181 -18.39 6.20 20.96
N ARG B 182 -17.49 5.53 20.24
CA ARG B 182 -16.08 5.53 20.59
C ARG B 182 -15.25 5.94 19.38
N THR B 183 -14.51 7.03 19.52
CA THR B 183 -13.80 7.62 18.40
C THR B 183 -12.33 7.85 18.72
N THR B 184 -11.46 7.58 17.74
CA THR B 184 -10.06 7.95 17.86
C THR B 184 -9.70 8.99 16.80
N TYR B 185 -9.29 10.17 17.26
CA TYR B 185 -8.88 11.24 16.36
C TYR B 185 -7.37 11.21 16.17
N ARG B 186 -6.93 11.19 14.91
CA ARG B 186 -5.52 11.04 14.60
C ARG B 186 -4.97 12.22 13.78
N SER B 187 -4.29 13.14 14.47
CA SER B 187 -3.63 14.25 13.78
C SER B 187 -2.43 13.75 12.99
N ARG B 188 -2.23 14.31 11.81
CA ARG B 188 -1.11 13.92 10.95
C ARG B 188 0.14 14.72 11.25
N LYS B 189 0.05 15.64 12.20
CA LYS B 189 1.21 16.41 12.60
C LYS B 189 2.21 15.51 13.31
N PRO B 190 3.50 15.82 13.16
CA PRO B 190 4.55 15.13 13.92
C PRO B 190 4.27 15.20 15.41
N SER B 191 4.44 14.09 16.11
CA SER B 191 4.12 14.02 17.53
C SER B 191 4.84 15.11 18.32
N ASN B 192 6.02 15.50 17.84
CA ASN B 192 6.78 16.61 18.41
C ASN B 192 6.03 17.93 18.34
N ALA B 193 5.21 18.08 17.31
CA ALA B 193 4.54 19.36 17.05
C ALA B 193 3.09 19.37 17.51
N VAL B 194 2.60 18.23 17.99
CA VAL B 194 1.24 18.15 18.48
C VAL B 194 1.09 18.86 19.82
N ASN B 195 0.05 19.69 19.93
CA ASN B 195 -0.26 20.37 21.18
C ASN B 195 -1.49 19.73 21.80
N MET B 196 -1.28 18.66 22.56
CA MET B 196 -2.36 17.82 23.08
C MET B 196 -3.14 18.51 24.20
N PRO B 197 -4.46 18.61 24.03
CA PRO B 197 -5.34 19.14 25.09
C PRO B 197 -5.46 18.16 26.24
N GLU B 198 -5.96 18.64 27.39
CA GLU B 198 -6.26 17.77 28.50
C GLU B 198 -7.72 17.35 28.41
N PHE B 199 -8.17 16.54 29.37
CA PHE B 199 -9.55 16.05 29.37
C PHE B 199 -10.54 17.21 29.30
N HIS B 200 -11.52 17.11 28.41
CA HIS B 200 -12.55 18.13 28.30
C HIS B 200 -13.80 17.60 27.60
N PHE B 201 -14.79 18.48 27.43
CA PHE B 201 -16.08 18.11 26.85
C PHE B 201 -16.34 18.81 25.51
N GLY B 202 -17.08 18.14 24.65
CA GLY B 202 -17.52 18.73 23.40
C GLY B 202 -19.02 18.72 23.29
N ASP B 203 -19.63 19.89 23.36
CA ASP B 203 -21.09 20.02 23.18
C ASP B 203 -21.43 20.11 21.70
N HIS B 204 -22.23 19.16 21.21
CA HIS B 204 -22.65 19.17 19.82
C HIS B 204 -24.16 19.19 19.68
N ARG B 205 -24.67 20.12 18.86
CA ARG B 205 -26.10 20.19 18.58
C ARG B 205 -26.34 20.13 17.07
N ILE B 206 -27.05 19.10 16.64
CA ILE B 206 -27.33 18.89 15.22
C ILE B 206 -28.79 19.14 14.89
N GLU B 207 -29.04 19.93 13.85
CA GLU B 207 -30.40 20.20 13.40
C GLU B 207 -30.52 20.01 11.90
N ILE B 208 -31.39 19.09 11.49
CA ILE B 208 -31.68 18.90 10.07
C ILE B 208 -32.76 19.90 9.68
N LEU B 209 -32.35 20.93 8.95
CA LEU B 209 -33.25 22.05 8.61
C LEU B 209 -34.21 21.66 7.50
N LYS B 210 -33.78 20.87 6.56
CA LYS B 210 -34.64 20.58 5.46
C LYS B 210 -34.53 19.14 5.18
N ALA B 211 -35.61 18.58 4.69
CA ALA B 211 -35.56 17.35 3.96
C ALA B 211 -36.33 17.61 2.70
N GLU B 212 -35.78 17.26 1.56
CA GLU B 212 -36.52 17.44 0.34
C GLU B 212 -36.34 16.30 -0.68
N GLN B 213 -37.37 15.47 -0.82
CA GLN B 213 -37.38 14.40 -1.79
C GLN B 213 -36.51 13.26 -1.33
N GLY B 214 -36.39 13.09 -0.02
CA GLY B 214 -35.56 12.01 0.50
C GLY B 214 -34.20 11.98 -0.15
N LYS B 215 -33.89 13.02 -0.90
CA LYS B 215 -32.60 13.07 -1.56
C LYS B 215 -31.76 14.30 -1.29
N PHE B 216 -32.38 15.32 -0.70
CA PHE B 216 -31.68 16.53 -0.36
C PHE B 216 -31.92 16.92 1.08
N TYR B 217 -30.84 17.09 1.82
CA TYR B 217 -30.89 17.42 3.24
C TYR B 217 -30.02 18.63 3.58
N GLU B 218 -30.57 19.55 4.37
CA GLU B 218 -29.79 20.68 4.87
C GLU B 218 -29.52 20.48 6.36
N GLN B 219 -28.25 20.59 6.74
CA GLN B 219 -27.82 20.19 8.07
C GLN B 219 -26.99 21.26 8.79
N TYR B 220 -27.40 21.64 9.97
CA TYR B 220 -26.71 22.67 10.71
C TYR B 220 -26.17 22.11 11.98
N GLU B 221 -25.01 22.59 12.40
CA GLU B 221 -24.45 22.17 13.65
C GLU B 221 -23.77 23.31 14.34
N SER B 222 -23.82 23.33 15.66
CA SER B 222 -22.98 24.20 16.45
C SER B 222 -22.29 23.37 17.46
N ALA B 223 -21.08 23.73 17.80
CA ALA B 223 -20.25 22.93 18.69
C ALA B 223 -19.32 23.77 19.55
N VAL B 224 -19.14 23.34 20.79
CA VAL B 224 -18.27 24.02 21.74
C VAL B 224 -17.40 23.01 22.49
N ALA B 225 -16.10 23.30 22.59
CA ALA B 225 -15.20 22.51 23.42
C ALA B 225 -14.92 23.25 24.73
N ARG B 226 -15.25 22.61 25.85
CA ARG B 226 -15.21 23.27 27.15
C ARG B 226 -14.88 22.34 28.28
N TYR B 227 -14.63 22.91 29.46
CA TYR B 227 -14.54 22.13 30.69
C TYR B 227 -15.91 22.11 31.34
N CYS B 228 -16.05 21.37 32.44
CA CYS B 228 -17.31 21.34 33.17
C CYS B 228 -17.53 22.66 33.90
N GLU B 229 -18.57 23.38 33.51
CA GLU B 229 -18.79 24.74 34.02
C GLU B 229 -19.93 24.81 35.05
N ALA B 230 -20.89 23.91 34.95
CA ALA B 230 -22.06 23.94 35.81
C ALA B 230 -21.73 23.55 37.26
N ALA B 231 -20.80 22.61 37.42
CA ALA B 231 -20.34 22.19 38.74
C ALA B 231 -18.83 22.38 38.86
N PRO B 232 -18.41 23.52 39.43
CA PRO B 232 -17.00 23.94 39.51
C PRO B 232 -16.15 23.20 40.54
N SER B 233 -14.84 23.21 40.31
CA SER B 233 -13.88 22.61 41.21
C SER B 233 -12.84 23.59 41.71
N LYS B 234 -12.38 23.36 42.93
CA LYS B 234 -11.55 24.25 43.71
C LYS B 234 -10.23 24.56 43.05
N LEU B 235 -9.67 23.60 42.36
CA LEU B 235 -8.54 23.88 41.53
C LEU B 235 -8.98 23.63 40.11
N GLY B 236 -8.69 24.55 39.22
CA GLY B 236 -9.08 24.37 37.84
C GLY B 236 -8.36 23.13 37.37
N HIS B 237 -9.05 22.26 36.63
CA HIS B 237 -10.39 22.52 36.10
C HIS B 237 -11.30 21.30 36.25
N PRO C 12 21.32 11.82 16.46
CA PRO C 12 20.33 10.75 16.44
C PRO C 12 20.58 9.64 15.40
N LEU C 13 20.88 9.91 14.12
CA LEU C 13 20.89 11.22 13.48
C LEU C 13 19.65 11.39 12.61
N VAL C 14 19.10 10.27 12.18
CA VAL C 14 17.85 10.27 11.41
C VAL C 14 16.69 9.86 12.32
N THR C 15 15.72 10.74 12.48
CA THR C 15 14.59 10.48 13.36
C THR C 15 13.29 10.17 12.61
N GLU C 16 12.20 10.02 13.36
CA GLU C 16 10.92 9.61 12.80
C GLU C 16 10.29 10.67 11.89
N ASP C 17 10.45 11.95 12.27
CA ASP C 17 9.90 13.04 11.49
C ASP C 17 10.97 14.07 11.14
N MET C 18 11.20 14.27 9.85
CA MET C 18 12.24 15.19 9.41
C MET C 18 11.76 16.06 8.25
N CYS C 19 12.43 17.18 8.04
CA CYS C 19 12.01 18.14 7.03
C CYS C 19 12.97 18.22 5.85
N ILE C 20 12.51 18.85 4.77
CA ILE C 20 13.27 18.92 3.53
C ILE C 20 13.48 20.34 3.04
N LYS C 21 14.73 20.71 2.81
CA LYS C 21 15.05 21.98 2.16
C LYS C 21 15.75 21.71 0.84
N MET C 22 15.12 22.10 -0.25
CA MET C 22 15.72 21.88 -1.57
C MET C 22 15.91 23.16 -2.35
N THR C 23 17.06 23.26 -3.01
CA THR C 23 17.29 24.30 -4.01
C THR C 23 17.72 23.62 -5.30
N MET C 24 17.02 23.92 -6.38
CA MET C 24 17.33 23.31 -7.68
C MET C 24 17.60 24.39 -8.72
N GLU C 25 18.60 24.14 -9.56
CA GLU C 25 18.94 25.05 -10.64
C GLU C 25 19.31 24.26 -11.88
N GLY C 26 18.96 24.78 -13.04
CA GLY C 26 19.34 24.11 -14.28
C GLY C 26 18.82 24.75 -15.54
N THR C 27 19.01 24.02 -16.64
CA THR C 27 18.56 24.47 -17.95
C THR C 27 18.12 23.26 -18.77
N ILE C 28 16.97 23.39 -19.42
CA ILE C 28 16.41 22.29 -20.19
C ILE C 28 15.99 22.80 -21.57
N ASN C 29 16.60 22.22 -22.60
CA ASN C 29 16.45 22.71 -23.98
C ASN C 29 16.72 24.21 -24.08
N GLY C 30 17.65 24.68 -23.28
CA GLY C 30 18.02 26.07 -23.32
C GLY C 30 17.30 27.02 -22.40
N HIS C 31 16.38 26.50 -21.59
CA HIS C 31 15.60 27.31 -20.69
C HIS C 31 16.20 27.33 -19.33
N HIS C 32 16.84 28.44 -19.00
CA HIS C 32 17.10 28.36 -17.53
CA HIS C 32 17.10 28.31 -17.53
C HIS C 32 15.94 28.62 -16.44
N PHE C 33 16.12 27.82 -15.37
CA PHE C 33 15.12 27.87 -14.33
C PHE C 33 15.74 27.66 -12.96
N LYS C 34 15.03 28.13 -11.94
CA LYS C 34 15.37 27.85 -10.57
C LYS C 34 14.10 27.50 -9.82
N CYS C 35 14.21 26.64 -8.82
CA CYS C 35 13.08 26.33 -7.96
C CYS C 35 13.58 25.89 -6.60
N VAL C 36 12.82 26.23 -5.57
CA VAL C 36 13.15 25.82 -4.22
C VAL C 36 11.97 25.07 -3.61
N GLY C 37 12.27 24.12 -2.72
CA GLY C 37 11.24 23.28 -2.16
C GLY C 37 11.32 23.10 -0.66
N GLU C 38 10.17 22.97 -0.04
CA GLU C 38 10.09 22.67 1.38
C GLU C 38 9.12 21.52 1.59
N GLY C 39 9.53 20.56 2.41
CA GLY C 39 8.70 19.40 2.66
C GLY C 39 9.01 18.73 3.96
N GLU C 40 8.40 17.56 4.15
CA GLU C 40 8.55 16.79 5.37
C GLU C 40 8.13 15.36 5.07
N GLY C 41 8.50 14.44 5.96
CA GLY C 41 8.11 13.05 5.78
C GLY C 41 8.57 12.18 6.91
N LYS C 42 8.36 10.89 6.76
CA LYS C 42 8.82 9.91 7.74
C LYS C 42 9.83 8.99 7.07
N PRO C 43 11.12 9.21 7.35
CA PRO C 43 12.23 8.49 6.71
C PRO C 43 12.11 6.97 6.79
N PHE C 44 11.65 6.46 7.92
CA PHE C 44 11.58 5.03 8.14
C PHE C 44 10.28 4.41 7.63
N GLU C 45 9.28 5.24 7.36
CA GLU C 45 8.04 4.75 6.79
C GLU C 45 8.07 4.92 5.29
N GLY C 46 9.13 5.55 4.81
CA GLY C 46 9.35 5.72 3.38
C GLY C 46 8.37 6.66 2.71
N THR C 47 7.90 7.67 3.43
CA THR C 47 6.94 8.60 2.88
C THR C 47 7.38 10.05 3.05
N GLN C 48 7.00 10.89 2.10
CA GLN C 48 7.38 12.29 2.10
C GLN C 48 6.48 13.10 1.18
N VAL C 49 6.34 14.39 1.51
CA VAL C 49 5.58 15.31 0.69
C VAL C 49 6.33 16.64 0.64
N GLU C 50 6.29 17.32 -0.48
CA GLU C 50 7.06 18.54 -0.60
C GLU C 50 6.41 19.55 -1.52
N LYS C 51 6.53 20.81 -1.14
CA LYS C 51 5.99 21.92 -1.93
C LYS C 51 7.12 22.59 -2.70
N ILE C 52 7.01 22.57 -4.02
CA ILE C 52 8.02 23.17 -4.87
C ILE C 52 7.48 24.40 -5.60
N ARG C 53 8.22 25.50 -5.54
CA ARG C 53 7.84 26.70 -6.27
C ARG C 53 8.92 27.10 -7.28
N ILE C 54 8.49 27.49 -8.48
CA ILE C 54 9.42 27.94 -9.51
C ILE C 54 9.78 29.41 -9.28
N THR C 55 11.02 29.66 -8.87
CA THR C 55 11.44 30.99 -8.48
C THR C 55 11.98 31.82 -9.65
N GLU C 56 12.48 31.13 -10.68
CA GLU C 56 12.98 31.82 -11.86
C GLU C 56 12.79 30.97 -13.10
N GLY C 57 12.47 31.61 -14.22
CA GLY C 57 12.24 30.91 -15.46
C GLY C 57 10.79 30.48 -15.64
N GLY C 58 9.97 30.82 -14.66
CA GLY C 58 8.55 30.53 -14.72
C GLY C 58 7.83 31.47 -15.68
N PRO C 59 6.78 30.97 -16.36
CA PRO C 59 6.32 29.59 -16.29
C PRO C 59 7.17 28.64 -17.14
N LEU C 60 7.43 27.45 -16.62
CA LEU C 60 8.23 26.45 -17.32
C LEU C 60 7.66 26.15 -18.69
N PRO C 61 8.53 26.13 -19.72
CA PRO C 61 8.11 25.77 -21.08
C PRO C 61 8.08 24.26 -21.30
N PHE C 62 8.43 23.51 -20.26
CA PHE C 62 8.42 22.05 -20.30
C PHE C 62 7.55 21.49 -19.19
N ALA C 63 7.24 20.20 -19.26
CA ALA C 63 6.43 19.54 -18.25
C ALA C 63 7.17 19.43 -16.93
N TYR C 64 6.51 19.83 -15.84
CA TYR C 64 7.14 19.78 -14.53
C TYR C 64 7.52 18.36 -14.13
N ASP C 65 6.77 17.39 -14.60
CA ASP C 65 7.00 16.00 -14.27
C ASP C 65 8.45 15.56 -14.39
N ILE C 66 9.17 16.00 -15.42
CA ILE C 66 10.54 15.55 -15.60
C ILE C 66 11.45 16.00 -14.45
N LEU C 67 11.04 17.07 -13.77
CA LEU C 67 11.76 17.54 -12.60
C LEU C 67 11.45 16.71 -11.35
N ALA C 68 10.33 16.01 -11.36
CA ALA C 68 9.84 15.35 -10.15
C ALA C 68 10.81 14.30 -9.59
N PRO C 69 11.35 13.42 -10.44
CA PRO C 69 12.28 12.48 -9.80
C PRO C 69 13.67 13.08 -9.54
N CYS C 70 13.86 14.34 -9.89
CA CYS C 70 15.10 15.03 -9.53
C CYS C 70 15.03 15.58 -8.09
N CYS C 71 13.84 15.97 -7.60
CA CYS C 71 13.44 16.51 -6.33
CA CYS C 71 13.43 16.55 -6.32
C CYS C 71 13.30 15.38 -5.41
C CYS C 71 13.35 15.53 -5.27
N1 CH6 C 72 12.98 14.16 -5.97
CE CH6 C 72 9.17 14.56 -2.26
SD CH6 C 72 9.32 13.56 -3.71
CG1 CH6 C 72 11.06 13.41 -3.94
CB1 CH6 C 72 11.34 12.66 -5.23
CA1 CH6 C 72 12.81 13.00 -5.14
C1 CH6 C 72 13.50 11.77 -5.62
N2 CH6 C 72 12.80 10.62 -5.82
OH CH6 C 72 13.78 5.63 -11.46
CD2 CH6 C 72 14.61 7.19 -8.27
CE2 CH6 C 72 14.76 6.53 -9.48
CZ CH6 C 72 13.62 6.29 -10.25
CE1 CH6 C 72 12.35 6.68 -9.81
CD1 CH6 C 72 12.20 7.35 -8.58
CG2 CH6 C 72 13.34 7.60 -7.83
CB2 CH6 C 72 13.32 8.26 -6.52
CA2 CH6 C 72 13.63 9.68 -6.27
C2 CH6 C 72 14.97 10.27 -6.25
O2 CH6 C 72 16.08 9.71 -6.59
N3 CH6 C 72 14.81 11.54 -5.89
CA3 CH6 C 72 15.94 12.48 -5.79
C3 CH6 C 72 16.24 12.68 -4.31
O3 CH6 C 72 17.06 13.46 -3.89
N1 NRQ C 72 13.77 14.23 -5.43
CE NRQ C 72 9.17 14.56 -2.26
SD NRQ C 72 9.32 13.56 -3.71
CG1 NRQ C 72 11.06 13.41 -3.94
CB1 NRQ C 72 11.44 13.51 -5.44
CA1 NRQ C 72 12.93 13.30 -5.56
C1 NRQ C 72 13.47 11.91 -5.84
N2 NRQ C 72 12.73 10.78 -6.03
OH NRQ C 72 13.78 5.63 -11.46
CD2 NRQ C 72 14.61 7.19 -8.27
CE2 NRQ C 72 14.76 6.53 -9.48
CZ NRQ C 72 13.62 6.29 -10.25
CE1 NRQ C 72 12.35 6.68 -9.81
CD1 NRQ C 72 12.20 7.35 -8.58
CG2 NRQ C 72 13.34 7.60 -7.83
CB2 NRQ C 72 13.29 8.29 -6.51
CA2 NRQ C 72 13.56 9.74 -6.31
C2 NRQ C 72 14.92 10.29 -6.18
O2 NRQ C 72 16.03 9.66 -6.35
N3 NRQ C 72 14.78 11.60 -5.97
CA3 NRQ C 72 15.94 12.48 -5.79
C3 NRQ C 72 16.24 12.68 -4.31
O3 NRQ C 72 17.06 13.46 -3.89
N SER C 73 15.51 11.91 -3.50
CA SER C 73 15.43 12.11 -2.06
C SER C 73 15.48 10.77 -1.35
N LYS C 74 16.67 10.23 -1.20
CA LYS C 74 16.85 8.82 -0.88
C LYS C 74 16.81 8.52 0.61
N THR C 75 16.57 9.52 1.44
CA THR C 75 16.57 9.34 2.86
C THR C 75 15.23 8.86 3.32
N PHE C 76 14.23 9.02 2.47
CA PHE C 76 12.88 8.65 2.85
C PHE C 76 12.47 7.34 2.17
N ILE C 77 13.26 6.30 2.42
CA ILE C 77 12.99 4.98 1.87
C ILE C 77 12.90 3.94 2.99
N LYS C 78 11.75 3.27 3.07
CA LYS C 78 11.55 2.21 4.04
C LYS C 78 12.33 0.97 3.66
N HIS C 79 13.22 0.52 4.55
CA HIS C 79 14.06 -0.64 4.28
C HIS C 79 13.59 -1.87 5.04
N VAL C 80 13.14 -2.88 4.31
CA VAL C 80 12.70 -4.14 4.92
C VAL C 80 13.75 -5.22 4.74
N SER C 81 13.49 -6.37 5.38
CA SER C 81 14.32 -7.57 5.24
C SER C 81 15.78 -7.35 5.64
N GLY C 82 16.04 -6.40 6.52
CA GLY C 82 17.38 -6.18 7.05
C GLY C 82 18.36 -5.58 6.06
N ILE C 83 17.85 -5.02 4.98
CA ILE C 83 18.71 -4.37 3.98
C ILE C 83 19.29 -3.08 4.54
N PRO C 84 20.63 -2.98 4.57
CA PRO C 84 21.31 -1.78 5.06
C PRO C 84 20.89 -0.51 4.31
N ASP C 85 20.57 0.54 5.03
CA ASP C 85 20.21 1.81 4.41
C ASP C 85 21.45 2.64 4.17
N TYR C 86 21.97 2.56 2.94
CA TYR C 86 23.17 3.26 2.49
C TYR C 86 23.08 4.77 2.74
N PHE C 87 21.87 5.32 2.66
CA PHE C 87 21.69 6.77 2.70
C PHE C 87 21.50 7.29 4.13
N LYS C 88 20.68 6.62 4.93
CA LYS C 88 20.49 7.02 6.31
C LYS C 88 21.78 6.86 7.11
N GLU C 89 22.53 5.81 6.82
CA GLU C 89 23.75 5.50 7.56
C GLU C 89 24.96 6.30 7.06
N SER C 90 24.74 7.20 6.11
CA SER C 90 25.82 7.98 5.54
C SER C 90 26.11 9.24 6.36
N PHE C 91 25.17 9.59 7.25
CA PHE C 91 25.28 10.82 8.01
C PHE C 91 26.17 10.64 9.25
N PRO C 92 26.76 11.74 9.75
CA PRO C 92 26.58 13.15 9.35
C PRO C 92 27.22 13.53 8.01
N GLU C 93 28.12 12.70 7.49
CA GLU C 93 28.82 13.01 6.26
C GLU C 93 27.87 13.26 5.09
N GLY C 94 26.80 12.48 5.01
CA GLY C 94 25.83 12.61 3.95
C GLY C 94 26.28 11.91 2.68
N PHE C 95 25.73 12.34 1.55
CA PHE C 95 26.01 11.68 0.28
C PHE C 95 25.68 12.56 -0.92
N THR C 96 26.23 12.20 -2.07
CA THR C 96 25.88 12.80 -3.34
C THR C 96 25.43 11.72 -4.30
N TRP C 97 24.73 12.10 -5.36
CA TRP C 97 24.53 11.17 -6.47
C TRP C 97 24.53 11.87 -7.82
N GLU C 98 24.70 11.06 -8.85
CA GLU C 98 24.83 11.53 -10.22
C GLU C 98 23.96 10.65 -11.10
N ARG C 99 23.21 11.25 -12.01
CA ARG C 99 22.25 10.48 -12.79
C ARG C 99 22.13 10.95 -14.22
N THR C 100 21.95 10.01 -15.14
CA THR C 100 21.58 10.32 -16.50
C THR C 100 20.29 9.58 -16.84
N GLN C 101 19.29 10.33 -17.30
CA GLN C 101 18.01 9.75 -17.69
C GLN C 101 17.81 9.89 -19.19
N ILE C 102 17.73 8.76 -19.87
CA ILE C 102 17.58 8.75 -21.32
C ILE C 102 16.17 8.40 -21.74
N PHE C 103 15.46 9.35 -22.34
CA PHE C 103 14.11 9.12 -22.84
C PHE C 103 14.17 8.45 -24.21
N GLU C 104 13.15 7.66 -24.53
CA GLU C 104 13.15 6.87 -25.76
C GLU C 104 12.97 7.73 -27.01
N ASP C 105 12.61 8.99 -26.84
CA ASP C 105 12.40 9.87 -27.99
C ASP C 105 13.56 10.84 -28.19
N GLY C 106 14.65 10.65 -27.45
CA GLY C 106 15.85 11.44 -27.65
C GLY C 106 16.18 12.38 -26.51
N GLY C 107 15.17 12.76 -25.74
CA GLY C 107 15.37 13.64 -24.60
C GLY C 107 16.29 13.01 -23.58
N SER C 108 17.12 13.84 -22.93
CA SER C 108 18.02 13.32 -21.92
C SER C 108 18.24 14.32 -20.78
N LEU C 109 18.35 13.78 -19.57
CA LEU C 109 18.59 14.57 -18.37
C LEU C 109 19.82 14.07 -17.64
N THR C 110 20.68 14.99 -17.21
CA THR C 110 21.78 14.64 -16.33
C THR C 110 21.73 15.51 -15.09
N ILE C 111 21.86 14.87 -13.93
CA ILE C 111 21.65 15.54 -12.66
C ILE C 111 22.81 15.32 -11.69
N HIS C 112 23.21 16.39 -11.01
CA HIS C 112 24.06 16.26 -9.84
C HIS C 112 23.29 16.70 -8.60
N GLN C 113 23.38 15.91 -7.55
CA GLN C 113 22.66 16.21 -6.32
C GLN C 113 23.55 16.07 -5.09
N ASP C 114 23.39 17.01 -4.17
CA ASP C 114 24.14 16.97 -2.91
C ASP C 114 23.16 16.86 -1.75
N THR C 115 23.36 15.86 -0.90
CA THR C 115 22.51 15.71 0.27
C THR C 115 23.32 15.80 1.56
N SER C 116 22.97 16.76 2.40
CA SER C 116 23.59 16.90 3.71
C SER C 116 22.52 16.95 4.78
N LEU C 117 22.93 16.87 6.05
CA LEU C 117 21.99 16.95 7.15
C LEU C 117 22.31 18.12 8.06
N GLN C 118 21.28 18.92 8.36
CA GLN C 118 21.43 20.08 9.23
C GLN C 118 20.33 20.06 10.28
N GLY C 119 20.63 19.53 11.46
CA GLY C 119 19.65 19.38 12.51
C GLY C 119 18.53 18.45 12.09
N ASN C 120 17.32 18.99 11.99
CA ASN C 120 16.15 18.20 11.62
C ASN C 120 15.85 18.30 10.12
N ASN C 121 16.68 19.01 9.39
CA ASN C 121 16.44 19.22 7.96
C ASN C 121 17.46 18.53 7.05
N PHE C 122 16.96 17.81 6.06
CA PHE C 122 17.80 17.35 4.96
C PHE C 122 17.98 18.52 4.00
N ILE C 123 19.21 18.73 3.54
CA ILE C 123 19.48 19.82 2.60
C ILE C 123 19.79 19.27 1.22
N PHE C 124 18.98 19.63 0.25
CA PHE C 124 19.15 19.13 -1.09
C PHE C 124 19.56 20.22 -2.06
N LYS C 125 20.68 20.01 -2.73
CA LYS C 125 21.15 20.93 -3.76
C LYS C 125 21.17 20.20 -5.10
N VAL C 126 20.42 20.70 -6.07
CA VAL C 126 20.28 19.99 -7.33
C VAL C 126 20.69 20.82 -8.55
N ASN C 127 21.53 20.23 -9.39
CA ASN C 127 21.88 20.81 -10.68
C ASN C 127 21.40 19.89 -11.81
N VAL C 128 20.68 20.45 -12.77
CA VAL C 128 20.05 19.66 -13.82
C VAL C 128 20.29 20.24 -15.22
N ILE C 129 20.70 19.39 -16.16
CA ILE C 129 20.85 19.81 -17.55
CA ILE C 129 20.82 19.82 -17.55
C ILE C 129 20.06 18.89 -18.48
N GLY C 130 19.17 19.47 -19.27
CA GLY C 130 18.35 18.72 -20.20
C GLY C 130 18.66 19.08 -21.65
N ALA C 131 18.69 18.07 -22.51
CA ALA C 131 19.02 18.28 -23.90
C ALA C 131 18.18 17.42 -24.84
N ASN C 132 17.89 17.97 -26.01
CA ASN C 132 17.33 17.21 -27.14
C ASN C 132 15.91 16.68 -26.93
N PHE C 133 15.15 17.29 -26.03
CA PHE C 133 13.73 16.95 -25.92
C PHE C 133 13.01 17.43 -27.18
N PRO C 134 12.36 16.50 -27.90
CA PRO C 134 11.70 16.80 -29.18
C PRO C 134 10.71 17.96 -29.06
N ALA C 135 10.71 18.85 -30.05
CA ALA C 135 9.89 20.05 -30.02
C ALA C 135 8.40 19.74 -29.91
N ASN C 136 7.99 18.63 -30.51
CA ASN C 136 6.58 18.24 -30.51
C ASN C 136 6.30 17.02 -29.64
N GLY C 137 7.25 16.68 -28.77
CA GLY C 137 7.08 15.59 -27.83
C GLY C 137 6.24 16.01 -26.64
N PRO C 138 5.79 15.02 -25.84
CA PRO C 138 4.92 15.26 -24.69
C PRO C 138 5.53 16.19 -23.64
N VAL C 139 6.84 16.12 -23.47
CA VAL C 139 7.53 16.90 -22.44
C VAL C 139 7.49 18.39 -22.76
N MET C 140 7.86 18.75 -23.99
CA MET C 140 7.92 20.15 -24.39
C MET C 140 6.54 20.71 -24.70
N GLN C 141 5.61 19.84 -25.08
CA GLN C 141 4.25 20.27 -25.38
C GLN C 141 3.37 20.22 -24.14
N LYS C 142 3.95 19.80 -23.01
CA LYS C 142 3.23 19.68 -21.75
C LYS C 142 2.03 18.76 -21.85
N LYS C 143 2.21 17.59 -22.46
CA LYS C 143 1.12 16.64 -22.59
C LYS C 143 1.39 15.39 -21.77
N THR C 144 1.98 15.59 -20.59
CA THR C 144 2.26 14.50 -19.67
C THR C 144 1.23 14.48 -18.55
N ALA C 145 1.05 13.32 -17.92
CA ALA C 145 0.06 13.19 -16.86
C ALA C 145 0.60 12.36 -15.70
N GLY C 146 1.82 12.66 -15.28
CA GLY C 146 2.41 12.01 -14.12
C GLY C 146 3.15 10.73 -14.44
N TRP C 147 3.74 10.13 -13.40
CA TRP C 147 4.55 8.93 -13.55
C TRP C 147 3.83 7.68 -13.07
N GLU C 148 4.09 6.56 -13.74
CA GLU C 148 3.77 5.25 -13.19
C GLU C 148 4.77 4.97 -12.06
N PRO C 149 4.40 4.11 -11.12
CA PRO C 149 5.40 3.68 -10.13
C PRO C 149 6.57 2.99 -10.80
N SER C 150 7.76 3.12 -10.24
CA SER C 150 8.95 2.56 -10.86
C SER C 150 9.69 1.61 -9.94
N VAL C 151 10.53 0.76 -10.54
CA VAL C 151 11.38 -0.13 -9.78
C VAL C 151 12.84 0.11 -10.14
N GLU C 152 13.66 0.39 -9.14
CA GLU C 152 15.09 0.59 -9.34
C GLU C 152 15.83 -0.64 -8.85
N ILE C 153 16.87 -1.03 -9.57
CA ILE C 153 17.74 -2.08 -9.07
C ILE C 153 18.99 -1.43 -8.47
N LEU C 154 19.28 -1.79 -7.24
CA LEU C 154 20.42 -1.24 -6.51
C LEU C 154 21.48 -2.31 -6.32
N TYR C 155 22.71 -1.99 -6.68
CA TYR C 155 23.80 -2.95 -6.57
C TYR C 155 25.13 -2.23 -6.33
N PRO C 156 26.02 -2.86 -5.55
CA PRO C 156 27.34 -2.29 -5.28
C PRO C 156 28.29 -2.40 -6.46
N ARG C 157 29.10 -1.37 -6.66
CA ARG C 157 30.13 -1.38 -7.69
C ARG C 157 31.25 -0.41 -7.37
N ASP C 158 32.46 -0.96 -7.21
CA ASP C 158 33.66 -0.16 -6.96
C ASP C 158 33.54 0.71 -5.71
N GLY C 159 33.01 0.14 -4.64
CA GLY C 159 32.97 0.82 -3.35
C GLY C 159 31.78 1.73 -3.13
N VAL C 160 30.98 1.93 -4.18
CA VAL C 160 29.79 2.76 -4.06
C VAL C 160 28.55 2.02 -4.52
N LEU C 161 27.40 2.67 -4.43
CA LEU C 161 26.13 2.04 -4.79
C LEU C 161 25.62 2.58 -6.12
N CYS C 162 25.32 1.66 -7.03
CA CYS C 162 24.78 2.05 -8.33
C CYS C 162 23.29 1.70 -8.42
N GLY C 163 22.56 2.49 -9.20
CA GLY C 163 21.15 2.26 -9.40
C GLY C 163 20.78 2.39 -10.87
N GLN C 164 19.93 1.49 -11.33
CA GLN C 164 19.35 1.59 -12.66
C GLN C 164 17.84 1.39 -12.56
N ALA C 165 17.10 2.14 -13.35
CA ALA C 165 15.65 1.99 -13.35
C ALA C 165 15.00 2.45 -14.64
N LEU C 166 13.83 1.88 -14.91
CA LEU C 166 12.99 2.33 -16.00
C LEU C 166 11.88 3.20 -15.43
N MET C 167 11.58 4.31 -16.09
CA MET C 167 10.46 5.13 -15.68
C MET C 167 9.51 5.34 -16.86
N ALA C 168 8.22 5.22 -16.59
CA ALA C 168 7.20 5.38 -17.61
C ALA C 168 6.35 6.62 -17.35
N LEU C 169 6.47 7.59 -18.24
CA LEU C 169 5.73 8.84 -18.12
C LEU C 169 4.41 8.75 -18.86
N LYS C 170 3.32 8.99 -18.15
CA LYS C 170 1.99 8.92 -18.76
C LYS C 170 1.70 10.14 -19.61
N CYS C 171 1.18 9.92 -20.81
CA CYS C 171 0.85 11.01 -21.72
C CYS C 171 -0.66 11.16 -21.82
N THR C 172 -1.12 12.36 -22.16
CA THR C 172 -2.54 12.67 -22.20
C THR C 172 -3.28 11.91 -23.31
N ASP C 173 -2.55 11.39 -24.29
CA ASP C 173 -3.17 10.62 -25.37
C ASP C 173 -3.33 9.15 -24.98
N GLY C 174 -2.72 8.77 -23.86
CA GLY C 174 -2.83 7.40 -23.37
C GLY C 174 -1.54 6.62 -23.42
N ASP C 175 -0.64 7.04 -24.32
CA ASP C 175 0.65 6.38 -24.48
C ASP C 175 1.59 6.65 -23.30
N HIS C 176 2.58 5.79 -23.14
CA HIS C 176 3.62 6.00 -22.15
C HIS C 176 4.91 6.42 -22.85
N LEU C 177 5.63 7.35 -22.23
CA LEU C 177 6.95 7.74 -22.70
C LEU C 177 7.99 7.23 -21.71
N THR C 178 8.77 6.24 -22.13
CA THR C 178 9.67 5.55 -21.21
C THR C 178 11.07 6.15 -21.22
N SER C 179 11.80 5.87 -20.16
CA SER C 179 13.16 6.36 -20.01
C SER C 179 14.01 5.37 -19.23
N HIS C 180 15.31 5.44 -19.43
CA HIS C 180 16.24 4.60 -18.70
C HIS C 180 17.12 5.46 -17.81
N LEU C 181 17.22 5.08 -16.54
CA LEU C 181 18.00 5.85 -15.58
C LEU C 181 19.21 5.07 -15.09
N ARG C 182 20.36 5.73 -15.09
CA ARG C 182 21.57 5.20 -14.49
C ARG C 182 22.11 6.13 -13.42
N THR C 183 22.22 5.64 -12.21
CA THR C 183 22.62 6.50 -11.09
C THR C 183 23.77 5.87 -10.28
N THR C 184 24.71 6.72 -9.87
CA THR C 184 25.74 6.31 -8.92
C THR C 184 25.56 7.10 -7.63
N TYR C 185 25.38 6.38 -6.52
CA TYR C 185 25.19 7.00 -5.22
C TYR C 185 26.48 6.96 -4.41
N ARG C 186 26.94 8.12 -3.95
CA ARG C 186 28.25 8.22 -3.31
C ARG C 186 28.19 8.69 -1.86
N SER C 187 28.23 7.74 -0.93
CA SER C 187 28.30 8.07 0.48
C SER C 187 29.65 8.71 0.80
N ARG C 188 29.63 9.75 1.63
CA ARG C 188 30.86 10.43 2.03
C ARG C 188 31.49 9.77 3.25
N LYS C 189 30.91 8.66 3.68
CA LYS C 189 31.45 7.92 4.80
C LYS C 189 32.75 7.23 4.39
N PRO C 190 33.67 7.08 5.35
CA PRO C 190 34.89 6.29 5.11
C PRO C 190 34.53 4.91 4.56
N SER C 191 35.23 4.50 3.51
CA SER C 191 34.93 3.26 2.81
C SER C 191 34.84 2.06 3.75
N ASN C 192 35.39 2.23 4.93
CA ASN C 192 35.49 1.13 5.83
C ASN C 192 34.45 1.23 6.91
N ALA C 193 33.72 2.31 6.87
CA ALA C 193 32.60 2.51 7.78
C ALA C 193 31.30 2.12 7.10
N VAL C 194 31.30 2.17 5.76
CA VAL C 194 30.09 1.93 5.00
C VAL C 194 29.60 0.49 5.18
N ASN C 195 28.29 0.34 5.27
CA ASN C 195 27.68 -0.98 5.33
C ASN C 195 26.95 -1.24 4.02
N MET C 196 27.70 -1.72 3.04
CA MET C 196 27.19 -1.86 1.68
C MET C 196 26.14 -2.96 1.57
N PRO C 197 24.94 -2.59 1.10
CA PRO C 197 23.86 -3.56 0.88
C PRO C 197 24.15 -4.47 -0.30
N GLU C 198 23.47 -5.60 -0.37
CA GLU C 198 23.55 -6.48 -1.52
C GLU C 198 22.50 -6.06 -2.54
N PHE C 199 22.49 -6.72 -3.69
CA PHE C 199 21.54 -6.44 -4.75
C PHE C 199 20.11 -6.47 -4.22
N HIS C 200 19.37 -5.41 -4.49
CA HIS C 200 17.97 -5.35 -4.07
C HIS C 200 17.16 -4.39 -4.94
N PHE C 201 15.87 -4.26 -4.64
CA PHE C 201 14.98 -3.43 -5.43
C PHE C 201 14.53 -2.22 -4.64
N GLY C 202 14.14 -1.17 -5.35
CA GLY C 202 13.61 0.04 -4.75
C GLY C 202 12.34 0.48 -5.44
N ASP C 203 11.20 0.22 -4.82
CA ASP C 203 9.92 0.67 -5.35
C ASP C 203 9.72 2.16 -5.06
N HIS C 204 9.41 2.92 -6.10
CA HIS C 204 9.16 4.35 -5.94
C HIS C 204 7.83 4.76 -6.58
N ARG C 205 7.04 5.55 -5.86
CA ARG C 205 5.80 6.06 -6.39
C ARG C 205 5.71 7.57 -6.21
N ILE C 206 5.66 8.29 -7.32
CA ILE C 206 5.56 9.75 -7.28
C ILE C 206 4.16 10.20 -7.69
N GLU C 207 3.58 11.08 -6.89
CA GLU C 207 2.26 11.63 -7.19
C GLU C 207 2.27 13.14 -7.07
N ILE C 208 1.85 13.83 -8.13
CA ILE C 208 1.75 15.28 -8.10
C ILE C 208 0.36 15.69 -7.63
N LEU C 209 0.28 16.12 -6.38
CA LEU C 209 -1.01 16.42 -5.74
C LEU C 209 -1.59 17.74 -6.23
N LYS C 210 -0.75 18.74 -6.37
CA LYS C 210 -1.21 20.05 -6.75
C LYS C 210 -0.36 20.62 -7.86
N ALA C 211 -0.98 21.21 -8.86
CA ALA C 211 -0.25 22.00 -9.81
C ALA C 211 -0.90 23.34 -10.01
N GLU C 212 -0.25 24.45 -9.63
CA GLU C 212 -0.84 25.79 -9.80
C GLU C 212 0.02 26.83 -10.49
N GLN C 213 -0.52 27.44 -11.54
CA GLN C 213 0.00 28.67 -12.11
C GLN C 213 1.12 28.45 -13.10
N GLY C 214 1.55 27.21 -13.19
CA GLY C 214 2.82 26.88 -13.80
C GLY C 214 3.93 27.20 -12.81
N LYS C 215 3.57 27.61 -11.61
CA LYS C 215 4.55 28.00 -10.62
C LYS C 215 4.56 27.24 -9.30
N PHE C 216 3.48 26.57 -8.95
CA PHE C 216 3.45 25.84 -7.67
C PHE C 216 2.97 24.41 -7.73
N TYR C 217 3.75 23.53 -7.12
CA TYR C 217 3.53 22.10 -7.19
C TYR C 217 3.67 21.46 -5.83
N GLU C 218 2.79 20.53 -5.52
CA GLU C 218 2.88 19.73 -4.33
C GLU C 218 3.13 18.29 -4.75
N GLN C 219 4.15 17.68 -4.18
CA GLN C 219 4.65 16.40 -4.65
C GLN C 219 4.81 15.38 -3.52
N TYR C 220 4.21 14.21 -3.70
CA TYR C 220 4.29 13.13 -2.73
C TYR C 220 5.09 11.96 -3.30
N GLU C 221 5.89 11.31 -2.45
CA GLU C 221 6.56 10.09 -2.83
C GLU C 221 6.58 9.06 -1.70
N SER C 222 6.29 7.81 -2.06
CA SER C 222 6.49 6.68 -1.16
C SER C 222 7.55 5.77 -1.74
N ALA C 223 8.42 5.23 -0.89
CA ALA C 223 9.52 4.39 -1.36
C ALA C 223 9.82 3.24 -0.41
N VAL C 224 10.21 2.11 -0.99
CA VAL C 224 10.54 0.91 -0.22
C VAL C 224 11.76 0.20 -0.81
N ALA C 225 12.68 -0.22 0.05
CA ALA C 225 13.80 -1.05 -0.39
C ALA C 225 13.58 -2.50 0.03
N ARG C 226 13.51 -3.40 -0.94
CA ARG C 226 13.12 -4.78 -0.68
C ARG C 226 13.84 -5.77 -1.59
N TYR C 227 13.71 -7.05 -1.26
CA TYR C 227 14.10 -8.13 -2.17
C TYR C 227 12.86 -8.53 -2.98
N CYS C 228 13.04 -9.44 -3.92
CA CYS C 228 11.93 -9.94 -4.71
C CYS C 228 10.91 -10.60 -3.83
N GLU C 229 9.67 -10.20 -3.96
CA GLU C 229 8.61 -10.69 -3.10
C GLU C 229 7.48 -11.31 -3.88
N ALA C 230 7.78 -11.85 -5.04
CA ALA C 230 6.76 -12.32 -5.98
C ALA C 230 5.91 -13.51 -5.51
N ALA C 231 6.54 -14.47 -4.84
CA ALA C 231 5.85 -15.69 -4.48
C ALA C 231 6.20 -16.20 -3.12
N PRO C 232 5.16 -16.86 -2.47
CA PRO C 232 5.57 -17.50 -1.21
C PRO C 232 6.46 -18.72 -1.36
N SER C 233 6.11 -19.62 -2.24
CA SER C 233 6.80 -20.90 -2.29
C SER C 233 6.15 -21.92 -3.20
N PRO D 12 -11.48 -37.45 45.58
CA PRO D 12 -11.36 -37.63 47.04
C PRO D 12 -12.60 -37.21 47.80
N LEU D 13 -12.95 -35.93 47.72
CA LEU D 13 -14.07 -35.38 48.49
C LEU D 13 -15.35 -35.32 47.67
N VAL D 14 -15.23 -35.46 46.35
CA VAL D 14 -16.40 -35.45 45.48
C VAL D 14 -16.74 -36.87 45.03
N THR D 15 -17.94 -37.33 45.40
CA THR D 15 -18.35 -38.70 45.11
C THR D 15 -19.35 -38.75 43.96
N GLU D 16 -19.80 -39.97 43.64
CA GLU D 16 -20.66 -40.17 42.47
C GLU D 16 -22.07 -39.60 42.68
N ASP D 17 -22.51 -39.51 43.93
CA ASP D 17 -23.81 -38.93 44.24
C ASP D 17 -23.70 -37.92 45.36
N MET D 18 -24.06 -36.67 45.08
CA MET D 18 -23.99 -35.61 46.07
C MET D 18 -25.25 -34.73 46.05
N CYS D 19 -25.46 -33.96 47.11
CA CYS D 19 -26.66 -33.14 47.23
C CYS D 19 -26.36 -31.65 47.09
N ILE D 20 -27.43 -30.86 46.96
CA ILE D 20 -27.31 -29.43 46.77
C ILE D 20 -28.17 -28.67 47.77
N LYS D 21 -27.57 -27.71 48.45
CA LYS D 21 -28.32 -26.78 49.29
C LYS D 21 -28.00 -25.37 48.87
N MET D 22 -29.00 -24.66 48.36
CA MET D 22 -28.78 -23.32 47.83
C MET D 22 -29.63 -22.28 48.55
N THR D 23 -29.02 -21.12 48.81
CA THR D 23 -29.75 -19.96 49.28
C THR D 23 -29.43 -18.78 48.37
N MET D 24 -30.47 -18.08 47.93
CA MET D 24 -30.31 -16.97 47.02
C MET D 24 -31.17 -15.80 47.44
N GLU D 25 -30.59 -14.60 47.41
CA GLU D 25 -31.38 -13.39 47.60
C GLU D 25 -30.93 -12.35 46.58
N GLY D 26 -31.82 -11.41 46.29
CA GLY D 26 -31.50 -10.38 45.32
C GLY D 26 -32.60 -9.42 45.01
N THR D 27 -32.31 -8.51 44.09
CA THR D 27 -33.25 -7.47 43.69
C THR D 27 -33.17 -7.28 42.18
N ILE D 28 -34.30 -7.40 41.51
CA ILE D 28 -34.34 -7.23 40.06
C ILE D 28 -35.38 -6.19 39.67
N ASN D 29 -34.92 -5.12 39.04
CA ASN D 29 -35.75 -3.97 38.72
C ASN D 29 -36.49 -3.44 39.95
N GLY D 30 -35.83 -3.48 41.10
CA GLY D 30 -36.39 -2.93 42.32
C GLY D 30 -37.13 -3.92 43.19
N HIS D 31 -37.43 -5.11 42.65
CA HIS D 31 -38.19 -6.12 43.38
CA HIS D 31 -38.18 -6.11 43.40
C HIS D 31 -37.27 -7.06 44.17
N HIS D 32 -37.38 -7.03 45.49
CA HIS D 32 -36.60 -7.90 46.36
CA HIS D 32 -36.58 -7.90 46.33
C HIS D 32 -37.18 -9.31 46.39
N PHE D 33 -36.30 -10.31 46.43
CA PHE D 33 -36.75 -11.69 46.54
C PHE D 33 -35.72 -12.54 47.27
N LYS D 34 -36.19 -13.69 47.77
CA LYS D 34 -35.33 -14.70 48.35
C LYS D 34 -35.86 -16.07 47.96
N CYS D 35 -34.97 -17.03 47.79
CA CYS D 35 -35.40 -18.39 47.49
C CYS D 35 -34.41 -19.40 48.02
N VAL D 36 -34.90 -20.61 48.28
CA VAL D 36 -34.09 -21.68 48.83
C VAL D 36 -34.20 -22.89 47.91
N GLY D 37 -33.08 -23.57 47.67
CA GLY D 37 -33.06 -24.72 46.80
C GLY D 37 -32.49 -25.96 47.44
N GLU D 38 -33.05 -27.11 47.09
CA GLU D 38 -32.54 -28.39 47.55
C GLU D 38 -32.58 -29.38 46.39
N GLY D 39 -31.45 -30.01 46.10
CA GLY D 39 -31.38 -30.95 45.01
C GLY D 39 -30.26 -31.95 45.13
N GLU D 40 -30.06 -32.71 44.05
CA GLU D 40 -29.00 -33.70 44.00
C GLU D 40 -28.55 -33.89 42.56
N GLY D 41 -27.48 -34.64 42.37
CA GLY D 41 -26.98 -34.91 41.03
C GLY D 41 -25.77 -35.81 41.03
N LYS D 42 -25.27 -36.11 39.84
CA LYS D 42 -24.07 -36.91 39.68
C LYS D 42 -22.95 -36.07 39.08
N PRO D 43 -22.01 -35.62 39.93
CA PRO D 43 -20.95 -34.68 39.56
C PRO D 43 -20.12 -35.13 38.37
N PHE D 44 -19.86 -36.42 38.24
CA PHE D 44 -18.98 -36.94 37.20
C PHE D 44 -19.75 -37.30 35.92
N GLU D 45 -21.07 -37.40 36.03
CA GLU D 45 -21.89 -37.64 34.85
C GLU D 45 -22.46 -36.31 34.34
N GLY D 46 -22.20 -35.25 35.10
CA GLY D 46 -22.56 -33.90 34.70
C GLY D 46 -24.04 -33.61 34.70
N THR D 47 -24.79 -34.24 35.60
CA THR D 47 -26.23 -34.04 35.67
C THR D 47 -26.67 -33.66 37.07
N GLN D 48 -27.74 -32.88 37.15
CA GLN D 48 -28.28 -32.43 38.42
C GLN D 48 -29.72 -31.97 38.28
N VAL D 49 -30.46 -32.05 39.39
CA VAL D 49 -31.83 -31.56 39.44
C VAL D 49 -32.02 -30.85 40.78
N GLU D 50 -32.83 -29.82 40.79
CA GLU D 50 -33.02 -29.06 41.99
C GLU D 50 -34.40 -28.47 42.11
N LYS D 51 -34.92 -28.47 43.32
CA LYS D 51 -36.22 -27.88 43.61
C LYS D 51 -36.05 -26.53 44.28
N ILE D 52 -36.57 -25.48 43.63
CA ILE D 52 -36.42 -24.12 44.15
C ILE D 52 -37.75 -23.54 44.60
N ARG D 53 -37.76 -22.98 45.81
CA ARG D 53 -38.96 -22.35 46.36
C ARG D 53 -38.71 -20.87 46.65
N ILE D 54 -39.54 -20.01 46.06
CA ILE D 54 -39.46 -18.58 46.35
C ILE D 54 -40.00 -18.34 47.75
N THR D 55 -39.11 -18.03 48.68
CA THR D 55 -39.49 -17.87 50.09
C THR D 55 -39.91 -16.44 50.43
N GLU D 56 -39.47 -15.47 49.62
CA GLU D 56 -39.83 -14.08 49.82
C GLU D 56 -39.92 -13.34 48.49
N GLY D 57 -40.90 -12.44 48.38
CA GLY D 57 -41.07 -11.65 47.18
C GLY D 57 -41.91 -12.31 46.11
N GLY D 58 -42.45 -13.48 46.43
CA GLY D 58 -43.31 -14.19 45.51
C GLY D 58 -44.74 -13.69 45.55
N PRO D 59 -45.48 -13.84 44.44
CA PRO D 59 -45.00 -14.38 43.16
C PRO D 59 -44.10 -13.40 42.41
N LEU D 60 -43.03 -13.93 41.82
CA LEU D 60 -42.06 -13.09 41.11
C LEU D 60 -42.72 -12.29 40.00
N PRO D 61 -42.43 -10.98 39.93
CA PRO D 61 -42.94 -10.11 38.87
C PRO D 61 -42.13 -10.23 37.59
N PHE D 62 -41.13 -11.09 37.62
CA PHE D 62 -40.28 -11.32 36.45
C PHE D 62 -40.18 -12.80 36.13
N ALA D 63 -39.76 -13.11 34.90
CA ALA D 63 -39.60 -14.50 34.45
C ALA D 63 -38.56 -15.22 35.28
N TYR D 64 -38.90 -16.40 35.78
CA TYR D 64 -37.97 -17.18 36.59
C TYR D 64 -36.76 -17.62 35.78
N ASP D 65 -36.94 -17.75 34.48
CA ASP D 65 -35.94 -18.23 33.57
C ASP D 65 -34.59 -17.56 33.77
N ILE D 66 -34.59 -16.26 34.09
CA ILE D 66 -33.33 -15.54 34.25
C ILE D 66 -32.61 -15.95 35.53
N LEU D 67 -33.33 -16.53 36.50
CA LEU D 67 -32.69 -16.99 37.74
C LEU D 67 -31.99 -18.34 37.55
N ALA D 68 -32.53 -19.17 36.65
CA ALA D 68 -32.03 -20.52 36.43
C ALA D 68 -30.52 -20.64 36.21
N PRO D 69 -29.93 -19.80 35.33
CA PRO D 69 -28.47 -19.95 35.19
C PRO D 69 -27.69 -19.47 36.41
N CYS D 70 -28.37 -18.86 37.38
CA CYS D 70 -27.70 -18.42 38.60
C CYS D 70 -27.59 -19.52 39.68
N CYS D 71 -28.56 -20.44 39.73
CA CYS D 71 -28.77 -21.58 40.58
CA CYS D 71 -28.79 -21.58 40.61
C CYS D 71 -27.95 -22.68 40.05
C CYS D 71 -27.96 -22.74 40.26
N1 CH6 D 72 -27.65 -22.64 38.72
CE CH6 D 72 -29.74 -27.47 39.01
SD CH6 D 72 -29.46 -26.61 37.50
CG1 CH6 D 72 -28.42 -25.48 38.36
CB1 CH6 D 72 -27.72 -24.64 37.33
CA1 CH6 D 72 -26.85 -23.68 38.10
C1 CH6 D 72 -25.99 -23.09 37.06
N2 CH6 D 72 -26.11 -23.47 35.77
OH CH6 D 72 -21.78 -19.52 30.57
CD2 CH6 D 72 -24.78 -21.30 31.80
CE2 CH6 D 72 -23.98 -20.43 31.05
CZ CH6 D 72 -22.60 -20.37 31.30
CE1 CH6 D 72 -22.02 -21.17 32.28
CD1 CH6 D 72 -22.83 -22.02 33.01
CG2 CH6 D 72 -24.20 -22.09 32.78
CB2 CH6 D 72 -25.06 -22.99 33.56
CA2 CH6 D 72 -25.22 -22.81 35.02
C2 CH6 D 72 -24.48 -21.95 35.98
O2 CH6 D 72 -23.52 -21.12 35.73
N3 CH6 D 72 -25.00 -22.18 37.19
CA3 CH6 D 72 -24.55 -21.51 38.42
C3 CH6 D 72 -23.89 -22.53 39.35
O3 CH6 D 72 -23.50 -22.25 40.46
N1 NRQ D 72 -27.00 -22.71 39.28
CE NRQ D 72 -29.74 -27.47 39.01
SD NRQ D 72 -29.46 -26.61 37.50
CG1 NRQ D 72 -28.42 -25.48 38.36
CB1 NRQ D 72 -28.44 -24.04 37.83
CA1 NRQ D 72 -27.23 -23.19 38.13
C1 NRQ D 72 -26.23 -22.87 37.06
N2 NRQ D 72 -26.32 -23.29 35.76
OH NRQ D 72 -21.78 -19.52 30.57
CD2 NRQ D 72 -24.78 -21.30 31.80
CE2 NRQ D 72 -23.98 -20.43 31.05
CZ NRQ D 72 -22.60 -20.37 31.30
CE1 NRQ D 72 -22.02 -21.17 32.28
CD1 NRQ D 72 -22.83 -22.02 33.01
CG2 NRQ D 72 -24.20 -22.09 32.78
CB2 NRQ D 72 -24.97 -23.04 33.62
CA2 NRQ D 72 -25.26 -22.81 35.05
C2 NRQ D 72 -24.44 -22.09 36.04
O2 NRQ D 72 -23.34 -21.46 35.85
N3 NRQ D 72 -25.10 -22.13 37.21
CA3 NRQ D 72 -24.55 -21.51 38.42
C3 NRQ D 72 -23.89 -22.53 39.35
O3 NRQ D 72 -23.50 -22.25 40.46
N SER D 73 -23.85 -23.79 38.91
CA SER D 73 -23.50 -24.92 39.76
C SER D 73 -22.44 -25.76 39.06
N LYS D 74 -21.18 -25.37 39.20
CA LYS D 74 -20.11 -25.86 38.36
C LYS D 74 -19.51 -27.22 38.76
N THR D 75 -19.93 -27.77 39.90
CA THR D 75 -19.40 -29.02 40.36
C THR D 75 -20.07 -30.17 39.66
N PHE D 76 -21.08 -29.90 38.86
CA PHE D 76 -21.77 -30.99 38.16
C PHE D 76 -21.55 -30.89 36.67
N ILE D 77 -20.27 -30.88 36.27
CA ILE D 77 -19.90 -30.84 34.86
C ILE D 77 -19.02 -32.03 34.49
N LYS D 78 -19.46 -32.81 33.52
CA LYS D 78 -18.67 -33.96 33.06
C LYS D 78 -17.48 -33.47 32.24
N HIS D 79 -16.27 -33.77 32.71
CA HIS D 79 -15.06 -33.37 32.01
C HIS D 79 -14.48 -34.51 31.19
N VAL D 80 -14.40 -34.31 29.88
CA VAL D 80 -13.83 -35.31 28.98
C VAL D 80 -12.48 -34.84 28.43
N SER D 81 -11.83 -35.74 27.70
CA SER D 81 -10.57 -35.43 27.01
C SER D 81 -9.46 -34.96 27.93
N GLY D 82 -9.51 -35.37 29.20
CA GLY D 82 -8.44 -35.09 30.13
C GLY D 82 -8.40 -33.68 30.70
N ILE D 83 -9.45 -32.90 30.43
CA ILE D 83 -9.52 -31.52 30.91
C ILE D 83 -9.66 -31.49 32.44
N PRO D 84 -8.71 -30.84 33.12
CA PRO D 84 -8.73 -30.73 34.58
C PRO D 84 -9.99 -30.02 35.08
N ASP D 85 -10.61 -30.57 36.12
CA ASP D 85 -11.81 -29.98 36.70
C ASP D 85 -11.44 -28.94 37.75
N TYR D 86 -11.42 -27.68 37.34
CA TYR D 86 -11.07 -26.55 38.21
C TYR D 86 -11.95 -26.49 39.45
N PHE D 87 -13.19 -26.93 39.32
CA PHE D 87 -14.19 -26.80 40.37
C PHE D 87 -14.18 -27.97 41.35
N LYS D 88 -14.10 -29.19 40.82
CA LYS D 88 -14.07 -30.38 41.67
C LYS D 88 -12.77 -30.45 42.48
N GLU D 89 -11.68 -30.02 41.88
CA GLU D 89 -10.37 -30.11 42.51
C GLU D 89 -10.10 -28.95 43.47
N SER D 90 -11.08 -28.06 43.62
CA SER D 90 -10.91 -26.87 44.45
C SER D 90 -11.17 -27.16 45.92
N PHE D 91 -11.78 -28.32 46.20
CA PHE D 91 -12.19 -28.64 47.56
C PHE D 91 -11.05 -29.27 48.36
N PRO D 92 -11.10 -29.18 49.70
CA PRO D 92 -12.18 -28.65 50.55
C PRO D 92 -12.33 -27.13 50.54
N GLU D 93 -11.34 -26.41 50.02
CA GLU D 93 -11.38 -24.94 50.02
C GLU D 93 -12.61 -24.40 49.29
N GLY D 94 -12.95 -25.01 48.16
CA GLY D 94 -14.09 -24.56 47.38
C GLY D 94 -13.73 -23.41 46.46
N PHE D 95 -14.74 -22.67 46.01
CA PHE D 95 -14.52 -21.57 45.08
C PHE D 95 -15.65 -20.54 45.12
N THR D 96 -15.38 -19.38 44.54
CA THR D 96 -16.40 -18.37 44.31
C THR D 96 -16.43 -18.06 42.82
N TRP D 97 -17.50 -17.41 42.38
CA TRP D 97 -17.49 -16.83 41.04
C TRP D 97 -18.35 -15.57 40.94
N GLU D 98 -17.99 -14.75 39.96
CA GLU D 98 -18.64 -13.47 39.73
C GLU D 98 -19.03 -13.37 38.27
N ARG D 99 -20.22 -12.86 38.00
CA ARG D 99 -20.73 -12.85 36.64
C ARG D 99 -21.58 -11.63 36.34
N THR D 100 -21.39 -11.07 35.15
CA THR D 100 -22.30 -10.06 34.63
C THR D 100 -22.93 -10.61 33.35
N GLN D 101 -24.25 -10.49 33.26
CA GLN D 101 -24.97 -10.95 32.10
C GLN D 101 -25.73 -9.79 31.46
N ILE D 102 -25.38 -9.45 30.24
CA ILE D 102 -25.98 -8.32 29.55
C ILE D 102 -26.95 -8.77 28.46
N PHE D 103 -28.23 -8.43 28.62
CA PHE D 103 -29.24 -8.77 27.63
C PHE D 103 -29.24 -7.73 26.51
N GLU D 104 -29.59 -8.16 25.31
CA GLU D 104 -29.51 -7.29 24.14
C GLU D 104 -30.53 -6.16 24.16
N ASP D 105 -31.53 -6.26 25.04
CA ASP D 105 -32.57 -5.24 25.12
C ASP D 105 -32.34 -4.25 26.27
N GLY D 106 -31.22 -4.41 26.97
CA GLY D 106 -30.84 -3.46 28.00
C GLY D 106 -30.81 -3.99 29.41
N GLY D 107 -31.48 -5.11 29.64
CA GLY D 107 -31.49 -5.73 30.95
C GLY D 107 -30.12 -6.28 31.30
N SER D 108 -29.75 -6.22 32.58
CA SER D 108 -28.46 -6.75 33.00
C SER D 108 -28.52 -7.38 34.39
N LEU D 109 -27.77 -8.47 34.56
CA LEU D 109 -27.66 -9.18 35.83
C LEU D 109 -26.21 -9.24 36.28
N THR D 110 -25.99 -9.06 37.58
CA THR D 110 -24.67 -9.33 38.15
C THR D 110 -24.81 -10.23 39.36
N ILE D 111 -23.99 -11.27 39.39
CA ILE D 111 -24.12 -12.32 40.39
C ILE D 111 -22.82 -12.60 41.14
N HIS D 112 -22.91 -12.69 42.45
CA HIS D 112 -21.82 -13.26 43.25
C HIS D 112 -22.26 -14.59 43.83
N GLN D 113 -21.40 -15.59 43.73
CA GLN D 113 -21.74 -16.91 44.22
C GLN D 113 -20.63 -17.52 45.06
N ASP D 114 -21.02 -18.17 46.15
CA ASP D 114 -20.09 -18.86 47.01
C ASP D 114 -20.41 -20.35 47.04
N THR D 115 -19.39 -21.17 46.74
CA THR D 115 -19.57 -22.62 46.75
C THR D 115 -18.63 -23.29 47.73
N SER D 116 -19.22 -23.96 48.73
CA SER D 116 -18.44 -24.71 49.71
C SER D 116 -18.97 -26.13 49.85
N LEU D 117 -18.21 -26.97 50.57
CA LEU D 117 -18.57 -28.37 50.71
C LEU D 117 -18.68 -28.79 52.17
N GLN D 118 -19.84 -29.29 52.55
CA GLN D 118 -20.05 -29.85 53.88
C GLN D 118 -20.49 -31.31 53.75
N GLY D 119 -19.54 -32.21 53.95
CA GLY D 119 -19.80 -33.63 53.84
C GLY D 119 -20.22 -34.04 52.44
N ASN D 120 -21.51 -34.35 52.28
CA ASN D 120 -22.06 -34.80 51.02
C ASN D 120 -22.80 -33.69 50.29
N ASN D 121 -22.81 -32.51 50.90
CA ASN D 121 -23.60 -31.39 50.36
C ASN D 121 -22.74 -30.25 49.82
N PHE D 122 -23.01 -29.85 48.59
CA PHE D 122 -22.48 -28.59 48.07
C PHE D 122 -23.33 -27.45 48.60
N ILE D 123 -22.69 -26.41 49.12
CA ILE D 123 -23.42 -25.28 49.67
C ILE D 123 -23.32 -24.07 48.76
N PHE D 124 -24.46 -23.61 48.25
CA PHE D 124 -24.49 -22.47 47.35
C PHE D 124 -25.10 -21.24 48.03
N LYS D 125 -24.35 -20.14 48.03
CA LYS D 125 -24.87 -18.86 48.49
C LYS D 125 -24.81 -17.87 47.33
N VAL D 126 -25.96 -17.36 46.93
CA VAL D 126 -26.02 -16.54 45.73
C VAL D 126 -26.63 -15.15 45.95
N ASN D 127 -25.92 -14.12 45.47
CA ASN D 127 -26.42 -12.76 45.48
C ASN D 127 -26.60 -12.24 44.06
N VAL D 128 -27.76 -11.63 43.79
CA VAL D 128 -28.11 -11.21 42.45
C VAL D 128 -28.68 -9.78 42.43
N ILE D 129 -28.21 -8.96 41.50
CA ILE D 129 -28.84 -7.67 41.26
C ILE D 129 -29.12 -7.48 39.77
N GLY D 130 -30.39 -7.20 39.45
CA GLY D 130 -30.80 -7.01 38.07
C GLY D 130 -31.29 -5.60 37.82
N ALA D 131 -30.88 -5.02 36.70
CA ALA D 131 -31.21 -3.64 36.40
C ALA D 131 -31.67 -3.44 34.96
N ASN D 132 -32.58 -2.48 34.78
CA ASN D 132 -32.95 -1.95 33.47
C ASN D 132 -33.62 -2.92 32.51
N PHE D 133 -34.25 -3.96 33.04
CA PHE D 133 -35.06 -4.82 32.19
C PHE D 133 -36.26 -4.03 31.70
N PRO D 134 -36.43 -3.95 30.38
CA PRO D 134 -37.52 -3.17 29.76
C PRO D 134 -38.89 -3.59 30.29
N ALA D 135 -39.74 -2.60 30.54
CA ALA D 135 -41.06 -2.83 31.15
C ALA D 135 -41.92 -3.78 30.33
N ASN D 136 -41.85 -3.65 29.00
CA ASN D 136 -42.64 -4.48 28.12
C ASN D 136 -41.81 -5.58 27.46
N GLY D 137 -40.63 -5.83 28.00
CA GLY D 137 -39.78 -6.91 27.50
C GLY D 137 -40.29 -8.26 27.95
N PRO D 138 -39.79 -9.34 27.34
CA PRO D 138 -40.22 -10.71 27.63
C PRO D 138 -40.00 -11.11 29.09
N VAL D 139 -38.92 -10.61 29.68
CA VAL D 139 -38.57 -10.97 31.05
C VAL D 139 -39.58 -10.44 32.06
N MET D 140 -39.90 -9.15 31.95
CA MET D 140 -40.83 -8.52 32.89
C MET D 140 -42.29 -8.82 32.53
N GLN D 141 -42.54 -9.19 31.28
CA GLN D 141 -43.89 -9.56 30.86
C GLN D 141 -44.11 -11.06 30.96
N LYS D 142 -43.09 -11.77 31.42
CA LYS D 142 -43.14 -13.23 31.57
C LYS D 142 -43.53 -13.93 30.28
N LYS D 143 -42.91 -13.54 29.17
CA LYS D 143 -43.19 -14.15 27.88
C LYS D 143 -42.00 -14.97 27.42
N THR D 144 -41.40 -15.70 28.35
CA THR D 144 -40.23 -16.52 28.04
C THR D 144 -40.58 -18.00 28.11
N ALA D 145 -39.85 -18.82 27.35
CA ALA D 145 -40.13 -20.25 27.31
C ALA D 145 -38.87 -21.09 27.44
N GLY D 146 -38.02 -20.75 28.39
CA GLY D 146 -36.83 -21.55 28.67
C GLY D 146 -35.63 -21.15 27.84
N TRP D 147 -34.50 -21.83 28.10
CA TRP D 147 -33.24 -21.51 27.45
C TRP D 147 -32.88 -22.49 26.35
N GLU D 148 -32.24 -21.98 25.29
CA GLU D 148 -31.54 -22.83 24.36
C GLU D 148 -30.32 -23.38 25.09
N PRO D 149 -29.79 -24.53 24.63
CA PRO D 149 -28.49 -24.94 25.18
C PRO D 149 -27.45 -23.88 24.85
N SER D 150 -26.46 -23.69 25.72
CA SER D 150 -25.45 -22.66 25.51
C SER D 150 -24.04 -23.19 25.64
N VAL D 151 -23.09 -22.50 25.02
CA VAL D 151 -21.70 -22.89 25.04
C VAL D 151 -20.83 -21.82 25.70
N GLU D 152 -20.12 -22.20 26.75
CA GLU D 152 -19.22 -21.30 27.44
C GLU D 152 -17.78 -21.59 27.05
N ILE D 153 -17.01 -20.54 26.79
CA ILE D 153 -15.57 -20.72 26.58
C ILE D 153 -14.84 -20.47 27.90
N LEU D 154 -14.02 -21.43 28.30
CA LEU D 154 -13.27 -21.33 29.54
C LEU D 154 -11.79 -21.17 29.23
N TYR D 155 -11.16 -20.18 29.86
CA TYR D 155 -9.75 -19.91 29.62
C TYR D 155 -9.08 -19.29 30.84
N PRO D 156 -7.83 -19.67 31.11
CA PRO D 156 -7.08 -19.10 32.24
C PRO D 156 -6.74 -17.64 32.03
N ARG D 157 -6.81 -16.85 33.09
CA ARG D 157 -6.35 -15.46 33.05
C ARG D 157 -5.96 -14.96 34.42
N ASP D 158 -4.70 -14.55 34.55
CA ASP D 158 -4.16 -13.97 35.78
C ASP D 158 -4.36 -14.87 37.00
N GLY D 159 -4.13 -16.16 36.82
CA GLY D 159 -4.15 -17.10 37.94
C GLY D 159 -5.48 -17.79 38.21
N VAL D 160 -6.54 -17.27 37.60
CA VAL D 160 -7.87 -17.85 37.81
C VAL D 160 -8.52 -18.21 36.47
N LEU D 161 -9.70 -18.83 36.53
CA LEU D 161 -10.38 -19.29 35.33
C LEU D 161 -11.51 -18.35 34.91
N CYS D 162 -11.44 -17.88 33.66
CA CYS D 162 -12.47 -17.00 33.13
C CYS D 162 -13.45 -17.75 32.24
N GLY D 163 -14.66 -17.21 32.13
CA GLY D 163 -15.68 -17.83 31.31
C GLY D 163 -16.54 -16.78 30.60
N GLN D 164 -16.77 -17.00 29.31
CA GLN D 164 -17.71 -16.18 28.56
C GLN D 164 -18.65 -17.09 27.79
N ALA D 165 -19.88 -16.64 27.61
CA ALA D 165 -20.86 -17.41 26.86
C ALA D 165 -21.98 -16.51 26.33
N LEU D 166 -22.63 -17.00 25.29
CA LEU D 166 -23.85 -16.39 24.80
C LEU D 166 -25.02 -17.27 25.21
N MET D 167 -26.08 -16.66 25.72
CA MET D 167 -27.29 -17.41 26.04
C MET D 167 -28.47 -16.85 25.26
N ALA D 168 -29.36 -17.74 24.84
CA ALA D 168 -30.52 -17.34 24.06
C ALA D 168 -31.79 -17.76 24.76
N LEU D 169 -32.53 -16.77 25.25
CA LEU D 169 -33.79 -17.03 25.94
C LEU D 169 -34.93 -17.10 24.93
N LYS D 170 -35.59 -18.25 24.88
CA LYS D 170 -36.73 -18.45 23.99
C LYS D 170 -37.92 -17.62 24.46
N CYS D 171 -38.60 -16.99 23.52
CA CYS D 171 -39.79 -16.20 23.83
C CYS D 171 -41.03 -16.91 23.32
N THR D 172 -42.19 -16.57 23.88
CA THR D 172 -43.44 -17.24 23.55
C THR D 172 -43.90 -16.97 22.12
N ASP D 173 -43.44 -15.87 21.52
CA ASP D 173 -43.82 -15.56 20.15
C ASP D 173 -42.94 -16.30 19.15
N GLY D 174 -41.86 -16.91 19.65
CA GLY D 174 -40.96 -17.68 18.81
C GLY D 174 -39.58 -17.08 18.70
N ASP D 175 -39.47 -15.78 19.02
CA ASP D 175 -38.20 -15.08 18.93
C ASP D 175 -37.25 -15.47 20.06
N HIS D 176 -35.98 -15.10 19.90
CA HIS D 176 -34.98 -15.32 20.94
C HIS D 176 -34.52 -13.98 21.53
N LEU D 177 -34.22 -14.00 22.83
CA LEU D 177 -33.62 -12.85 23.49
C LEU D 177 -32.23 -13.21 23.96
N THR D 178 -31.22 -12.72 23.25
CA THR D 178 -29.84 -13.13 23.52
C THR D 178 -29.18 -12.29 24.61
N SER D 179 -28.18 -12.88 25.25
CA SER D 179 -27.42 -12.20 26.28
C SER D 179 -25.95 -12.62 26.28
N HIS D 180 -25.08 -11.75 26.78
CA HIS D 180 -23.66 -12.03 26.83
C HIS D 180 -23.18 -12.16 28.28
N LEU D 181 -22.55 -13.27 28.61
CA LEU D 181 -22.10 -13.55 29.96
C LEU D 181 -20.59 -13.48 30.10
N ARG D 182 -20.11 -12.77 31.12
CA ARG D 182 -18.69 -12.76 31.45
CA ARG D 182 -18.69 -12.77 31.45
C ARG D 182 -18.50 -13.18 32.90
N THR D 183 -17.75 -14.25 33.12
CA THR D 183 -17.59 -14.81 34.45
C THR D 183 -16.13 -15.03 34.82
N THR D 184 -15.80 -14.78 36.08
CA THR D 184 -14.50 -15.15 36.63
C THR D 184 -14.69 -16.17 37.75
N TYR D 185 -14.08 -17.33 37.60
CA TYR D 185 -14.18 -18.37 38.62
C TYR D 185 -12.92 -18.39 39.49
N ARG D 186 -13.11 -18.32 40.81
CA ARG D 186 -11.98 -18.16 41.73
C ARG D 186 -11.83 -19.29 42.73
N SER D 187 -10.92 -20.22 42.44
CA SER D 187 -10.61 -21.30 43.37
C SER D 187 -9.94 -20.74 44.62
N ARG D 188 -10.31 -21.29 45.77
CA ARG D 188 -9.71 -20.89 47.04
C ARG D 188 -8.46 -21.72 47.35
N LYS D 189 -8.16 -22.67 46.47
CA LYS D 189 -6.98 -23.48 46.59
C LYS D 189 -5.74 -22.63 46.30
N PRO D 190 -4.64 -22.87 47.05
CA PRO D 190 -3.37 -22.17 46.79
C PRO D 190 -2.94 -22.26 45.33
N SER D 191 -2.45 -21.16 44.78
CA SER D 191 -2.10 -21.07 43.37
C SER D 191 -1.11 -22.16 42.94
N ASN D 192 -0.18 -22.49 43.84
CA ASN D 192 0.81 -23.53 43.57
C ASN D 192 0.21 -24.92 43.50
N ALA D 193 -1.02 -25.07 44.01
CA ALA D 193 -1.68 -26.37 44.04
C ALA D 193 -2.83 -26.44 43.04
N VAL D 194 -3.05 -25.34 42.31
CA VAL D 194 -4.11 -25.28 41.30
C VAL D 194 -3.66 -25.97 40.01
N ASN D 195 -4.49 -26.88 39.51
CA ASN D 195 -4.24 -27.52 38.23
C ASN D 195 -5.07 -26.86 37.13
N MET D 196 -4.56 -25.74 36.62
CA MET D 196 -5.30 -24.92 35.67
C MET D 196 -5.46 -25.61 34.32
N PRO D 197 -6.71 -25.69 33.82
CA PRO D 197 -7.00 -26.25 32.51
C PRO D 197 -6.63 -25.27 31.39
N GLU D 198 -6.50 -25.77 30.17
CA GLU D 198 -6.29 -24.92 29.02
C GLU D 198 -7.64 -24.50 28.45
N PHE D 199 -7.61 -23.72 27.37
CA PHE D 199 -8.83 -23.26 26.71
C PHE D 199 -9.72 -24.43 26.33
N HIS D 200 -10.99 -24.35 26.70
CA HIS D 200 -11.95 -25.40 26.36
C HIS D 200 -13.38 -24.87 26.40
N PHE D 201 -14.32 -25.73 26.01
CA PHE D 201 -15.71 -25.34 25.94
C PHE D 201 -16.55 -25.99 27.03
N GLY D 202 -17.67 -25.37 27.35
CA GLY D 202 -18.61 -25.91 28.31
C GLY D 202 -20.02 -25.90 27.74
N ASP D 203 -20.57 -27.08 27.51
CA ASP D 203 -21.95 -27.21 27.05
C ASP D 203 -22.90 -27.28 28.23
N HIS D 204 -23.86 -26.37 28.29
CA HIS D 204 -24.85 -26.38 29.35
C HIS D 204 -26.27 -26.41 28.79
N ARG D 205 -27.09 -27.32 29.30
CA ARG D 205 -28.48 -27.41 28.90
C ARG D 205 -29.39 -27.33 30.12
N ILE D 206 -30.24 -26.32 30.16
CA ILE D 206 -31.13 -26.10 31.29
C ILE D 206 -32.59 -26.36 30.93
N GLU D 207 -33.26 -27.19 31.71
CA GLU D 207 -34.67 -27.46 31.52
C GLU D 207 -35.45 -27.16 32.79
N ILE D 208 -36.48 -26.36 32.69
CA ILE D 208 -37.28 -26.06 33.85
C ILE D 208 -38.41 -27.03 33.87
N LEU D 209 -38.30 -28.03 34.73
CA LEU D 209 -39.29 -29.08 34.80
C LEU D 209 -40.67 -28.68 35.28
N LYS D 210 -40.75 -27.87 36.33
CA LYS D 210 -42.02 -27.43 36.88
C LYS D 210 -42.00 -25.97 37.22
N ALA D 211 -43.12 -25.28 37.05
CA ALA D 211 -43.23 -23.88 37.40
C ALA D 211 -44.58 -23.49 37.98
N GLU D 212 -44.77 -23.71 39.27
CA GLU D 212 -46.06 -23.54 39.91
C GLU D 212 -46.29 -22.25 40.70
N GLN D 213 -47.43 -21.62 40.46
CA GLN D 213 -47.88 -20.49 41.26
C GLN D 213 -46.80 -19.46 41.49
N GLY D 214 -45.98 -19.24 40.48
CA GLY D 214 -44.89 -18.30 40.60
C GLY D 214 -44.07 -18.43 41.85
N LYS D 215 -44.00 -19.62 42.44
CA LYS D 215 -43.20 -19.78 43.65
C LYS D 215 -42.48 -21.10 43.78
N PHE D 216 -42.78 -22.07 42.93
CA PHE D 216 -42.20 -23.38 43.08
C PHE D 216 -41.68 -23.90 41.75
N TYR D 217 -40.39 -24.18 41.66
CA TYR D 217 -39.79 -24.56 40.39
C TYR D 217 -38.89 -25.79 40.53
N GLU D 218 -38.92 -26.65 39.52
CA GLU D 218 -37.98 -27.77 39.44
C GLU D 218 -37.06 -27.54 38.24
N GLN D 219 -35.77 -27.74 38.45
CA GLN D 219 -34.78 -27.34 37.46
C GLN D 219 -33.73 -28.43 37.21
N TYR D 220 -33.57 -28.81 35.95
CA TYR D 220 -32.61 -29.83 35.57
C TYR D 220 -31.52 -29.25 34.67
N GLU D 221 -30.29 -29.71 34.86
CA GLU D 221 -29.18 -29.31 34.00
C GLU D 221 -28.23 -30.46 33.71
N SER D 222 -27.80 -30.55 32.46
CA SER D 222 -26.70 -31.43 32.07
C SER D 222 -25.57 -30.57 31.50
N ALA D 223 -24.34 -30.88 31.91
CA ALA D 223 -23.19 -30.06 31.51
C ALA D 223 -21.98 -30.91 31.14
N VAL D 224 -21.23 -30.45 30.14
CA VAL D 224 -20.04 -31.15 29.67
C VAL D 224 -18.89 -30.17 29.37
N ALA D 225 -17.69 -30.50 29.82
CA ALA D 225 -16.50 -29.74 29.47
C ALA D 225 -15.67 -30.49 28.43
N ARG D 226 -15.46 -29.86 27.28
CA ARG D 226 -14.86 -30.55 26.14
C ARG D 226 -14.04 -29.62 25.25
N TYR D 227 -13.28 -30.22 24.32
CA TYR D 227 -12.65 -29.46 23.25
C TYR D 227 -13.57 -29.48 22.03
N CYS D 228 -13.23 -28.71 21.01
CA CYS D 228 -13.97 -28.72 19.76
C CYS D 228 -13.86 -30.10 19.12
N GLU D 229 -14.98 -30.80 19.01
CA GLU D 229 -14.98 -32.19 18.57
C GLU D 229 -15.19 -32.33 17.07
N PRO E 12 -42.33 19.20 55.02
CA PRO E 12 -41.73 20.32 54.29
C PRO E 12 -41.57 20.08 52.77
N LEU E 13 -41.05 18.95 52.27
CA LEU E 13 -40.45 17.86 53.02
C LEU E 13 -38.94 17.90 52.89
N VAL E 14 -38.49 18.54 51.81
CA VAL E 14 -37.06 18.74 51.57
C VAL E 14 -36.69 20.19 51.89
N THR E 15 -35.85 20.35 52.90
CA THR E 15 -35.46 21.68 53.36
C THR E 15 -34.08 22.06 52.83
N GLU E 16 -33.60 23.24 53.19
CA GLU E 16 -32.35 23.76 52.63
C GLU E 16 -31.11 23.05 53.19
N ASP E 17 -31.21 22.51 54.40
CA ASP E 17 -30.09 21.81 55.01
C ASP E 17 -30.54 20.48 55.58
N MET E 18 -30.11 19.39 54.94
CA MET E 18 -30.51 18.05 55.36
C MET E 18 -29.28 17.16 55.56
N CYS E 19 -29.47 16.03 56.23
CA CYS E 19 -28.37 15.12 56.55
C CYS E 19 -28.43 13.84 55.75
N ILE E 20 -27.36 13.05 55.83
CA ILE E 20 -27.27 11.80 55.10
C ILE E 20 -26.88 10.65 56.02
N LYS E 21 -27.61 9.55 55.94
CA LYS E 21 -27.21 8.32 56.60
C LYS E 21 -27.18 7.19 55.57
N MET E 22 -26.00 6.61 55.37
CA MET E 22 -25.84 5.56 54.36
C MET E 22 -25.31 4.27 54.95
N THR E 23 -25.87 3.15 54.49
CA THR E 23 -25.29 1.85 54.72
C THR E 23 -25.06 1.17 53.38
N MET E 24 -23.87 0.66 53.17
CA MET E 24 -23.53 -0.02 51.92
C MET E 24 -22.93 -1.39 52.19
N GLU E 25 -23.32 -2.37 51.38
CA GLU E 25 -22.76 -3.70 51.49
C GLU E 25 -22.57 -4.30 50.10
N GLY E 26 -21.56 -5.15 49.96
CA GLY E 26 -21.36 -5.84 48.71
C GLY E 26 -20.09 -6.65 48.60
N THR E 27 -19.85 -7.15 47.38
CA THR E 27 -18.66 -7.91 47.08
C THR E 27 -18.10 -7.42 45.75
N ILE E 28 -16.79 -7.22 45.68
CA ILE E 28 -16.14 -6.86 44.43
C ILE E 28 -14.97 -7.80 44.17
N ASN E 29 -15.06 -8.52 43.06
CA ASN E 29 -14.14 -9.61 42.75
C ASN E 29 -14.04 -10.61 43.90
N GLY E 30 -15.16 -10.83 44.58
CA GLY E 30 -15.23 -11.82 45.64
C GLY E 30 -14.92 -11.31 47.03
N HIS E 31 -14.39 -10.09 47.13
CA HIS E 31 -14.06 -9.54 48.44
CA HIS E 31 -14.04 -9.51 48.42
C HIS E 31 -15.25 -8.85 49.09
N HIS E 32 -15.75 -9.45 50.15
CA HIS E 32 -16.86 -8.89 50.91
C HIS E 32 -16.44 -7.62 51.63
N PHE E 33 -17.31 -6.62 51.65
CA PHE E 33 -17.05 -5.39 52.37
C PHE E 33 -18.33 -4.73 52.84
N LYS E 34 -18.21 -3.91 53.87
CA LYS E 34 -19.32 -3.10 54.36
C LYS E 34 -18.79 -1.72 54.69
N CYS E 35 -19.62 -0.69 54.47
CA CYS E 35 -19.24 0.66 54.86
C CYS E 35 -20.47 1.49 55.19
N VAL E 36 -20.30 2.43 56.12
CA VAL E 36 -21.37 3.29 56.55
C VAL E 36 -21.00 4.76 56.38
N GLY E 37 -22.00 5.58 56.04
CA GLY E 37 -21.73 6.98 55.76
C GLY E 37 -22.60 7.95 56.53
N GLU E 38 -22.00 9.08 56.91
CA GLU E 38 -22.72 10.17 57.54
C GLU E 38 -22.31 11.47 56.88
N GLY E 39 -23.29 12.31 56.57
CA GLY E 39 -22.99 13.57 55.91
C GLY E 39 -24.13 14.56 55.93
N GLU E 40 -23.94 15.67 55.22
CA GLU E 40 -24.96 16.70 55.10
C GLU E 40 -24.72 17.50 53.82
N GLY E 41 -25.72 18.27 53.40
CA GLY E 41 -25.59 19.08 52.22
C GLY E 41 -26.78 19.99 52.03
N LYS E 42 -26.73 20.79 50.97
CA LYS E 42 -27.83 21.67 50.62
C LYS E 42 -28.48 21.18 49.33
N PRO E 43 -29.64 20.53 49.45
CA PRO E 43 -30.33 19.85 48.34
C PRO E 43 -30.61 20.76 47.15
N PHE E 44 -30.88 22.04 47.40
CA PHE E 44 -31.25 22.96 46.33
C PHE E 44 -30.06 23.72 45.76
N GLU E 45 -28.93 23.70 46.47
CA GLU E 45 -27.71 24.29 45.94
C GLU E 45 -26.87 23.21 45.27
N GLY E 46 -27.37 21.98 45.33
CA GLY E 46 -26.73 20.85 44.67
C GLY E 46 -25.38 20.48 45.21
N THR E 47 -25.20 20.63 46.53
CA THR E 47 -23.92 20.33 47.16
C THR E 47 -24.10 19.39 48.36
N GLN E 48 -23.10 18.56 48.61
CA GLN E 48 -23.13 17.61 49.72
C GLN E 48 -21.74 17.13 50.11
N VAL E 49 -21.58 16.78 51.38
CA VAL E 49 -20.36 16.18 51.89
C VAL E 49 -20.71 14.93 52.69
N GLU E 50 -19.81 13.98 52.76
CA GLU E 50 -20.09 12.75 53.47
C GLU E 50 -18.83 12.06 53.93
N LYS E 51 -18.85 11.51 55.14
CA LYS E 51 -17.75 10.76 55.69
C LYS E 51 -18.07 9.26 55.66
N ILE E 52 -17.24 8.49 54.98
CA ILE E 52 -17.49 7.07 54.81
C ILE E 52 -16.45 6.21 55.55
N ARG E 53 -16.94 5.30 56.38
CA ARG E 53 -16.07 4.39 57.11
C ARG E 53 -16.24 2.97 56.60
N ILE E 54 -15.12 2.32 56.26
CA ILE E 54 -15.15 0.90 55.92
C ILE E 54 -15.25 0.10 57.22
N THR E 55 -16.42 -0.51 57.45
CA THR E 55 -16.67 -1.19 58.72
C THR E 55 -16.32 -2.68 58.63
N GLU E 56 -16.35 -3.23 57.43
CA GLU E 56 -15.99 -4.63 57.22
C GLU E 56 -15.24 -4.82 55.91
N GLY E 57 -14.24 -5.69 55.90
CA GLY E 57 -13.49 -5.98 54.70
C GLY E 57 -12.34 -5.03 54.44
N GLY E 58 -12.05 -4.17 55.42
CA GLY E 58 -10.95 -3.23 55.30
C GLY E 58 -9.64 -3.87 55.69
N PRO E 59 -8.52 -3.42 55.09
CA PRO E 59 -8.48 -2.40 54.04
C PRO E 59 -8.91 -2.95 52.68
N LEU E 60 -9.65 -2.15 51.92
CA LEU E 60 -10.15 -2.57 50.62
C LEU E 60 -9.02 -2.99 49.70
N PRO E 61 -9.18 -4.11 49.00
CA PRO E 61 -8.20 -4.59 48.02
C PRO E 61 -8.38 -3.91 46.67
N PHE E 62 -9.43 -3.11 46.55
CA PHE E 62 -9.72 -2.36 45.33
C PHE E 62 -9.73 -0.86 45.62
N ALA E 63 -9.67 -0.06 44.57
CA ALA E 63 -9.68 1.40 44.73
C ALA E 63 -11.04 1.87 45.25
N TYR E 64 -11.02 2.76 46.24
CA TYR E 64 -12.26 3.27 46.80
C TYR E 64 -13.07 4.05 45.76
N ASP E 65 -12.37 4.60 44.78
CA ASP E 65 -12.98 5.49 43.78
C ASP E 65 -14.21 4.91 43.10
N ILE E 66 -14.26 3.59 42.95
CA ILE E 66 -15.37 2.98 42.24
C ILE E 66 -16.61 2.88 43.14
N LEU E 67 -16.41 3.02 44.46
CA LEU E 67 -17.54 3.04 45.37
C LEU E 67 -18.15 4.44 45.46
N ALA E 68 -17.35 5.43 45.10
CA ALA E 68 -17.73 6.83 45.26
C ALA E 68 -19.04 7.21 44.56
N PRO E 69 -19.24 6.80 43.28
CA PRO E 69 -20.52 7.18 42.68
C PRO E 69 -21.64 6.25 43.07
N CYS E 70 -21.35 5.28 43.92
CA CYS E 70 -22.40 4.42 44.43
C CYS E 70 -23.08 5.02 45.69
N CYS E 71 -22.34 5.78 46.52
CA CYS E 71 -22.55 6.52 47.74
CA CYS E 71 -22.53 6.50 47.77
C CYS E 71 -23.19 7.79 47.37
C CYS E 71 -23.28 7.75 47.59
N1 CH6 E 72 -22.86 8.34 46.15
CE CH6 E 72 -21.34 12.83 49.16
SD CH6 E 72 -21.14 12.25 47.51
CG1 CH6 E 72 -22.36 10.99 47.29
CB1 CH6 E 72 -22.43 10.69 45.81
CA1 CH6 E 72 -23.45 9.58 45.73
C1 CH6 E 72 -23.81 9.54 44.31
N2 CH6 E 72 -23.24 10.41 43.44
OH CH6 E 72 -24.02 8.74 35.93
CD2 CH6 E 72 -22.37 10.00 38.99
CE2 CH6 E 72 -22.55 9.44 37.72
CZ CH6 E 72 -23.83 9.30 37.19
CE1 CH6 E 72 -24.95 9.71 37.89
CD1 CH6 E 72 -24.78 10.26 39.15
CG2 CH6 E 72 -23.50 10.41 39.70
CB2 CH6 E 72 -23.35 11.00 41.02
CA2 CH6 E 72 -23.74 10.20 42.21
C2 CH6 E 72 -24.74 9.13 42.37
O2 CH6 E 72 -25.48 8.59 41.46
N3 CH6 E 72 -24.73 8.77 43.66
CA3 CH6 E 72 -25.57 7.71 44.23
C3 CH6 E 72 -26.57 8.34 45.21
O3 CH6 E 72 -27.23 7.71 46.03
N1 NRQ E 72 -23.76 8.20 46.39
CE NRQ E 72 -21.34 12.83 49.16
SD NRQ E 72 -21.14 12.25 47.51
CG1 NRQ E 72 -22.36 10.99 47.29
CB1 NRQ E 72 -21.98 9.86 46.30
CA1 NRQ E 72 -23.14 9.08 45.73
C1 NRQ E 72 -23.61 9.34 44.32
N2 NRQ E 72 -23.05 10.24 43.47
OH NRQ E 72 -24.02 8.74 35.93
CD2 NRQ E 72 -22.37 10.00 38.99
CE2 NRQ E 72 -22.55 9.44 37.72
CZ NRQ E 72 -23.83 9.30 37.19
CE1 NRQ E 72 -24.95 9.71 37.89
CD1 NRQ E 72 -24.78 10.26 39.15
CG2 NRQ E 72 -23.50 10.41 39.70
CB2 NRQ E 72 -23.45 11.02 41.05
CA2 NRQ E 72 -23.69 10.19 42.27
C2 NRQ E 72 -24.79 9.22 42.46
O2 NRQ E 72 -25.67 8.85 41.60
N3 NRQ E 72 -24.64 8.71 43.69
CA3 NRQ E 72 -25.57 7.71 44.23
C3 NRQ E 72 -26.57 8.34 45.21
O3 NRQ E 72 -27.23 7.71 46.03
N SER E 73 -26.63 9.67 45.13
CA SER E 73 -27.29 10.50 46.12
C SER E 73 -28.07 11.60 45.40
N LYS E 74 -29.18 11.20 44.78
CA LYS E 74 -29.84 12.01 43.76
C LYS E 74 -30.69 13.14 44.32
N THR E 75 -30.69 13.32 45.63
CA THR E 75 -31.49 14.38 46.23
C THR E 75 -30.79 15.73 46.16
N PHE E 76 -29.48 15.72 46.33
CA PHE E 76 -28.71 16.93 46.31
C PHE E 76 -28.28 17.36 44.91
N ILE E 77 -29.25 17.68 44.09
CA ILE E 77 -28.98 18.16 42.73
C ILE E 77 -29.72 19.47 42.47
N LYS E 78 -28.97 20.52 42.13
CA LYS E 78 -29.59 21.80 41.84
C LYS E 78 -30.27 21.77 40.47
N HIS E 79 -31.59 21.95 40.47
CA HIS E 79 -32.35 21.95 39.23
C HIS E 79 -32.62 23.36 38.74
N VAL E 80 -32.03 23.70 37.61
CA VAL E 80 -32.26 25.00 36.97
C VAL E 80 -33.26 24.85 35.85
N SER E 81 -33.61 25.96 35.22
CA SER E 81 -34.40 25.97 33.98
C SER E 81 -35.80 25.36 34.14
N GLY E 82 -36.27 25.24 35.38
CA GLY E 82 -37.60 24.74 35.63
C GLY E 82 -37.75 23.23 35.43
N ILE E 83 -36.61 22.53 35.45
CA ILE E 83 -36.64 21.06 35.39
C ILE E 83 -37.32 20.51 36.61
N PRO E 84 -38.37 19.69 36.43
CA PRO E 84 -38.97 19.03 37.59
C PRO E 84 -37.97 18.11 38.28
N ASP E 85 -37.86 18.22 39.60
CA ASP E 85 -36.97 17.35 40.35
C ASP E 85 -37.69 16.04 40.69
N TYR E 86 -37.44 15.03 39.87
CA TYR E 86 -38.02 13.71 40.01
C TYR E 86 -37.75 13.11 41.38
N PHE E 87 -36.60 13.45 41.95
CA PHE E 87 -36.14 12.86 43.21
C PHE E 87 -36.69 13.58 44.44
N LYS E 88 -36.62 14.91 44.43
CA LYS E 88 -37.13 15.70 45.54
C LYS E 88 -38.65 15.59 45.65
N GLU E 89 -39.32 15.50 44.51
CA GLU E 89 -40.78 15.44 44.48
C GLU E 89 -41.31 14.03 44.68
N SER E 90 -40.43 13.08 44.98
CA SER E 90 -40.82 11.68 45.16
C SER E 90 -41.22 11.38 46.59
N PHE E 91 -40.91 12.31 47.50
CA PHE E 91 -41.14 12.10 48.91
C PHE E 91 -42.57 12.50 49.31
N PRO E 92 -43.10 11.92 50.40
CA PRO E 92 -42.47 11.03 51.40
C PRO E 92 -42.22 9.60 50.91
N GLU E 93 -42.82 9.21 49.79
CA GLU E 93 -42.66 7.86 49.26
C GLU E 93 -41.19 7.52 49.01
N GLY E 94 -40.47 8.46 48.40
CA GLY E 94 -39.07 8.25 48.10
C GLY E 94 -38.88 7.53 46.78
N PHE E 95 -37.71 6.93 46.61
CA PHE E 95 -37.40 6.27 45.35
C PHE E 95 -36.30 5.21 45.51
N THR E 96 -36.15 4.38 44.49
CA THR E 96 -35.04 3.47 44.39
C THR E 96 -34.34 3.73 43.07
N TRP E 97 -33.16 3.16 42.88
CA TRP E 97 -32.58 3.10 41.55
C TRP E 97 -31.67 1.89 41.37
N GLU E 98 -31.50 1.51 40.12
CA GLU E 98 -30.74 0.33 39.75
C GLU E 98 -29.75 0.72 38.66
N ARG E 99 -28.51 0.25 38.77
CA ARG E 99 -27.47 0.70 37.87
C ARG E 99 -26.49 -0.39 37.51
N THR E 100 -26.06 -0.41 36.25
CA THR E 100 -24.95 -1.25 35.83
C THR E 100 -23.87 -0.37 35.20
N GLN E 101 -22.66 -0.49 35.72
CA GLN E 101 -21.52 0.28 35.23
C GLN E 101 -20.51 -0.65 34.56
N ILE E 102 -20.29 -0.46 33.27
CA ILE E 102 -19.36 -1.29 32.52
C ILE E 102 -18.07 -0.54 32.20
N PHE E 103 -16.96 -1.03 32.74
CA PHE E 103 -15.64 -0.44 32.47
C PHE E 103 -15.08 -0.99 31.16
N GLU E 104 -14.25 -0.19 30.49
CA GLU E 104 -13.75 -0.57 29.17
C GLU E 104 -12.79 -1.75 29.21
N ASP E 105 -12.27 -2.08 30.40
CA ASP E 105 -11.33 -3.17 30.52
C ASP E 105 -11.98 -4.47 31.02
N GLY E 106 -13.30 -4.48 31.08
CA GLY E 106 -14.03 -5.69 31.42
C GLY E 106 -14.72 -5.67 32.78
N GLY E 107 -14.21 -4.86 33.69
CA GLY E 107 -14.80 -4.76 35.02
C GLY E 107 -16.21 -4.20 34.97
N SER E 108 -17.08 -4.69 35.86
CA SER E 108 -18.45 -4.23 35.89
C SER E 108 -18.99 -4.11 37.32
N LEU E 109 -19.86 -3.12 37.52
CA LEU E 109 -20.54 -2.91 38.78
C LEU E 109 -22.06 -2.88 38.58
N THR E 110 -22.79 -3.55 39.45
CA THR E 110 -24.24 -3.41 39.45
C THR E 110 -24.72 -3.05 40.85
N ILE E 111 -25.56 -2.02 40.91
CA ILE E 111 -25.97 -1.46 42.20
C ILE E 111 -27.48 -1.38 42.33
N HIS E 112 -27.99 -1.79 43.49
CA HIS E 112 -29.35 -1.42 43.88
C HIS E 112 -29.29 -0.45 45.04
N GLN E 113 -30.08 0.62 44.95
CA GLN E 113 -30.09 1.64 46.00
C GLN E 113 -31.49 2.01 46.42
N ASP E 114 -31.68 2.21 47.71
CA ASP E 114 -32.96 2.64 48.25
C ASP E 114 -32.82 3.98 48.95
N THR E 115 -33.66 4.93 48.58
CA THR E 115 -33.62 6.26 49.19
C THR E 115 -34.95 6.60 49.85
N SER E 116 -34.90 6.78 51.17
CA SER E 116 -36.09 7.15 51.92
C SER E 116 -35.83 8.39 52.76
N LEU E 117 -36.91 9.01 53.23
CA LEU E 117 -36.78 10.22 54.06
C LEU E 117 -37.27 9.99 55.48
N GLN E 118 -36.42 10.33 56.44
CA GLN E 118 -36.75 10.21 57.85
C GLN E 118 -36.46 11.52 58.56
N GLY E 119 -37.48 12.35 58.70
CA GLY E 119 -37.32 13.67 59.30
C GLY E 119 -36.39 14.56 58.51
N ASN E 120 -35.20 14.79 59.03
CA ASN E 120 -34.21 15.65 58.39
C ASN E 120 -33.12 14.83 57.70
N ASN E 121 -33.25 13.52 57.77
CA ASN E 121 -32.23 12.63 57.22
C ASN E 121 -32.67 11.85 55.98
N PHE E 122 -31.85 11.91 54.95
CA PHE E 122 -32.00 11.01 53.83
C PHE E 122 -31.35 9.67 54.17
N ILE E 123 -32.11 8.58 54.02
CA ILE E 123 -31.58 7.25 54.33
C ILE E 123 -31.22 6.50 53.06
N PHE E 124 -29.94 6.13 52.94
CA PHE E 124 -29.47 5.39 51.76
C PHE E 124 -29.08 3.97 52.12
N LYS E 125 -29.69 3.01 51.44
CA LYS E 125 -29.31 1.60 51.57
C LYS E 125 -28.78 1.11 50.24
N VAL E 126 -27.52 0.68 50.21
CA VAL E 126 -26.87 0.35 48.95
C VAL E 126 -26.33 -1.09 48.89
N ASN E 127 -26.69 -1.80 47.83
CA ASN E 127 -26.14 -3.13 47.55
C ASN E 127 -25.32 -3.11 46.25
N VAL E 128 -24.12 -3.66 46.30
CA VAL E 128 -23.19 -3.58 45.18
C VAL E 128 -22.55 -4.93 44.85
N ILE E 129 -22.52 -5.31 43.59
CA ILE E 129 -21.76 -6.49 43.18
C ILE E 129 -20.82 -6.12 42.03
N GLY E 130 -19.54 -6.42 42.21
CA GLY E 130 -18.53 -6.14 41.21
C GLY E 130 -17.91 -7.41 40.65
N ALA E 131 -17.79 -7.46 39.33
CA ALA E 131 -17.27 -8.65 38.66
C ALA E 131 -16.20 -8.31 37.63
N ASN E 132 -15.23 -9.21 37.50
CA ASN E 132 -14.28 -9.21 36.39
C ASN E 132 -13.37 -7.99 36.28
N PHE E 133 -13.03 -7.37 37.41
CA PHE E 133 -12.02 -6.33 37.40
C PHE E 133 -10.65 -6.99 37.20
N PRO E 134 -9.95 -6.60 36.13
CA PRO E 134 -8.64 -7.19 35.78
C PRO E 134 -7.65 -7.12 36.93
N ALA E 135 -6.95 -8.22 37.18
CA ALA E 135 -6.05 -8.33 38.31
C ALA E 135 -4.98 -7.25 38.32
N ASN E 136 -4.49 -6.89 37.12
CA ASN E 136 -3.45 -5.89 37.00
C ASN E 136 -3.98 -4.57 36.45
N GLY E 137 -5.29 -4.38 36.50
CA GLY E 137 -5.91 -3.14 36.08
C GLY E 137 -5.80 -2.10 37.18
N PRO E 138 -6.13 -0.84 36.86
CA PRO E 138 -6.00 0.30 37.79
C PRO E 138 -6.83 0.14 39.06
N VAL E 139 -8.03 -0.43 38.96
CA VAL E 139 -8.91 -0.56 40.11
C VAL E 139 -8.35 -1.51 41.17
N MET E 140 -7.97 -2.71 40.75
CA MET E 140 -7.46 -3.71 41.69
C MET E 140 -6.03 -3.41 42.14
N GLN E 141 -5.29 -2.66 41.33
CA GLN E 141 -3.93 -2.28 41.69
C GLN E 141 -3.88 -0.94 42.41
N LYS E 142 -5.04 -0.33 42.59
CA LYS E 142 -5.17 0.97 43.26
C LYS E 142 -4.34 2.05 42.59
N LYS E 143 -4.42 2.15 41.27
CA LYS E 143 -3.65 3.15 40.55
C LYS E 143 -4.55 4.28 40.02
N THR E 144 -5.62 4.56 40.76
CA THR E 144 -6.57 5.59 40.35
C THR E 144 -6.33 6.87 41.13
N ALA E 145 -6.84 7.99 40.61
CA ALA E 145 -6.62 9.28 41.23
C ALA E 145 -7.85 10.18 41.14
N GLY E 146 -9.02 9.61 41.40
CA GLY E 146 -10.25 10.38 41.42
C GLY E 146 -10.96 10.41 40.07
N TRP E 147 -12.18 10.95 40.09
CA TRP E 147 -13.01 11.01 38.88
C TRP E 147 -12.94 12.36 38.18
N GLU E 148 -13.04 12.32 36.86
CA GLU E 148 -13.34 13.52 36.09
C GLU E 148 -14.81 13.85 36.32
N PRO E 149 -15.19 15.12 36.13
CA PRO E 149 -16.63 15.42 36.16
C PRO E 149 -17.36 14.69 35.04
N SER E 150 -18.60 14.28 35.29
CA SER E 150 -19.34 13.50 34.31
C SER E 150 -20.63 14.19 33.89
N VAL E 151 -21.16 13.79 32.73
CA VAL E 151 -22.45 14.26 32.27
C VAL E 151 -23.38 13.08 32.07
N GLU E 152 -24.51 13.11 32.76
CA GLU E 152 -25.53 12.08 32.60
C GLU E 152 -26.66 12.61 31.76
N ILE E 153 -27.19 11.79 30.86
CA ILE E 153 -28.40 12.15 30.14
C ILE E 153 -29.59 11.51 30.84
N LEU E 154 -30.62 12.31 31.09
CA LEU E 154 -31.82 11.82 31.75
C LEU E 154 -32.99 11.93 30.80
N TYR E 155 -33.77 10.84 30.71
CA TYR E 155 -34.91 10.80 29.81
C TYR E 155 -35.97 9.84 30.33
N PRO E 156 -37.24 10.18 30.14
CA PRO E 156 -38.35 9.33 30.56
C PRO E 156 -38.50 8.09 29.68
N ARG E 157 -38.83 6.96 30.31
CA ARG E 157 -39.08 5.73 29.56
C ARG E 157 -39.97 4.79 30.35
N ASP E 158 -41.13 4.47 29.79
CA ASP E 158 -42.09 3.53 30.37
C ASP E 158 -42.50 3.89 31.79
N GLY E 159 -42.73 5.18 32.03
CA GLY E 159 -43.28 5.64 33.30
C GLY E 159 -42.25 6.01 34.35
N VAL E 160 -40.98 5.72 34.08
CA VAL E 160 -39.91 6.03 35.03
C VAL E 160 -38.80 6.83 34.36
N LEU E 161 -37.79 7.20 35.14
CA LEU E 161 -36.70 8.02 34.66
C LEU E 161 -35.43 7.21 34.44
N CYS E 162 -34.91 7.24 33.21
CA CYS E 162 -33.69 6.52 32.89
C CYS E 162 -32.51 7.47 32.80
N GLY E 163 -31.32 6.94 33.05
CA GLY E 163 -30.10 7.72 32.96
C GLY E 163 -28.98 6.94 32.32
N GLN E 164 -28.16 7.64 31.54
CA GLN E 164 -26.94 7.06 31.00
C GLN E 164 -25.82 8.08 31.11
N ALA E 165 -24.63 7.62 31.49
CA ALA E 165 -23.49 8.51 31.59
C ALA E 165 -22.20 7.80 31.28
N LEU E 166 -21.22 8.58 30.84
CA LEU E 166 -19.85 8.12 30.73
C LEU E 166 -19.09 8.68 31.92
N MET E 167 -18.32 7.82 32.58
CA MET E 167 -17.45 8.29 33.65
C MET E 167 -16.00 7.95 33.29
N ALA E 168 -15.09 8.85 33.63
CA ALA E 168 -13.68 8.65 33.34
C ALA E 168 -12.86 8.67 34.63
N LEU E 169 -12.25 7.54 34.94
CA LEU E 169 -11.42 7.41 36.12
C LEU E 169 -9.98 7.80 35.78
N LYS E 170 -9.45 8.78 36.50
CA LYS E 170 -8.07 9.20 36.29
C LYS E 170 -7.12 8.14 36.85
N CYS E 171 -6.06 7.86 36.11
CA CYS E 171 -5.07 6.87 36.53
C CYS E 171 -3.72 7.55 36.81
N THR E 172 -2.89 6.91 37.62
CA THR E 172 -1.63 7.51 38.07
C THR E 172 -0.60 7.64 36.96
N ASP E 173 -0.80 6.95 35.84
CA ASP E 173 0.14 7.05 34.73
C ASP E 173 -0.28 8.14 33.73
N GLY E 174 -1.39 8.79 34.01
CA GLY E 174 -1.87 9.88 33.17
C GLY E 174 -3.06 9.50 32.31
N ASP E 175 -3.22 8.20 32.08
CA ASP E 175 -4.31 7.70 31.25
C ASP E 175 -5.66 7.82 31.96
N HIS E 176 -6.74 7.61 31.22
CA HIS E 176 -8.07 7.55 31.81
C HIS E 176 -8.66 6.15 31.61
N LEU E 177 -9.40 5.68 32.61
CA LEU E 177 -10.16 4.44 32.48
C LEU E 177 -11.65 4.77 32.45
N THR E 178 -12.26 4.60 31.29
CA THR E 178 -13.64 5.02 31.09
C THR E 178 -14.64 3.91 31.39
N SER E 179 -15.88 4.30 31.70
CA SER E 179 -16.94 3.34 31.96
C SER E 179 -18.28 3.86 31.45
N HIS E 180 -19.23 2.96 31.24
CA HIS E 180 -20.56 3.33 30.75
C HIS E 180 -21.63 2.94 31.76
N LEU E 181 -22.42 3.93 32.17
CA LEU E 181 -23.44 3.72 33.20
C LEU E 181 -24.84 3.69 32.60
N ARG E 182 -25.62 2.69 32.98
CA ARG E 182 -27.04 2.67 32.64
C ARG E 182 -27.86 2.55 33.92
N THR E 183 -28.73 3.54 34.14
CA THR E 183 -29.48 3.61 35.39
C THR E 183 -30.97 3.80 35.15
N THR E 184 -31.78 3.11 35.95
CA THR E 184 -33.21 3.37 35.98
C THR E 184 -33.59 3.90 37.36
N TYR E 185 -34.21 5.08 37.37
CA TYR E 185 -34.66 5.68 38.63
C TYR E 185 -36.15 5.45 38.80
N ARG E 186 -36.54 4.89 39.94
CA ARG E 186 -37.94 4.53 40.16
C ARG E 186 -38.55 5.25 41.36
N SER E 187 -39.36 6.28 41.07
CA SER E 187 -40.10 6.97 42.12
C SER E 187 -41.23 6.10 42.63
N ARG E 188 -41.44 6.12 43.95
CA ARG E 188 -42.49 5.32 44.57
C ARG E 188 -43.82 6.06 44.58
N LYS E 189 -43.83 7.26 44.01
CA LYS E 189 -45.06 8.01 43.88
C LYS E 189 -46.00 7.34 42.90
N PRO E 190 -47.28 7.57 43.05
CA PRO E 190 -48.25 6.98 42.15
C PRO E 190 -48.17 7.61 40.81
N SER E 191 -48.01 6.79 39.78
CA SER E 191 -47.82 7.24 38.42
C SER E 191 -48.58 8.48 38.06
N ASN E 192 -49.67 8.71 38.74
CA ASN E 192 -50.62 9.71 38.35
C ASN E 192 -50.28 11.02 38.95
N ALA E 193 -49.47 10.94 40.00
CA ALA E 193 -49.02 12.13 40.73
C ALA E 193 -47.55 12.44 40.42
N VAL E 194 -47.00 11.76 39.44
CA VAL E 194 -45.59 11.94 39.06
C VAL E 194 -45.42 13.08 38.06
N ASN E 195 -44.51 14.00 38.37
CA ASN E 195 -44.19 15.09 37.45
C ASN E 195 -42.91 14.79 36.69
N MET E 196 -43.05 14.05 35.59
CA MET E 196 -41.90 13.57 34.82
C MET E 196 -41.23 14.66 34.01
N PRO E 197 -39.90 14.81 34.18
CA PRO E 197 -39.14 15.81 33.43
C PRO E 197 -38.89 15.37 31.99
N GLU E 198 -38.53 16.32 31.14
CA GLU E 198 -38.16 16.02 29.76
C GLU E 198 -36.67 15.72 29.70
N PHE E 199 -36.18 15.36 28.51
CA PHE E 199 -34.77 15.07 28.31
C PHE E 199 -33.90 16.21 28.79
N HIS E 200 -32.95 15.91 29.67
CA HIS E 200 -32.03 16.93 30.17
C HIS E 200 -30.70 16.31 30.59
N PHE E 201 -29.79 17.16 31.05
CA PHE E 201 -28.46 16.71 31.43
C PHE E 201 -28.21 16.81 32.92
N GLY E 202 -27.30 15.99 33.43
CA GLY E 202 -26.90 16.04 34.82
C GLY E 202 -25.39 16.13 34.96
N ASP E 203 -24.90 17.30 35.38
CA ASP E 203 -23.48 17.49 35.62
C ASP E 203 -23.11 17.07 37.04
N HIS E 204 -22.21 16.10 37.16
CA HIS E 204 -21.76 15.64 38.47
C HIS E 204 -20.26 15.75 38.64
N ARG E 205 -19.82 16.33 39.75
CA ARG E 205 -18.39 16.39 40.07
C ARG E 205 -18.12 15.78 41.44
N ILE E 206 -17.31 14.73 41.47
CA ILE E 206 -16.98 14.06 42.72
C ILE E 206 -15.52 14.29 43.11
N GLU E 207 -15.32 14.70 44.36
CA GLU E 207 -13.98 14.91 44.89
C GLU E 207 -13.79 14.18 46.21
N ILE E 208 -12.77 13.39 46.31
CA ILE E 208 -12.49 12.70 47.55
C ILE E 208 -11.48 13.54 48.31
N LEU E 209 -11.92 14.17 49.39
CA LEU E 209 -11.15 15.16 50.11
C LEU E 209 -10.15 14.64 51.09
N LYS E 210 -10.27 13.38 51.46
CA LYS E 210 -9.37 12.82 52.44
C LYS E 210 -9.53 11.33 52.33
N ALA E 211 -8.53 10.57 52.70
CA ALA E 211 -8.63 9.15 52.51
C ALA E 211 -7.71 8.32 53.37
N GLU E 212 -7.66 8.66 54.65
CA GLU E 212 -6.80 7.98 55.62
C GLU E 212 -6.94 6.45 55.70
N GLN E 213 -5.82 5.76 55.73
CA GLN E 213 -5.76 4.37 56.18
C GLN E 213 -6.66 3.37 55.45
N GLY E 214 -7.05 3.71 54.24
CA GLY E 214 -7.91 2.89 53.43
C GLY E 214 -9.16 2.49 54.20
N LYS E 215 -9.49 3.24 55.23
CA LYS E 215 -10.72 2.97 55.95
C LYS E 215 -11.60 4.17 56.14
N PHE E 216 -11.08 5.35 55.89
CA PHE E 216 -11.85 6.54 56.16
C PHE E 216 -11.80 7.43 54.95
N TYR E 217 -12.94 7.84 54.44
CA TYR E 217 -12.95 8.69 53.28
C TYR E 217 -13.90 9.83 53.44
N GLU E 218 -13.46 11.01 53.07
CA GLU E 218 -14.35 12.16 53.00
C GLU E 218 -14.65 12.47 51.54
N GLN E 219 -15.92 12.66 51.22
CA GLN E 219 -16.36 12.73 49.85
C GLN E 219 -17.29 13.91 49.58
N TYR E 220 -16.93 14.74 48.60
CA TYR E 220 -17.72 15.90 48.24
C TYR E 220 -18.27 15.75 46.82
N GLU E 221 -19.50 16.20 46.61
CA GLU E 221 -20.08 16.23 45.28
C GLU E 221 -20.97 17.44 45.06
N SER E 222 -20.78 18.10 43.92
CA SER E 222 -21.71 19.11 43.46
C SER E 222 -22.40 18.62 42.20
N ALA E 223 -23.67 18.96 42.04
CA ALA E 223 -24.45 18.48 40.91
C ALA E 223 -25.48 19.50 40.41
N VAL E 224 -25.73 19.49 39.10
CA VAL E 224 -26.70 20.39 38.49
C VAL E 224 -27.50 19.67 37.41
N ALA E 225 -28.81 19.89 37.41
CA ALA E 225 -29.67 19.40 36.34
C ALA E 225 -30.02 20.55 35.41
N ARG E 226 -29.76 20.37 34.12
CA ARG E 226 -29.86 21.49 33.17
C ARG E 226 -30.15 21.05 31.74
N TYR E 227 -30.42 22.02 30.88
CA TYR E 227 -30.45 21.80 29.44
C TYR E 227 -29.08 22.11 28.87
N CYS E 228 -28.91 21.91 27.56
CA CYS E 228 -27.66 22.29 26.90
C CYS E 228 -27.53 23.81 26.87
N GLU E 229 -26.49 24.32 27.50
CA GLU E 229 -26.27 25.76 27.59
C GLU E 229 -25.21 26.23 26.60
N PRO F 12 -10.10 -21.92 -21.00
CA PRO F 12 -10.62 -22.84 -22.01
C PRO F 12 -9.56 -23.79 -22.58
N LEU F 13 -8.55 -23.22 -23.23
CA LEU F 13 -7.53 -24.02 -23.89
C LEU F 13 -6.28 -24.17 -23.04
N VAL F 14 -6.16 -23.34 -22.01
CA VAL F 14 -5.03 -23.41 -21.09
C VAL F 14 -5.44 -24.06 -19.78
N THR F 15 -4.79 -25.17 -19.44
CA THR F 15 -5.13 -25.93 -18.24
C THR F 15 -4.08 -25.74 -17.16
N GLU F 16 -4.31 -26.35 -15.99
CA GLU F 16 -3.42 -26.17 -14.84
C GLU F 16 -2.09 -26.92 -15.01
N ASP F 17 -2.07 -27.94 -15.86
CA ASP F 17 -0.84 -28.68 -16.15
C ASP F 17 -0.58 -28.73 -17.65
N MET F 18 0.53 -28.15 -18.10
CA MET F 18 0.85 -28.12 -19.53
C MET F 18 2.34 -28.39 -19.78
N CYS F 19 2.66 -28.79 -21.00
CA CYS F 19 4.02 -29.17 -21.37
C CYS F 19 4.66 -28.17 -22.35
N ILE F 20 5.98 -28.27 -22.49
CA ILE F 20 6.75 -27.36 -23.33
C ILE F 20 7.58 -28.10 -24.38
N LYS F 21 7.47 -27.65 -25.63
CA LYS F 21 8.35 -28.10 -26.71
C LYS F 21 9.04 -26.88 -27.33
N MET F 22 10.37 -26.84 -27.23
CA MET F 22 11.10 -25.68 -27.72
C MET F 22 12.18 -26.04 -28.74
N THR F 23 12.21 -25.28 -29.84
CA THR F 23 13.33 -25.35 -30.77
C THR F 23 14.00 -23.98 -30.87
N MET F 24 15.32 -23.96 -30.69
CA MET F 24 16.08 -22.73 -30.78
C MET F 24 17.28 -22.88 -31.71
N GLU F 25 17.49 -21.88 -32.55
CA GLU F 25 18.66 -21.82 -33.42
C GLU F 25 19.21 -20.40 -33.40
N GLY F 26 20.52 -20.26 -33.56
CA GLY F 26 21.10 -18.93 -33.60
C GLY F 26 22.61 -18.83 -33.73
N THR F 27 23.10 -17.60 -33.77
CA THR F 27 24.52 -17.31 -33.88
C THR F 27 24.91 -16.21 -32.92
N ILE F 28 25.90 -16.47 -32.08
CA ILE F 28 26.39 -15.49 -31.12
C ILE F 28 27.89 -15.30 -31.25
N ASN F 29 28.30 -14.08 -31.58
CA ASN F 29 29.69 -13.75 -31.85
C ASN F 29 30.28 -14.68 -32.92
N GLY F 30 29.47 -15.03 -33.91
CA GLY F 30 29.92 -15.84 -35.02
C GLY F 30 29.74 -17.33 -34.84
N HIS F 31 29.43 -17.77 -33.61
CA HIS F 31 29.30 -19.20 -33.34
C HIS F 31 27.86 -19.68 -33.50
N HIS F 32 27.64 -20.54 -34.50
CA HIS F 32 26.32 -21.10 -34.72
CA HIS F 32 26.33 -21.12 -34.74
C HIS F 32 26.02 -22.18 -33.69
N PHE F 33 24.76 -22.26 -33.29
CA PHE F 33 24.33 -23.25 -32.32
C PHE F 33 22.87 -23.61 -32.53
N LYS F 34 22.47 -24.73 -31.93
CA LYS F 34 21.08 -25.15 -31.94
C LYS F 34 20.81 -25.92 -30.66
N CYS F 35 19.61 -25.76 -30.11
CA CYS F 35 19.26 -26.49 -28.91
C CYS F 35 17.77 -26.82 -28.89
N VAL F 36 17.43 -27.91 -28.21
CA VAL F 36 16.05 -28.35 -28.11
C VAL F 36 15.66 -28.45 -26.63
N GLY F 37 14.41 -28.08 -26.33
CA GLY F 37 13.95 -28.07 -24.95
C GLY F 37 12.63 -28.77 -24.76
N GLU F 38 12.50 -29.47 -23.64
CA GLU F 38 11.24 -30.06 -23.25
C GLU F 38 11.04 -29.92 -21.75
N GLY F 39 9.84 -29.52 -21.35
CA GLY F 39 9.56 -29.31 -19.94
C GLY F 39 8.07 -29.20 -19.68
N GLU F 40 7.73 -28.80 -18.46
CA GLU F 40 6.34 -28.66 -18.07
C GLU F 40 6.20 -27.58 -17.00
N GLY F 41 4.96 -27.22 -16.69
CA GLY F 41 4.71 -26.22 -15.69
C GLY F 41 3.24 -26.01 -15.38
N LYS F 42 2.97 -25.14 -14.41
CA LYS F 42 1.61 -24.78 -14.07
C LYS F 42 1.36 -23.33 -14.46
N PRO F 43 0.68 -23.11 -15.60
CA PRO F 43 0.45 -21.79 -16.19
C PRO F 43 -0.15 -20.77 -15.24
N PHE F 44 -1.07 -21.21 -14.38
CA PHE F 44 -1.79 -20.30 -13.49
C PHE F 44 -1.08 -20.11 -12.15
N GLU F 45 -0.13 -20.99 -11.85
CA GLU F 45 0.66 -20.82 -10.63
C GLU F 45 1.96 -20.10 -10.98
N GLY F 46 2.15 -19.85 -12.27
CA GLY F 46 3.28 -19.08 -12.75
C GLY F 46 4.61 -19.78 -12.57
N THR F 47 4.61 -21.10 -12.66
CA THR F 47 5.83 -21.88 -12.48
C THR F 47 6.07 -22.82 -13.66
N GLN F 48 7.35 -23.12 -13.92
CA GLN F 48 7.71 -23.99 -15.03
C GLN F 48 9.17 -24.45 -14.92
N VAL F 49 9.44 -25.65 -15.44
CA VAL F 49 10.79 -26.18 -15.49
C VAL F 49 11.03 -26.78 -16.87
N GLU F 50 12.25 -26.68 -17.38
CA GLU F 50 12.50 -27.19 -18.72
C GLU F 50 13.91 -27.66 -18.82
N LYS F 51 14.10 -28.73 -19.60
CA LYS F 51 15.40 -29.34 -19.83
C LYS F 51 15.91 -29.01 -21.22
N ILE F 52 17.06 -28.35 -21.29
CA ILE F 52 17.61 -27.87 -22.55
C ILE F 52 18.82 -28.66 -23.00
N ARG F 53 18.80 -29.14 -24.22
CA ARG F 53 19.99 -29.79 -24.73
C ARG F 53 20.55 -29.11 -25.97
N ILE F 54 21.84 -28.89 -25.96
CA ILE F 54 22.50 -28.23 -27.04
C ILE F 54 22.84 -29.24 -28.11
N THR F 55 21.94 -29.38 -29.06
CA THR F 55 22.17 -30.29 -30.13
C THR F 55 23.37 -29.97 -31.03
N GLU F 56 23.52 -28.71 -31.42
CA GLU F 56 24.48 -28.40 -32.47
C GLU F 56 25.66 -27.51 -32.16
N GLY F 57 25.61 -26.72 -31.10
CA GLY F 57 26.68 -25.80 -30.82
C GLY F 57 27.79 -26.38 -30.00
N GLY F 58 27.53 -27.53 -29.40
CA GLY F 58 28.29 -27.99 -28.27
C GLY F 58 29.74 -28.20 -28.61
N PRO F 59 30.78 -27.72 -27.78
CA PRO F 59 30.35 -27.07 -26.54
C PRO F 59 30.42 -25.55 -26.61
N LEU F 60 29.36 -24.90 -26.14
CA LEU F 60 29.20 -23.48 -26.33
C LEU F 60 30.36 -22.72 -25.80
N PRO F 61 30.80 -21.78 -26.60
CA PRO F 61 31.94 -20.90 -26.30
C PRO F 61 31.51 -19.68 -25.49
N PHE F 62 30.22 -19.59 -25.19
CA PHE F 62 29.69 -18.51 -24.38
C PHE F 62 28.90 -19.06 -23.20
N ALA F 63 28.66 -18.21 -22.21
CA ALA F 63 27.85 -18.60 -21.05
C ALA F 63 26.43 -18.91 -21.48
N TYR F 64 25.88 -20.02 -20.98
CA TYR F 64 24.52 -20.40 -21.30
C TYR F 64 23.51 -19.39 -20.77
N ASP F 65 23.89 -18.71 -19.70
CA ASP F 65 23.04 -17.74 -19.00
C ASP F 65 22.29 -16.77 -19.91
N ILE F 66 22.95 -16.31 -20.98
CA ILE F 66 22.36 -15.33 -21.87
C ILE F 66 21.24 -15.96 -22.70
N LEU F 67 21.22 -17.29 -22.76
CA LEU F 67 20.18 -17.99 -23.50
C LEU F 67 18.91 -18.15 -22.67
N ALA F 68 19.08 -18.38 -21.37
CA ALA F 68 17.97 -18.62 -20.45
C ALA F 68 16.76 -17.69 -20.66
N PRO F 69 16.98 -16.35 -20.71
CA PRO F 69 15.78 -15.53 -20.89
C PRO F 69 15.15 -15.62 -22.29
N CYS F 70 15.78 -16.37 -23.20
CA CYS F 70 15.20 -16.59 -24.53
C CYS F 70 14.29 -17.83 -24.59
N CYS F 71 14.58 -18.88 -23.81
CA CYS F 71 14.00 -20.18 -23.56
CA CYS F 71 14.02 -20.20 -23.59
C CYS F 71 12.80 -19.98 -22.77
C CYS F 71 12.74 -20.15 -22.89
N1 CH6 F 72 12.79 -18.96 -21.86
CE CH6 F 72 11.50 -22.23 -17.65
SD CH6 F 72 12.77 -21.03 -17.91
CG1 CH6 F 72 12.32 -20.74 -19.58
CB1 CH6 F 72 11.78 -19.32 -19.67
CA1 CH6 F 72 11.63 -18.69 -21.04
C1 CH6 F 72 11.45 -17.25 -20.81
N2 CH6 F 72 11.57 -16.68 -19.59
OH CH6 F 72 12.89 -9.03 -18.93
CD2 CH6 F 72 12.89 -12.57 -17.89
CE2 CH6 F 72 13.25 -11.23 -18.00
CZ CH6 F 72 12.53 -10.36 -18.82
CE1 CH6 F 72 11.44 -10.81 -19.53
CD1 CH6 F 72 11.07 -12.14 -19.43
CG2 CH6 F 72 11.79 -13.03 -18.62
CB2 CH6 F 72 11.35 -14.43 -18.53
CA2 CH6 F 72 11.34 -15.36 -19.68
C2 CH6 F 72 11.01 -15.11 -21.10
O2 CH6 F 72 10.72 -14.00 -21.67
N3 CH6 F 72 11.11 -16.30 -21.72
CA3 CH6 F 72 10.87 -16.48 -23.15
C3 CH6 F 72 9.55 -17.22 -23.31
O3 CH6 F 72 9.02 -17.50 -24.36
N1 NRQ F 72 12.16 -18.97 -22.46
CE NRQ F 72 11.50 -22.23 -17.65
SD NRQ F 72 12.77 -21.03 -17.91
CG1 NRQ F 72 12.32 -20.74 -19.58
CB1 NRQ F 72 12.93 -19.45 -20.20
CA1 NRQ F 72 12.30 -18.58 -21.26
C1 NRQ F 72 11.82 -17.20 -20.90
N2 NRQ F 72 11.92 -16.65 -19.67
OH NRQ F 72 12.89 -9.03 -18.93
CD2 NRQ F 72 12.89 -12.57 -17.89
CE2 NRQ F 72 13.25 -11.23 -18.00
CZ NRQ F 72 12.53 -10.36 -18.82
CE1 NRQ F 72 11.44 -10.81 -19.53
CD1 NRQ F 72 11.07 -12.14 -19.43
CG2 NRQ F 72 11.79 -13.03 -18.62
CB2 NRQ F 72 11.29 -14.43 -18.56
CA2 NRQ F 72 11.43 -15.39 -19.69
C2 NRQ F 72 10.92 -15.20 -21.07
O2 NRQ F 72 10.36 -14.15 -21.56
N3 NRQ F 72 11.24 -16.31 -21.74
CA3 NRQ F 72 10.87 -16.48 -23.15
C3 NRQ F 72 9.55 -17.22 -23.31
O3 NRQ F 72 9.02 -17.50 -24.36
N SER F 73 8.96 -17.47 -22.15
CA SER F 73 7.84 -18.41 -22.00
C SER F 73 6.76 -17.72 -21.21
N LYS F 74 6.02 -16.88 -21.92
CA LYS F 74 5.12 -15.92 -21.31
C LYS F 74 3.77 -16.51 -20.90
N THR F 75 3.60 -17.82 -21.06
CA THR F 75 2.30 -18.42 -20.80
C THR F 75 2.26 -18.95 -19.39
N PHE F 76 3.40 -19.02 -18.76
CA PHE F 76 3.48 -19.52 -17.39
C PHE F 76 3.66 -18.38 -16.39
N ILE F 77 2.76 -17.41 -16.44
CA ILE F 77 2.81 -16.25 -15.56
C ILE F 77 1.54 -16.11 -14.74
N LYS F 78 1.69 -16.07 -13.43
CA LYS F 78 0.55 -15.89 -12.53
C LYS F 78 0.10 -14.43 -12.52
N HIS F 79 -1.14 -14.20 -12.94
CA HIS F 79 -1.69 -12.85 -12.97
C HIS F 79 -2.58 -12.59 -11.77
N VAL F 80 -2.22 -11.59 -10.97
CA VAL F 80 -3.03 -11.20 -9.82
C VAL F 80 -3.72 -9.86 -10.07
N SER F 81 -4.58 -9.48 -9.13
CA SER F 81 -5.27 -8.20 -9.17
C SER F 81 -6.11 -7.99 -10.43
N GLY F 82 -6.58 -9.09 -11.03
CA GLY F 82 -7.48 -9.03 -12.17
C GLY F 82 -6.85 -8.55 -13.47
N ILE F 83 -5.52 -8.52 -13.52
CA ILE F 83 -4.81 -8.12 -14.74
C ILE F 83 -5.02 -9.16 -15.83
N PRO F 84 -5.53 -8.74 -16.99
CA PRO F 84 -5.80 -9.64 -18.12
C PRO F 84 -4.52 -10.32 -18.63
N ASP F 85 -4.60 -11.63 -18.85
CA ASP F 85 -3.46 -12.38 -19.37
C ASP F 85 -3.42 -12.32 -20.88
N TYR F 86 -2.66 -11.38 -21.41
CA TYR F 86 -2.51 -11.15 -22.86
C TYR F 86 -2.05 -12.40 -23.59
N PHE F 87 -1.28 -13.24 -22.91
CA PHE F 87 -0.67 -14.41 -23.52
C PHE F 87 -1.57 -15.64 -23.48
N LYS F 88 -2.17 -15.91 -22.32
CA LYS F 88 -3.09 -17.03 -22.19
C LYS F 88 -4.36 -16.84 -23.02
N GLU F 89 -4.79 -15.60 -23.16
CA GLU F 89 -6.02 -15.29 -23.87
C GLU F 89 -5.80 -15.14 -25.37
N SER F 90 -4.58 -15.41 -25.82
CA SER F 90 -4.21 -15.27 -27.22
C SER F 90 -4.55 -16.51 -28.04
N PHE F 91 -4.76 -17.62 -27.35
CA PHE F 91 -4.95 -18.91 -28.01
C PHE F 91 -6.39 -19.11 -28.47
N PRO F 92 -6.60 -19.96 -29.51
CA PRO F 92 -5.66 -20.85 -30.19
C PRO F 92 -4.66 -20.15 -31.11
N GLU F 93 -4.93 -18.90 -31.48
CA GLU F 93 -4.08 -18.16 -32.40
C GLU F 93 -2.63 -18.11 -31.92
N GLY F 94 -2.45 -17.84 -30.63
CA GLY F 94 -1.12 -17.77 -30.05
C GLY F 94 -0.51 -16.40 -30.27
N PHE F 95 0.81 -16.30 -30.12
CA PHE F 95 1.48 -15.02 -30.24
C PHE F 95 2.94 -15.14 -30.66
N THR F 96 3.53 -13.99 -30.98
CA THR F 96 4.96 -13.90 -31.24
C THR F 96 5.52 -12.76 -30.39
N TRP F 97 6.83 -12.76 -30.18
CA TRP F 97 7.46 -11.58 -29.63
C TRP F 97 8.86 -11.38 -30.19
N GLU F 98 9.28 -10.12 -30.14
CA GLU F 98 10.56 -9.69 -30.69
C GLU F 98 11.29 -8.90 -29.61
N ARG F 99 12.57 -9.14 -29.44
CA ARG F 99 13.29 -8.52 -28.33
C ARG F 99 14.74 -8.19 -28.67
N THR F 100 15.16 -6.99 -28.27
CA THR F 100 16.56 -6.62 -28.32
C THR F 100 17.08 -6.45 -26.89
N GLN F 101 18.21 -7.07 -26.59
CA GLN F 101 18.81 -6.96 -25.27
C GLN F 101 20.22 -6.39 -25.38
N ILE F 102 20.41 -5.18 -24.84
CA ILE F 102 21.69 -4.51 -24.89
C ILE F 102 22.43 -4.57 -23.56
N PHE F 103 23.56 -5.26 -23.55
CA PHE F 103 24.39 -5.34 -22.34
C PHE F 103 25.23 -4.06 -22.22
N GLU F 104 25.60 -3.72 -21.00
CA GLU F 104 26.31 -2.47 -20.75
C GLU F 104 27.75 -2.47 -21.27
N ASP F 105 28.28 -3.66 -21.55
CA ASP F 105 29.67 -3.76 -22.01
C ASP F 105 29.76 -3.90 -23.53
N GLY F 106 28.64 -3.72 -24.22
CA GLY F 106 28.65 -3.67 -25.67
C GLY F 106 27.99 -4.83 -26.38
N GLY F 107 27.82 -5.96 -25.68
CA GLY F 107 27.17 -7.12 -26.26
C GLY F 107 25.70 -6.87 -26.49
N SER F 108 25.13 -7.52 -27.51
CA SER F 108 23.71 -7.35 -27.81
C SER F 108 23.07 -8.61 -28.37
N LEU F 109 21.82 -8.83 -27.99
CA LEU F 109 21.02 -9.94 -28.47
C LEU F 109 19.72 -9.45 -29.10
N THR F 110 19.37 -10.01 -30.25
CA THR F 110 18.04 -9.77 -30.79
C THR F 110 17.36 -11.11 -31.07
N ILE F 111 16.15 -11.26 -30.55
CA ILE F 111 15.45 -12.53 -30.56
C ILE F 111 14.09 -12.45 -31.24
N HIS F 112 13.77 -13.46 -32.03
CA HIS F 112 12.40 -13.65 -32.47
C HIS F 112 11.88 -14.97 -31.92
N GLN F 113 10.63 -14.94 -31.45
CA GLN F 113 10.03 -16.13 -30.85
C GLN F 113 8.62 -16.36 -31.36
N ASP F 114 8.28 -17.62 -31.61
CA ASP F 114 6.94 -17.99 -32.01
C ASP F 114 6.32 -18.92 -30.97
N THR F 115 5.13 -18.56 -30.50
CA THR F 115 4.44 -19.37 -29.51
C THR F 115 3.08 -19.85 -30.03
N SER F 116 2.96 -21.16 -30.20
CA SER F 116 1.70 -21.75 -30.64
C SER F 116 1.26 -22.84 -29.67
N LEU F 117 0.00 -23.25 -29.79
CA LEU F 117 -0.54 -24.28 -28.91
C LEU F 117 -0.97 -25.53 -29.69
N GLN F 118 -0.50 -26.68 -29.24
CA GLN F 118 -0.84 -27.95 -29.86
C GLN F 118 -1.30 -28.93 -28.79
N GLY F 119 -2.61 -28.96 -28.55
CA GLY F 119 -3.16 -29.82 -27.51
C GLY F 119 -2.71 -29.37 -26.13
N ASN F 120 -1.91 -30.20 -25.48
CA ASN F 120 -1.41 -29.92 -24.15
C ASN F 120 -0.03 -29.30 -24.17
N ASN F 121 0.51 -29.10 -25.37
CA ASN F 121 1.88 -28.62 -25.51
C ASN F 121 1.99 -27.21 -26.08
N PHE F 122 2.68 -26.33 -25.36
CA PHE F 122 3.10 -25.05 -25.92
C PHE F 122 4.30 -25.28 -26.84
N ILE F 123 4.23 -24.74 -28.05
CA ILE F 123 5.32 -24.89 -29.00
C ILE F 123 6.12 -23.60 -29.12
N PHE F 124 7.40 -23.67 -28.80
CA PHE F 124 8.29 -22.51 -28.88
C PHE F 124 9.31 -22.66 -30.00
N LYS F 125 9.28 -21.74 -30.96
CA LYS F 125 10.33 -21.64 -31.97
C LYS F 125 11.11 -20.35 -31.74
N VAL F 126 12.41 -20.46 -31.54
CA VAL F 126 13.22 -19.29 -31.17
C VAL F 126 14.40 -19.07 -32.12
N ASN F 127 14.58 -17.82 -32.55
CA ASN F 127 15.73 -17.43 -33.36
C ASN F 127 16.52 -16.32 -32.67
N VAL F 128 17.83 -16.51 -32.53
CA VAL F 128 18.67 -15.59 -31.76
C VAL F 128 19.95 -15.18 -32.49
N ILE F 129 20.21 -13.87 -32.56
CA ILE F 129 21.48 -13.40 -33.09
C ILE F 129 22.18 -12.50 -32.07
N GLY F 130 23.40 -12.86 -31.71
CA GLY F 130 24.18 -12.10 -30.75
C GLY F 130 25.39 -11.46 -31.40
N ALA F 131 25.72 -10.25 -30.98
CA ALA F 131 26.82 -9.51 -31.58
C ALA F 131 27.63 -8.71 -30.57
N ASN F 132 28.93 -8.60 -30.83
CA ASN F 132 29.81 -7.67 -30.12
C ASN F 132 30.02 -7.94 -28.64
N PHE F 133 29.84 -9.19 -28.21
CA PHE F 133 30.18 -9.56 -26.85
C PHE F 133 31.70 -9.51 -26.70
N PRO F 134 32.19 -8.70 -25.75
CA PRO F 134 33.62 -8.50 -25.53
C PRO F 134 34.36 -9.82 -25.32
N ALA F 135 35.51 -9.97 -25.97
CA ALA F 135 36.28 -11.20 -25.91
C ALA F 135 36.66 -11.59 -24.49
N ASN F 136 37.00 -10.59 -23.68
CA ASN F 136 37.40 -10.84 -22.30
C ASN F 136 36.30 -10.53 -21.29
N GLY F 137 35.07 -10.40 -21.77
CA GLY F 137 33.93 -10.17 -20.91
C GLY F 137 33.45 -11.44 -20.24
N PRO F 138 32.59 -11.31 -19.24
CA PRO F 138 32.07 -12.45 -18.45
C PRO F 138 31.32 -13.46 -19.31
N VAL F 139 30.59 -12.99 -20.31
CA VAL F 139 29.78 -13.84 -21.17
C VAL F 139 30.65 -14.79 -21.99
N MET F 140 31.65 -14.25 -22.66
CA MET F 140 32.51 -15.04 -23.53
C MET F 140 33.56 -15.85 -22.76
N GLN F 141 33.92 -15.39 -21.57
CA GLN F 141 34.86 -16.11 -20.73
C GLN F 141 34.16 -17.10 -19.81
N LYS F 142 32.83 -17.12 -19.90
CA LYS F 142 31.99 -17.99 -19.07
C LYS F 142 32.25 -17.76 -17.58
N LYS F 143 32.27 -16.50 -17.17
CA LYS F 143 32.46 -16.15 -15.77
C LYS F 143 31.17 -15.60 -15.16
N THR F 144 30.04 -16.17 -15.54
CA THR F 144 28.75 -15.72 -15.03
C THR F 144 28.17 -16.75 -14.05
N ALA F 145 27.28 -16.30 -13.18
CA ALA F 145 26.74 -17.18 -12.14
C ALA F 145 25.25 -16.98 -11.91
N GLY F 146 24.46 -16.96 -12.98
CA GLY F 146 23.03 -16.89 -12.88
C GLY F 146 22.47 -15.47 -12.85
N TRP F 147 21.16 -15.36 -12.95
CA TRP F 147 20.49 -14.06 -13.01
C TRP F 147 19.90 -13.64 -11.68
N GLU F 148 19.93 -12.34 -11.41
CA GLU F 148 19.10 -11.78 -10.36
C GLU F 148 17.66 -11.80 -10.85
N PRO F 149 16.69 -11.85 -9.92
CA PRO F 149 15.30 -11.71 -10.35
C PRO F 149 15.09 -10.39 -11.09
N SER F 150 14.16 -10.37 -12.04
CA SER F 150 13.99 -9.19 -12.86
C SER F 150 12.57 -8.64 -12.78
N VAL F 151 12.42 -7.35 -13.07
CA VAL F 151 11.11 -6.73 -13.17
C VAL F 151 10.92 -6.13 -14.56
N GLU F 152 9.86 -6.57 -15.24
CA GLU F 152 9.51 -6.05 -16.54
C GLU F 152 8.33 -5.10 -16.39
N ILE F 153 8.33 -4.00 -17.13
CA ILE F 153 7.15 -3.16 -17.19
C ILE F 153 6.40 -3.48 -18.48
N LEU F 154 5.11 -3.72 -18.35
CA LEU F 154 4.28 -4.07 -19.49
C LEU F 154 3.27 -2.95 -19.74
N TYR F 155 3.21 -2.48 -20.98
CA TYR F 155 2.32 -1.38 -21.32
C TYR F 155 1.86 -1.49 -22.77
N PRO F 156 0.60 -1.14 -23.04
CA PRO F 156 0.04 -1.19 -24.40
C PRO F 156 0.58 -0.07 -25.29
N ARG F 157 0.78 -0.40 -26.56
CA ARG F 157 1.22 0.59 -27.54
C ARG F 157 0.87 0.17 -28.96
N ASP F 158 0.01 0.96 -29.61
CA ASP F 158 -0.38 0.74 -31.00
C ASP F 158 -0.99 -0.64 -31.23
N GLY F 159 -1.83 -1.08 -30.29
CA GLY F 159 -2.59 -2.30 -30.47
C GLY F 159 -1.93 -3.57 -29.98
N VAL F 160 -0.67 -3.47 -29.54
CA VAL F 160 0.03 -4.63 -29.01
C VAL F 160 0.63 -4.33 -27.64
N LEU F 161 1.30 -5.31 -27.07
CA LEU F 161 1.86 -5.18 -25.73
C LEU F 161 3.37 -5.03 -25.77
N CYS F 162 3.87 -3.95 -25.19
CA CYS F 162 5.30 -3.72 -25.13
C CYS F 162 5.85 -4.04 -23.75
N GLY F 163 7.11 -4.46 -23.71
CA GLY F 163 7.77 -4.75 -22.45
C GLY F 163 9.18 -4.19 -22.42
N GLN F 164 9.56 -3.65 -21.28
CA GLN F 164 10.93 -3.22 -21.05
C GLN F 164 11.39 -3.71 -19.68
N ALA F 165 12.65 -4.13 -19.59
CA ALA F 165 13.17 -4.59 -18.32
C ALA F 165 14.68 -4.42 -18.22
N LEU F 166 15.15 -4.42 -16.98
CA LEU F 166 16.56 -4.47 -16.69
C LEU F 166 16.88 -5.84 -16.13
N MET F 167 17.94 -6.45 -16.63
CA MET F 167 18.40 -7.72 -16.09
C MET F 167 19.82 -7.58 -15.59
N ALA F 168 20.11 -8.26 -14.48
CA ALA F 168 21.43 -8.18 -13.87
C ALA F 168 22.07 -9.56 -13.80
N LEU F 169 23.09 -9.77 -14.62
CA LEU F 169 23.81 -11.03 -14.66
C LEU F 169 24.88 -11.05 -13.58
N LYS F 170 24.82 -12.06 -12.71
CA LYS F 170 25.81 -12.19 -11.64
C LYS F 170 27.12 -12.71 -12.18
N CYS F 171 28.21 -12.02 -11.84
CA CYS F 171 29.54 -12.42 -12.29
C CYS F 171 30.30 -13.11 -11.16
N THR F 172 31.22 -13.99 -11.53
CA THR F 172 31.98 -14.78 -10.57
C THR F 172 32.79 -13.89 -9.62
N ASP F 173 33.26 -12.76 -10.11
CA ASP F 173 34.06 -11.86 -9.27
C ASP F 173 33.20 -11.07 -8.29
N GLY F 174 31.88 -11.14 -8.45
CA GLY F 174 30.96 -10.49 -7.55
C GLY F 174 30.19 -9.35 -8.17
N ASP F 175 30.73 -8.78 -9.24
CA ASP F 175 30.07 -7.68 -9.94
C ASP F 175 28.83 -8.16 -10.68
N HIS F 176 28.02 -7.20 -11.13
CA HIS F 176 26.85 -7.50 -11.95
C HIS F 176 27.04 -6.93 -13.35
N LEU F 177 26.68 -7.72 -14.36
CA LEU F 177 26.64 -7.23 -15.72
C LEU F 177 25.19 -6.95 -16.09
N THR F 178 24.85 -5.68 -16.23
CA THR F 178 23.46 -5.31 -16.48
C THR F 178 23.14 -5.17 -17.95
N SER F 179 21.86 -5.27 -18.28
CA SER F 179 21.41 -5.17 -19.64
C SER F 179 20.01 -4.56 -19.70
N HIS F 180 19.65 -4.01 -20.86
CA HIS F 180 18.34 -3.40 -21.05
C HIS F 180 17.56 -4.15 -22.12
N LEU F 181 16.35 -4.58 -21.77
CA LEU F 181 15.52 -5.34 -22.68
C LEU F 181 14.37 -4.49 -23.22
N ARG F 182 14.11 -4.60 -24.51
CA ARG F 182 12.96 -4.00 -25.11
C ARG F 182 12.24 -5.04 -25.92
N THR F 183 10.98 -5.28 -25.62
CA THR F 183 10.24 -6.37 -26.25
C THR F 183 8.86 -5.93 -26.72
N THR F 184 8.45 -6.44 -27.88
CA THR F 184 7.09 -6.25 -28.37
C THR F 184 6.38 -7.59 -28.45
N TYR F 185 5.28 -7.72 -27.73
CA TYR F 185 4.51 -8.96 -27.73
C TYR F 185 3.29 -8.85 -28.64
N ARG F 186 3.20 -9.72 -29.63
CA ARG F 186 2.16 -9.62 -30.65
C ARG F 186 1.18 -10.79 -30.62
N SER F 187 0.00 -10.57 -30.06
CA SER F 187 -1.06 -11.56 -30.07
C SER F 187 -1.65 -11.70 -31.47
N ARG F 188 -1.91 -12.94 -31.88
CA ARG F 188 -2.46 -13.19 -33.20
C ARG F 188 -3.99 -13.13 -33.18
N LYS F 189 -4.53 -12.85 -32.00
CA LYS F 189 -5.97 -12.66 -31.85
C LYS F 189 -6.41 -11.43 -32.63
N PRO F 190 -7.63 -11.46 -33.18
CA PRO F 190 -8.23 -10.26 -33.79
C PRO F 190 -8.17 -9.10 -32.81
N SER F 191 -7.74 -7.93 -33.30
CA SER F 191 -7.58 -6.76 -32.46
C SER F 191 -8.83 -6.46 -31.64
N ASN F 192 -9.99 -6.63 -32.27
CA ASN F 192 -11.26 -6.33 -31.64
C ASN F 192 -11.66 -7.37 -30.60
N ALA F 193 -10.92 -8.47 -30.53
CA ALA F 193 -11.19 -9.50 -29.54
C ALA F 193 -10.06 -9.64 -28.52
N VAL F 194 -9.10 -8.72 -28.59
CA VAL F 194 -8.01 -8.69 -27.63
C VAL F 194 -8.42 -7.94 -26.37
N ASN F 195 -8.13 -8.53 -25.21
CA ASN F 195 -8.38 -7.87 -23.94
C ASN F 195 -7.09 -7.29 -23.37
N MET F 196 -6.76 -6.07 -23.80
CA MET F 196 -5.49 -5.45 -23.48
C MET F 196 -5.40 -5.02 -22.01
N PRO F 197 -4.37 -5.47 -21.30
CA PRO F 197 -4.15 -5.05 -19.92
C PRO F 197 -3.64 -3.61 -19.84
N GLU F 198 -3.72 -3.01 -18.66
CA GLU F 198 -3.13 -1.69 -18.46
C GLU F 198 -1.70 -1.86 -17.97
N PHE F 199 -1.03 -0.73 -17.72
CA PHE F 199 0.35 -0.74 -17.24
C PHE F 199 0.49 -1.59 -15.99
N HIS F 200 1.44 -2.52 -16.01
CA HIS F 200 1.69 -3.38 -14.85
C HIS F 200 3.10 -3.92 -14.87
N PHE F 201 3.43 -4.73 -13.89
CA PHE F 201 4.78 -5.26 -13.75
C PHE F 201 4.82 -6.77 -13.90
N GLY F 202 5.99 -7.28 -14.25
CA GLY F 202 6.20 -8.70 -14.35
C GLY F 202 7.45 -9.10 -13.59
N ASP F 203 7.26 -9.83 -12.50
CA ASP F 203 8.39 -10.36 -11.73
C ASP F 203 8.83 -11.70 -12.31
N HIS F 204 10.09 -11.79 -12.69
CA HIS F 204 10.62 -13.03 -13.24
C HIS F 204 11.85 -13.48 -12.46
N ARG F 205 11.84 -14.74 -12.02
CA ARG F 205 13.00 -15.31 -11.34
C ARG F 205 13.43 -16.60 -12.04
N ILE F 206 14.67 -16.62 -12.52
CA ILE F 206 15.16 -17.76 -13.27
C ILE F 206 16.27 -18.49 -12.52
N GLU F 207 16.08 -19.78 -12.32
CA GLU F 207 17.12 -20.61 -11.72
C GLU F 207 17.52 -21.72 -12.69
N ILE F 208 18.82 -21.91 -12.83
CA ILE F 208 19.34 -23.00 -13.63
C ILE F 208 19.90 -24.05 -12.67
N LEU F 209 19.07 -25.04 -12.36
CA LEU F 209 19.38 -26.05 -11.36
C LEU F 209 20.75 -26.67 -11.58
N LYS F 210 21.01 -27.01 -12.83
CA LYS F 210 22.22 -27.68 -13.24
C LYS F 210 22.59 -27.16 -14.64
N ALA F 211 23.86 -26.98 -14.95
CA ALA F 211 24.96 -27.49 -14.15
C ALA F 211 25.02 -29.01 -14.32
N GLU F 212 24.20 -29.52 -15.25
CA GLU F 212 24.01 -30.93 -15.52
C GLU F 212 25.03 -31.40 -16.53
N GLN F 213 25.91 -30.52 -16.94
CA GLN F 213 26.97 -30.82 -17.84
C GLN F 213 27.45 -29.49 -18.32
N GLY F 214 28.28 -29.51 -19.35
CA GLY F 214 28.45 -28.38 -20.22
C GLY F 214 27.50 -28.52 -21.38
N LYS F 215 26.80 -29.64 -21.48
CA LYS F 215 25.91 -29.87 -22.61
C LYS F 215 24.45 -29.91 -22.28
N PHE F 216 24.11 -29.84 -21.00
CA PHE F 216 22.73 -30.04 -20.59
C PHE F 216 22.31 -29.06 -19.49
N TYR F 217 21.09 -28.56 -19.59
CA TYR F 217 20.64 -27.53 -18.66
C TYR F 217 19.20 -27.73 -18.22
N GLU F 218 19.01 -27.73 -16.89
CA GLU F 218 17.68 -27.76 -16.32
C GLU F 218 17.37 -26.37 -15.81
N GLN F 219 16.27 -25.81 -16.28
CA GLN F 219 15.98 -24.39 -16.07
C GLN F 219 14.61 -24.16 -15.46
N TYR F 220 14.58 -23.50 -14.31
CA TYR F 220 13.34 -23.22 -13.60
C TYR F 220 13.02 -21.73 -13.61
N GLU F 221 11.75 -21.40 -13.81
CA GLU F 221 11.31 -20.01 -13.74
C GLU F 221 9.97 -19.87 -13.03
N SER F 222 9.88 -18.88 -12.15
CA SER F 222 8.61 -18.47 -11.56
C SER F 222 8.34 -17.02 -11.95
N ALA F 223 7.08 -16.72 -12.28
CA ALA F 223 6.74 -15.39 -12.77
C ALA F 223 5.37 -14.91 -12.30
N VAL F 224 5.29 -13.62 -11.97
CA VAL F 224 4.06 -13.01 -11.49
C VAL F 224 3.79 -11.68 -12.19
N ALA F 225 2.55 -11.46 -12.61
CA ALA F 225 2.13 -10.17 -13.13
C ALA F 225 1.32 -9.43 -12.07
N ARG F 226 1.69 -8.19 -11.80
CA ARG F 226 1.13 -7.47 -10.67
C ARG F 226 1.24 -5.96 -10.84
N TYR F 227 0.51 -5.23 -10.00
CA TYR F 227 0.70 -3.78 -9.89
C TYR F 227 1.73 -3.50 -8.82
N CYS F 228 2.11 -2.23 -8.64
CA CYS F 228 3.00 -1.85 -7.56
C CYS F 228 2.30 -2.10 -6.23
N GLU F 229 2.89 -2.95 -5.40
CA GLU F 229 2.25 -3.38 -4.16
C GLU F 229 2.97 -2.87 -2.92
N ALA F 230 4.26 -2.55 -3.06
CA ALA F 230 5.09 -2.22 -1.91
C ALA F 230 5.03 -0.74 -1.55
N ALA F 231 4.92 0.13 -2.55
CA ALA F 231 4.89 1.57 -2.32
C ALA F 231 3.45 2.08 -2.27
N PRO F 232 3.03 2.64 -1.16
CA PRO F 232 1.66 3.08 -1.02
C PRO F 232 1.34 4.31 -1.79
N SER F 233 0.08 4.47 -2.12
CA SER F 233 -0.40 5.56 -2.90
C SER F 233 -1.31 6.45 -2.09
N LYS F 234 -1.11 7.74 -2.22
CA LYS F 234 -1.91 8.78 -1.60
C LYS F 234 -3.34 8.83 -2.09
N LEU F 235 -3.54 8.66 -3.38
CA LEU F 235 -4.86 8.56 -3.94
C LEU F 235 -4.97 7.37 -4.80
N GLY F 236 -5.84 6.43 -4.47
CA GLY F 236 -6.04 5.28 -5.35
C GLY F 236 -4.85 4.43 -5.79
N HIS F 237 -4.12 3.80 -4.88
CA HIS F 237 -4.27 3.77 -3.43
C HIS F 237 -3.57 2.54 -2.91
N PRO G 12 44.66 -13.49 -58.54
CA PRO G 12 44.21 -14.25 -57.37
C PRO G 12 44.76 -13.68 -56.06
N LEU G 13 43.99 -13.76 -54.99
CA LEU G 13 42.67 -14.38 -55.02
C LEU G 13 41.56 -13.38 -55.35
N VAL G 14 41.82 -12.10 -55.07
CA VAL G 14 40.87 -11.06 -55.41
C VAL G 14 41.36 -10.28 -56.64
N THR G 15 40.53 -10.25 -57.67
CA THR G 15 40.90 -9.59 -58.93
C THR G 15 40.11 -8.30 -59.12
N GLU G 16 40.32 -7.64 -60.24
CA GLU G 16 39.72 -6.31 -60.47
C GLU G 16 38.23 -6.38 -60.80
N ASP G 17 37.76 -7.53 -61.29
CA ASP G 17 36.35 -7.71 -61.63
C ASP G 17 35.80 -8.98 -61.00
N MET G 18 34.79 -8.83 -60.14
CA MET G 18 34.22 -9.98 -59.44
C MET G 18 32.70 -9.92 -59.33
N CYS G 19 32.10 -11.06 -58.96
CA CYS G 19 30.65 -11.17 -58.88
C CYS G 19 30.16 -11.39 -57.44
N ILE G 20 28.86 -11.24 -57.25
CA ILE G 20 28.25 -11.41 -55.93
C ILE G 20 27.08 -12.38 -55.97
N LYS G 21 27.04 -13.29 -55.02
CA LYS G 21 25.89 -14.14 -54.81
C LYS G 21 25.45 -14.08 -53.36
N MET G 22 24.28 -13.50 -53.12
CA MET G 22 23.80 -13.29 -51.76
C MET G 22 22.51 -14.04 -51.44
N THR G 23 22.48 -14.65 -50.28
CA THR G 23 21.25 -15.21 -49.72
C THR G 23 20.96 -14.50 -48.41
N MET G 24 19.74 -14.02 -48.25
CA MET G 24 19.34 -13.38 -47.01
C MET G 24 18.01 -13.93 -46.49
N GLU G 25 17.98 -14.25 -45.19
CA GLU G 25 16.75 -14.67 -44.54
C GLU G 25 16.62 -13.94 -43.21
N GLY G 26 15.41 -13.55 -42.88
CA GLY G 26 15.18 -12.88 -41.62
C GLY G 26 13.73 -12.65 -41.24
N THR G 27 13.53 -11.98 -40.12
CA THR G 27 12.21 -11.61 -39.68
C THR G 27 12.28 -10.23 -39.02
N ILE G 28 11.35 -9.36 -39.39
CA ILE G 28 11.33 -8.00 -38.88
C ILE G 28 9.92 -7.65 -38.40
N ASN G 29 9.82 -7.32 -37.12
CA ASN G 29 8.54 -7.10 -36.45
C ASN G 29 7.59 -8.27 -36.67
N GLY G 30 8.13 -9.48 -36.73
CA GLY G 30 7.34 -10.68 -36.85
C GLY G 30 7.12 -11.15 -38.28
N HIS G 31 7.50 -10.32 -39.24
CA HIS G 31 7.32 -10.65 -40.65
C HIS G 31 8.52 -11.38 -41.22
N HIS G 32 8.34 -12.66 -41.53
CA HIS G 32 9.42 -13.44 -42.14
CA HIS G 32 9.40 -13.46 -42.16
C HIS G 32 9.60 -13.06 -43.61
N PHE G 33 10.83 -13.19 -44.08
CA PHE G 33 11.14 -12.89 -45.46
C PHE G 33 12.44 -13.55 -45.90
N LYS G 34 12.54 -13.82 -47.20
CA LYS G 34 13.80 -14.22 -47.80
C LYS G 34 14.03 -13.37 -49.05
N CYS G 35 15.29 -13.17 -49.39
CA CYS G 35 15.63 -12.47 -50.63
C CYS G 35 16.99 -12.92 -51.12
N VAL G 36 17.13 -13.01 -52.44
CA VAL G 36 18.37 -13.45 -53.04
C VAL G 36 18.95 -12.35 -53.91
N GLY G 37 20.27 -12.29 -53.98
CA GLY G 37 20.93 -11.22 -54.71
C GLY G 37 22.05 -11.68 -55.61
N GLU G 38 22.14 -11.06 -56.78
CA GLU G 38 23.24 -11.28 -57.70
C GLU G 38 23.76 -9.94 -58.20
N GLY G 39 25.08 -9.80 -58.23
CA GLY G 39 25.69 -8.55 -58.66
C GLY G 39 27.14 -8.67 -59.03
N GLU G 40 27.79 -7.53 -59.22
CA GLU G 40 29.19 -7.48 -59.61
C GLU G 40 29.78 -6.13 -59.22
N GLY G 41 31.10 -6.05 -59.20
CA GLY G 41 31.77 -4.81 -58.87
C GLY G 41 33.27 -4.84 -59.07
N LYS G 42 33.90 -3.72 -58.75
CA LYS G 42 35.36 -3.59 -58.83
C LYS G 42 35.92 -3.42 -57.42
N PRO G 43 36.41 -4.52 -56.84
CA PRO G 43 36.88 -4.59 -55.44
C PRO G 43 37.88 -3.49 -55.08
N PHE G 44 38.77 -3.15 -56.00
CA PHE G 44 39.83 -2.19 -55.71
C PHE G 44 39.45 -0.76 -56.08
N GLU G 45 38.37 -0.61 -56.84
CA GLU G 45 37.85 0.73 -57.14
C GLU G 45 36.72 1.07 -56.18
N GLY G 46 36.38 0.10 -55.32
CA GLY G 46 35.40 0.31 -54.26
C GLY G 46 34.00 0.53 -54.75
N THR G 47 33.62 -0.12 -55.85
CA THR G 47 32.29 0.04 -56.41
C THR G 47 31.62 -1.31 -56.65
N GLN G 48 30.29 -1.34 -56.54
CA GLN G 48 29.53 -2.57 -56.72
C GLN G 48 28.06 -2.28 -56.97
N VAL G 49 27.41 -3.16 -57.72
CA VAL G 49 25.98 -3.05 -57.97
C VAL G 49 25.35 -4.44 -57.81
N GLU G 50 24.13 -4.47 -57.30
CA GLU G 50 23.49 -5.73 -57.01
C GLU G 50 22.01 -5.71 -57.28
N LYS G 51 21.52 -6.81 -57.82
CA LYS G 51 20.09 -6.97 -58.03
C LYS G 51 19.49 -7.90 -56.97
N ILE G 52 18.59 -7.35 -56.16
CA ILE G 52 17.99 -8.11 -55.06
C ILE G 52 16.51 -8.41 -55.33
N ARG G 53 16.14 -9.68 -55.20
CA ARG G 53 14.75 -10.10 -55.43
C ARG G 53 14.16 -10.74 -54.18
N ILE G 54 12.97 -10.30 -53.79
CA ILE G 54 12.31 -10.88 -52.63
C ILE G 54 11.58 -12.17 -53.02
N THR G 55 12.19 -13.31 -52.71
CA THR G 55 11.55 -14.60 -52.94
C THR G 55 10.36 -14.78 -52.00
N GLU G 56 10.64 -14.62 -50.71
CA GLU G 56 9.68 -14.97 -49.67
C GLU G 56 9.32 -13.77 -48.81
N GLY G 57 8.04 -13.63 -48.51
CA GLY G 57 7.59 -12.58 -47.63
C GLY G 57 7.08 -11.36 -48.38
N GLY G 58 7.39 -11.28 -49.66
CA GLY G 58 6.92 -10.20 -50.49
C GLY G 58 5.40 -10.20 -50.52
N PRO G 59 4.80 -9.00 -50.55
CA PRO G 59 5.49 -7.71 -50.59
C PRO G 59 5.81 -7.18 -49.18
N LEU G 60 7.09 -6.90 -48.94
CA LEU G 60 7.59 -6.43 -47.65
C LEU G 60 6.69 -5.38 -47.01
N PRO G 61 6.31 -5.61 -45.74
CA PRO G 61 5.51 -4.65 -44.98
C PRO G 61 6.37 -3.55 -44.36
N PHE G 62 7.66 -3.58 -44.67
CA PHE G 62 8.60 -2.57 -44.17
C PHE G 62 9.44 -1.99 -45.30
N ALA G 63 10.06 -0.86 -45.05
CA ALA G 63 10.89 -0.19 -46.05
C ALA G 63 12.11 -1.04 -46.39
N TYR G 64 12.38 -1.21 -47.68
CA TYR G 64 13.52 -2.00 -48.10
C TYR G 64 14.83 -1.36 -47.67
N ASP G 65 14.83 -0.04 -47.60
CA ASP G 65 16.01 0.73 -47.22
C ASP G 65 16.75 0.10 -46.09
N ILE G 66 16.04 -0.39 -45.07
CA ILE G 66 16.70 -0.87 -43.86
C ILE G 66 17.49 -2.16 -44.12
N LEU G 67 17.23 -2.81 -45.25
CA LEU G 67 17.94 -4.02 -45.63
C LEU G 67 19.21 -3.72 -46.44
N ALA G 68 19.23 -2.56 -47.09
CA ALA G 68 20.35 -2.16 -47.92
C ALA G 68 21.71 -2.26 -47.22
N PRO G 69 21.86 -1.71 -46.00
CA PRO G 69 23.22 -1.85 -45.45
C PRO G 69 23.52 -3.26 -44.95
N CYS G 70 22.56 -4.18 -45.07
CA CYS G 70 22.79 -5.56 -44.67
C CYS G 70 23.41 -6.42 -45.79
N CYS G 71 23.02 -6.17 -47.05
CA CYS G 71 23.22 -6.61 -48.41
CA CYS G 71 23.20 -6.63 -48.42
C CYS G 71 24.46 -6.00 -48.90
C CYS G 71 24.47 -6.18 -49.00
N1 CH6 G 72 24.91 -4.87 -48.27
CE CH6 G 72 25.68 -3.73 -53.57
SD CH6 G 72 25.41 -2.68 -52.18
CG1 CH6 G 72 26.02 -3.65 -50.84
CB1 CH6 G 72 25.67 -3.00 -49.52
CA1 CH6 G 72 26.11 -4.21 -48.69
C1 CH6 G 72 26.88 -3.64 -47.57
N2 CH6 G 72 27.26 -2.34 -47.60
OH CH6 G 72 27.63 1.63 -41.14
CD2 CH6 G 72 29.22 -0.22 -43.84
CE2 CH6 G 72 29.02 0.37 -42.61
CZ CH6 G 72 27.83 1.04 -42.38
CE1 CH6 G 72 26.85 1.11 -43.36
CD1 CH6 G 72 27.04 0.53 -44.61
CG2 CH6 G 72 28.24 -0.13 -44.84
CB2 CH6 G 72 28.57 -0.80 -46.11
CA2 CH6 G 72 27.93 -2.07 -46.48
C2 CH6 G 72 28.01 -3.33 -45.73
O2 CH6 G 72 28.58 -3.51 -44.58
N3 CH6 G 72 27.34 -4.23 -46.44
CA3 CH6 G 72 27.18 -5.62 -45.99
C3 CH6 G 72 28.12 -6.48 -46.83
O3 CH6 G 72 28.21 -7.70 -46.75
N1 NRQ G 72 25.45 -5.55 -48.26
CE NRQ G 72 25.68 -3.73 -53.57
SD NRQ G 72 25.41 -2.68 -52.18
CG1 NRQ G 72 26.02 -3.65 -50.84
CB1 NRQ G 72 25.14 -3.51 -49.58
CA1 NRQ G 72 25.71 -4.33 -48.44
C1 NRQ G 72 26.64 -3.65 -47.47
N2 NRQ G 72 27.02 -2.33 -47.54
OH NRQ G 72 27.63 1.63 -41.14
CD2 NRQ G 72 29.22 -0.22 -43.84
CE2 NRQ G 72 29.02 0.37 -42.61
CZ NRQ G 72 27.83 1.04 -42.38
CE1 NRQ G 72 26.85 1.11 -43.36
CD1 NRQ G 72 27.04 0.53 -44.61
CG2 NRQ G 72 28.24 -0.13 -44.84
CB2 NRQ G 72 28.54 -0.81 -46.13
CA2 NRQ G 72 27.83 -2.05 -46.50
C2 NRQ G 72 28.02 -3.33 -45.79
O2 NRQ G 72 28.73 -3.52 -44.74
N3 NRQ G 72 27.24 -4.22 -46.42
CA3 NRQ G 72 27.18 -5.62 -45.99
C3 NRQ G 72 28.12 -6.48 -46.83
O3 NRQ G 72 28.21 -7.70 -46.75
N SER G 73 29.01 -5.72 -47.47
CA SER G 73 29.85 -6.22 -48.56
C SER G 73 31.21 -5.54 -48.50
N LYS G 74 32.02 -5.89 -47.51
CA LYS G 74 33.22 -5.15 -47.18
C LYS G 74 34.37 -5.37 -48.17
N THR G 75 34.19 -6.29 -49.10
CA THR G 75 35.25 -6.61 -50.04
C THR G 75 35.44 -5.52 -51.08
N PHE G 76 34.35 -4.90 -51.48
CA PHE G 76 34.38 -3.84 -52.49
C PHE G 76 34.63 -2.48 -51.86
N ILE G 77 35.81 -2.31 -51.27
CA ILE G 77 36.18 -1.05 -50.65
C ILE G 77 37.58 -0.60 -51.09
N LYS G 78 37.67 0.59 -51.67
CA LYS G 78 38.95 1.13 -52.12
C LYS G 78 39.78 1.61 -50.94
N HIS G 79 40.95 1.02 -50.75
CA HIS G 79 41.81 1.38 -49.63
C HIS G 79 42.95 2.30 -50.03
N VAL G 80 42.96 3.48 -49.41
CA VAL G 80 43.93 4.53 -49.72
C VAL G 80 44.94 4.67 -48.57
N SER G 81 46.11 5.22 -48.88
CA SER G 81 47.13 5.57 -47.89
C SER G 81 47.75 4.35 -47.22
N GLY G 82 47.81 3.23 -47.95
CA GLY G 82 48.48 2.04 -47.47
C GLY G 82 47.75 1.33 -46.33
N ILE G 83 46.50 1.67 -46.11
CA ILE G 83 45.69 1.01 -45.09
C ILE G 83 45.41 -0.42 -45.49
N PRO G 84 45.83 -1.38 -44.66
CA PRO G 84 45.66 -2.82 -44.93
C PRO G 84 44.20 -3.20 -45.11
N ASP G 85 43.89 -3.99 -46.14
CA ASP G 85 42.52 -4.41 -46.37
C ASP G 85 42.24 -5.70 -45.60
N TYR G 86 41.69 -5.54 -44.40
CA TYR G 86 41.35 -6.65 -43.51
C TYR G 86 40.48 -7.69 -44.19
N PHE G 87 39.62 -7.23 -45.10
CA PHE G 87 38.64 -8.11 -45.73
C PHE G 87 39.18 -8.82 -46.96
N LYS G 88 39.88 -8.10 -47.83
CA LYS G 88 40.48 -8.70 -49.02
C LYS G 88 41.56 -9.70 -48.65
N GLU G 89 42.35 -9.37 -47.63
CA GLU G 89 43.47 -10.20 -47.22
C GLU G 89 43.04 -11.35 -46.30
N SER G 90 41.74 -11.53 -46.15
CA SER G 90 41.21 -12.58 -45.28
C SER G 90 41.05 -13.90 -46.04
N PHE G 91 41.09 -13.83 -47.36
CA PHE G 91 40.81 -15.00 -48.20
C PHE G 91 42.07 -15.86 -48.39
N PRO G 92 41.89 -17.17 -48.66
CA PRO G 92 40.64 -17.89 -48.96
C PRO G 92 39.73 -18.13 -47.76
N GLU G 93 40.25 -18.01 -46.54
CA GLU G 93 39.47 -18.25 -45.33
C GLU G 93 38.17 -17.45 -45.33
N GLY G 94 38.26 -16.18 -45.69
CA GLY G 94 37.11 -15.31 -45.70
C GLY G 94 36.88 -14.70 -44.33
N PHE G 95 35.66 -14.20 -44.10
CA PHE G 95 35.36 -13.57 -42.81
C PHE G 95 33.87 -13.58 -42.51
N THR G 96 33.54 -13.29 -41.25
CA THR G 96 32.16 -13.08 -40.84
C THR G 96 32.08 -11.74 -40.12
N TRP G 97 30.88 -11.17 -40.06
CA TRP G 97 30.67 -10.02 -39.20
C TRP G 97 29.30 -10.01 -38.56
N GLU G 98 29.21 -9.30 -37.44
CA GLU G 98 28.02 -9.25 -36.62
C GLU G 98 27.71 -7.78 -36.32
N ARG G 99 26.43 -7.43 -36.36
CA ARG G 99 26.07 -6.02 -36.23
C ARG G 99 24.74 -5.83 -35.53
N THR G 100 24.70 -4.84 -34.64
CA THR G 100 23.43 -4.38 -34.08
C THR G 100 23.23 -2.93 -34.49
N GLN G 101 22.05 -2.63 -35.04
CA GLN G 101 21.74 -1.28 -35.47
C GLN G 101 20.55 -0.73 -34.69
N ILE G 102 20.80 0.30 -33.88
CA ILE G 102 19.77 0.90 -33.06
C ILE G 102 19.27 2.21 -33.65
N PHE G 103 17.99 2.23 -34.04
CA PHE G 103 17.37 3.45 -34.55
C PHE G 103 16.95 4.33 -33.39
N GLU G 104 16.85 5.63 -33.63
CA GLU G 104 16.54 6.58 -32.56
C GLU G 104 15.09 6.49 -32.07
N ASP G 105 14.24 5.81 -32.84
CA ASP G 105 12.83 5.73 -32.49
C ASP G 105 12.44 4.38 -31.87
N GLY G 106 13.44 3.56 -31.56
CA GLY G 106 13.19 2.32 -30.85
C GLY G 106 13.48 1.05 -31.63
N GLY G 107 13.32 1.12 -32.94
CA GLY G 107 13.56 -0.04 -33.80
C GLY G 107 15.01 -0.48 -33.75
N SER G 108 15.24 -1.78 -33.89
CA SER G 108 16.60 -2.31 -33.84
C SER G 108 16.79 -3.48 -34.81
N LEU G 109 18.00 -3.58 -35.36
CA LEU G 109 18.38 -4.68 -36.24
C LEU G 109 19.63 -5.37 -35.71
N THR G 110 19.62 -6.70 -35.68
CA THR G 110 20.86 -7.44 -35.43
C THR G 110 21.11 -8.41 -36.57
N ILE G 111 22.32 -8.35 -37.10
CA ILE G 111 22.66 -9.08 -38.32
C ILE G 111 23.88 -9.97 -38.11
N HIS G 112 23.80 -11.21 -38.61
CA HIS G 112 24.98 -12.03 -38.78
C HIS G 112 25.22 -12.25 -40.27
N GLN G 113 26.49 -12.19 -40.68
CA GLN G 113 26.81 -12.31 -42.10
C GLN G 113 28.03 -13.21 -42.31
N ASP G 114 27.99 -13.98 -43.39
CA ASP G 114 29.09 -14.87 -43.74
C ASP G 114 29.61 -14.56 -45.13
N THR G 115 30.90 -14.25 -45.23
CA THR G 115 31.51 -13.96 -46.52
C THR G 115 32.59 -14.98 -46.87
N SER G 116 32.35 -15.73 -47.95
CA SER G 116 33.32 -16.69 -48.44
C SER G 116 33.58 -16.43 -49.92
N LEU G 117 34.60 -17.08 -50.47
CA LEU G 117 34.96 -16.92 -51.87
C LEU G 117 35.02 -18.25 -52.60
N GLN G 118 34.24 -18.38 -53.67
CA GLN G 118 34.38 -19.53 -54.55
C GLN G 118 34.65 -19.05 -55.97
N GLY G 119 35.89 -19.26 -56.41
CA GLY G 119 36.32 -18.81 -57.73
C GLY G 119 36.25 -17.30 -57.89
N ASN G 120 35.36 -16.85 -58.77
CA ASN G 120 35.22 -15.43 -59.07
C ASN G 120 34.07 -14.80 -58.29
N ASN G 121 33.37 -15.61 -57.51
CA ASN G 121 32.18 -15.13 -56.81
C ASN G 121 32.36 -15.00 -55.30
N PHE G 122 32.03 -13.83 -54.77
CA PHE G 122 31.88 -13.65 -53.34
C PHE G 122 30.54 -14.21 -52.91
N ILE G 123 30.53 -15.03 -51.85
CA ILE G 123 29.29 -15.62 -51.38
C ILE G 123 28.86 -14.98 -50.07
N PHE G 124 27.67 -14.39 -50.07
CA PHE G 124 27.13 -13.76 -48.86
C PHE G 124 25.94 -14.54 -48.32
N LYS G 125 26.03 -14.94 -47.06
CA LYS G 125 24.89 -15.51 -46.34
C LYS G 125 24.53 -14.58 -45.20
N VAL G 126 23.29 -14.09 -45.17
CA VAL G 126 22.91 -13.09 -44.17
C VAL G 126 21.67 -13.48 -43.37
N ASN G 127 21.78 -13.35 -42.05
CA ASN G 127 20.64 -13.56 -41.15
C ASN G 127 20.30 -12.27 -40.42
N VAL G 128 19.02 -11.91 -40.43
CA VAL G 128 18.57 -10.62 -39.88
C VAL G 128 17.37 -10.77 -38.95
N ILE G 129 17.43 -10.12 -37.79
CA ILE G 129 16.27 -10.05 -36.92
C ILE G 129 16.02 -8.60 -36.51
N GLY G 130 14.80 -8.12 -36.78
CA GLY G 130 14.43 -6.76 -36.44
C GLY G 130 13.32 -6.73 -35.40
N ALA G 131 13.43 -5.80 -34.46
CA ALA G 131 12.46 -5.72 -33.37
C ALA G 131 12.07 -4.28 -33.03
N ASN G 132 10.82 -4.10 -32.65
CA ASN G 132 10.33 -2.87 -32.03
C ASN G 132 10.31 -1.64 -32.93
N PHE G 133 10.20 -1.85 -34.24
CA PHE G 133 10.00 -0.73 -35.15
C PHE G 133 8.60 -0.18 -34.95
N PRO G 134 8.49 1.11 -34.61
CA PRO G 134 7.20 1.76 -34.33
C PRO G 134 6.19 1.53 -35.45
N ALA G 135 4.95 1.25 -35.08
CA ALA G 135 3.91 0.95 -36.04
C ALA G 135 3.69 2.09 -37.02
N ASN G 136 3.78 3.32 -36.52
CA ASN G 136 3.55 4.50 -37.37
C ASN G 136 4.84 5.23 -37.72
N GLY G 137 5.98 4.55 -37.57
CA GLY G 137 7.27 5.11 -37.93
C GLY G 137 7.53 5.00 -39.42
N PRO G 138 8.56 5.71 -39.90
CA PRO G 138 8.90 5.76 -41.34
C PRO G 138 9.22 4.40 -41.94
N VAL G 139 9.79 3.50 -41.14
CA VAL G 139 10.19 2.19 -41.65
C VAL G 139 8.98 1.29 -41.91
N MET G 140 8.12 1.16 -40.91
CA MET G 140 6.94 0.30 -41.04
C MET G 140 5.88 0.91 -41.95
N GLN G 141 5.92 2.23 -42.12
CA GLN G 141 4.97 2.91 -42.98
C GLN G 141 5.53 3.12 -44.39
N LYS G 142 6.79 2.75 -44.59
CA LYS G 142 7.46 2.93 -45.88
C LYS G 142 7.57 4.39 -46.30
N LYS G 143 7.96 5.26 -45.38
CA LYS G 143 8.11 6.68 -45.68
C LYS G 143 9.57 7.09 -45.82
N THR G 144 10.41 6.15 -46.25
CA THR G 144 11.84 6.41 -46.35
C THR G 144 12.23 6.68 -47.80
N ALA G 145 13.30 7.45 -47.99
CA ALA G 145 13.72 7.84 -49.33
C ALA G 145 15.24 7.73 -49.51
N GLY G 146 15.80 6.60 -49.09
CA GLY G 146 17.21 6.34 -49.28
C GLY G 146 18.10 6.78 -48.13
N TRP G 147 19.37 6.41 -48.20
CA TRP G 147 20.33 6.73 -47.14
C TRP G 147 21.22 7.91 -47.52
N GLU G 148 21.59 8.71 -46.53
CA GLU G 148 22.67 9.67 -46.68
C GLU G 148 23.97 8.90 -46.66
N PRO G 149 25.03 9.44 -47.28
CA PRO G 149 26.35 8.82 -47.15
C PRO G 149 26.75 8.72 -45.68
N SER G 150 27.43 7.64 -45.31
CA SER G 150 27.78 7.42 -43.93
C SER G 150 29.29 7.33 -43.73
N VAL G 151 29.73 7.59 -42.51
CA VAL G 151 31.12 7.40 -42.15
C VAL G 151 31.21 6.38 -41.02
N GLU G 152 32.00 5.34 -41.24
CA GLU G 152 32.22 4.33 -40.22
C GLU G 152 33.62 4.48 -39.65
N ILE G 153 33.73 4.45 -38.32
CA ILE G 153 35.04 4.39 -37.72
C ILE G 153 35.44 2.93 -37.56
N LEU G 154 36.68 2.62 -37.91
CA LEU G 154 37.18 1.26 -37.84
C LEU G 154 38.42 1.20 -36.98
N TYR G 155 38.43 0.28 -36.02
CA TYR G 155 39.53 0.18 -35.07
C TYR G 155 39.70 -1.25 -34.59
N PRO G 156 40.95 -1.65 -34.28
CA PRO G 156 41.22 -2.99 -33.78
C PRO G 156 40.84 -3.15 -32.31
N ARG G 157 40.29 -4.31 -31.95
CA ARG G 157 39.98 -4.62 -30.56
C ARG G 157 39.95 -6.12 -30.33
N ASP G 158 40.85 -6.58 -29.46
CA ASP G 158 40.93 -7.98 -29.07
C ASP G 158 41.15 -8.93 -30.25
N GLY G 159 42.05 -8.56 -31.14
CA GLY G 159 42.44 -9.43 -32.24
C GLY G 159 41.56 -9.36 -33.47
N VAL G 160 40.46 -8.63 -33.37
CA VAL G 160 39.55 -8.47 -34.51
C VAL G 160 39.29 -6.99 -34.79
N LEU G 161 38.54 -6.73 -35.85
CA LEU G 161 38.27 -5.37 -36.29
C LEU G 161 36.85 -4.94 -35.96
N CYS G 162 36.73 -3.83 -35.25
CA CYS G 162 35.42 -3.30 -34.87
C CYS G 162 35.06 -2.08 -35.72
N GLY G 163 33.76 -1.85 -35.87
CA GLY G 163 33.28 -0.70 -36.60
C GLY G 163 32.07 -0.07 -35.93
N GLN G 164 32.03 1.25 -35.91
CA GLN G 164 30.86 1.98 -35.46
C GLN G 164 30.53 3.06 -36.49
N ALA G 165 29.23 3.27 -36.72
CA ALA G 165 28.82 4.28 -37.67
C ALA G 165 27.47 4.87 -37.34
N LEU G 166 27.26 6.11 -37.78
CA LEU G 166 25.95 6.73 -37.73
C LEU G 166 25.37 6.70 -39.14
N MET G 167 24.12 6.29 -39.25
CA MET G 167 23.45 6.31 -40.54
C MET G 167 22.19 7.17 -40.47
N ALA G 168 21.94 7.93 -41.52
CA ALA G 168 20.81 8.84 -41.56
C ALA G 168 19.86 8.44 -42.69
N LEU G 169 18.69 7.93 -42.31
CA LEU G 169 17.68 7.52 -43.26
C LEU G 169 16.79 8.69 -43.63
N LYS G 170 16.77 9.03 -44.91
CA LYS G 170 15.95 10.13 -45.39
C LYS G 170 14.48 9.76 -45.36
N CYS G 171 13.65 10.66 -44.84
CA CYS G 171 12.21 10.43 -44.78
C CYS G 171 11.49 11.31 -45.80
N THR G 172 10.28 10.90 -46.16
CA THR G 172 9.53 11.60 -47.21
C THR G 172 9.08 13.00 -46.80
N ASP G 173 9.02 13.26 -45.51
CA ASP G 173 8.60 14.58 -45.04
C ASP G 173 9.77 15.56 -44.97
N GLY G 174 10.97 15.05 -45.22
CA GLY G 174 12.16 15.89 -45.24
C GLY G 174 13.07 15.64 -44.05
N ASP G 175 12.53 15.01 -43.01
CA ASP G 175 13.28 14.73 -41.79
C ASP G 175 14.27 13.59 -42.03
N HIS G 176 15.12 13.34 -41.03
CA HIS G 176 16.02 12.19 -41.06
C HIS G 176 15.74 11.27 -39.88
N LEU G 177 15.79 9.96 -40.14
CA LEU G 177 15.71 8.98 -39.07
C LEU G 177 17.09 8.36 -38.87
N THR G 178 17.71 8.65 -37.73
CA THR G 178 19.09 8.25 -37.50
C THR G 178 19.20 6.93 -36.74
N SER G 179 20.36 6.29 -36.89
CA SER G 179 20.63 5.04 -36.21
C SER G 179 22.11 4.89 -35.87
N HIS G 180 22.41 4.06 -34.87
CA HIS G 180 23.77 3.82 -34.44
C HIS G 180 24.14 2.37 -34.71
N LEU G 181 25.22 2.17 -35.46
CA LEU G 181 25.67 0.83 -35.81
C LEU G 181 26.90 0.43 -35.02
N ARG G 182 26.89 -0.78 -34.46
CA ARG G 182 28.08 -1.37 -33.86
C ARG G 182 28.34 -2.73 -34.52
N THR G 183 29.55 -2.89 -35.05
CA THR G 183 29.87 -4.07 -35.84
C THR G 183 31.22 -4.67 -35.46
N THR G 184 31.29 -5.99 -35.39
CA THR G 184 32.55 -6.70 -35.20
C THR G 184 32.87 -7.54 -36.43
N TYR G 185 34.01 -7.26 -37.07
CA TYR G 185 34.42 -8.02 -38.24
C TYR G 185 35.44 -9.08 -37.85
N ARG G 186 35.20 -10.32 -38.26
CA ARG G 186 36.03 -11.44 -37.83
C ARG G 186 36.67 -12.19 -39.00
N SER G 187 37.94 -11.90 -39.26
CA SER G 187 38.68 -12.63 -40.28
C SER G 187 38.98 -14.04 -39.81
N ARG G 188 38.81 -15.01 -40.71
CA ARG G 188 39.06 -16.41 -40.39
C ARG G 188 40.53 -16.76 -40.55
N LYS G 189 41.33 -15.78 -40.96
CA LYS G 189 42.77 -15.95 -41.04
C LYS G 189 43.34 -16.25 -39.66
N PRO G 190 44.22 -17.26 -39.60
CA PRO G 190 44.99 -17.51 -38.38
C PRO G 190 45.67 -16.23 -37.91
N SER G 191 45.61 -15.98 -36.61
CA SER G 191 45.97 -14.69 -36.02
C SER G 191 47.35 -14.18 -36.41
N ASN G 192 48.32 -15.10 -36.45
CA ASN G 192 49.68 -14.74 -36.81
C ASN G 192 49.75 -14.06 -38.18
N ALA G 193 48.94 -14.53 -39.11
CA ALA G 193 48.95 -14.04 -40.47
C ALA G 193 48.32 -12.65 -40.63
N VAL G 194 47.30 -12.39 -39.83
CA VAL G 194 46.47 -11.18 -39.96
C VAL G 194 47.28 -9.88 -39.97
N ASN G 195 47.01 -9.04 -40.96
CA ASN G 195 47.59 -7.70 -41.03
C ASN G 195 46.59 -6.65 -40.59
N MET G 196 46.52 -6.43 -39.27
CA MET G 196 45.52 -5.54 -38.69
C MET G 196 45.80 -4.08 -38.98
N PRO G 197 44.80 -3.36 -39.53
CA PRO G 197 44.94 -1.93 -39.79
C PRO G 197 44.82 -1.11 -38.52
N GLU G 198 45.26 0.14 -38.57
CA GLU G 198 45.07 1.06 -37.45
C GLU G 198 43.75 1.79 -37.61
N PHE G 199 43.46 2.70 -36.67
CA PHE G 199 42.22 3.46 -36.69
C PHE G 199 42.06 4.22 -38.01
N HIS G 200 40.91 4.07 -38.65
CA HIS G 200 40.63 4.77 -39.89
C HIS G 200 39.14 4.92 -40.16
N PHE G 201 38.81 5.59 -41.24
CA PHE G 201 37.41 5.86 -41.59
C PHE G 201 36.99 5.09 -42.82
N GLY G 202 35.70 4.83 -42.92
CA GLY G 202 35.13 4.15 -44.07
C GLY G 202 33.93 4.90 -44.62
N ASP G 203 34.11 5.55 -45.76
CA ASP G 203 33.03 6.27 -46.42
C ASP G 203 32.16 5.31 -47.23
N HIS G 204 30.85 5.36 -47.00
CA HIS G 204 29.92 4.52 -47.75
C HIS G 204 28.76 5.34 -48.31
N ARG G 205 28.49 5.15 -49.59
CA ARG G 205 27.35 5.79 -50.25
C ARG G 205 26.47 4.75 -50.90
N ILE G 206 25.23 4.65 -50.43
CA ILE G 206 24.30 3.66 -50.95
C ILE G 206 23.19 4.31 -51.76
N GLU G 207 22.99 3.82 -52.98
CA GLU G 207 21.93 4.33 -53.85
C GLU G 207 21.03 3.19 -54.32
N ILE G 208 19.73 3.31 -54.06
CA ILE G 208 18.76 2.35 -54.56
C ILE G 208 18.28 2.78 -55.93
N LEU G 209 18.82 2.14 -56.97
CA LEU G 209 18.58 2.57 -58.34
C LEU G 209 17.18 2.19 -58.85
N LYS G 210 16.63 1.11 -58.30
CA LYS G 210 15.33 0.62 -58.74
C LYS G 210 14.53 0.04 -57.58
N ALA G 211 13.22 0.16 -57.65
CA ALA G 211 12.35 -0.37 -56.61
C ALA G 211 11.01 -0.83 -57.19
N GLY G 214 7.58 -3.95 -56.61
CA GLY G 214 7.23 -4.52 -55.33
C GLY G 214 8.33 -5.35 -54.70
N LYS G 215 8.90 -6.26 -55.47
CA LYS G 215 9.92 -7.15 -54.95
C LYS G 215 11.25 -7.14 -55.67
N PHE G 216 11.51 -6.12 -56.48
CA PHE G 216 12.80 -6.07 -57.20
C PHE G 216 13.59 -4.82 -56.86
N TYR G 217 14.87 -4.96 -56.59
CA TYR G 217 15.63 -3.82 -56.15
C TYR G 217 17.01 -3.83 -56.71
N GLU G 218 17.39 -2.71 -57.30
CA GLU G 218 18.77 -2.57 -57.76
C GLU G 218 19.52 -1.65 -56.82
N GLN G 219 20.68 -2.10 -56.36
CA GLN G 219 21.40 -1.41 -55.30
C GLN G 219 22.87 -1.16 -55.64
N TYR G 220 23.27 0.10 -55.59
CA TYR G 220 24.64 0.49 -55.89
C TYR G 220 25.34 1.04 -54.64
N GLU G 221 26.61 0.70 -54.49
CA GLU G 221 27.42 1.25 -53.40
C GLU G 221 28.86 1.54 -53.80
N SER G 222 29.33 2.73 -53.41
CA SER G 222 30.74 3.06 -53.52
C SER G 222 31.33 3.26 -52.12
N ALA G 223 32.52 2.73 -51.89
CA ALA G 223 33.12 2.78 -50.56
C ALA G 223 34.62 3.04 -50.60
N VAL G 224 35.11 3.81 -49.62
CA VAL G 224 36.52 4.15 -49.53
C VAL G 224 37.03 4.07 -48.08
N ALA G 225 38.19 3.43 -47.88
CA ALA G 225 38.84 3.43 -46.58
C ALA G 225 39.98 4.44 -46.57
N ARG G 226 39.96 5.35 -45.61
CA ARG G 226 40.88 6.48 -45.60
C ARG G 226 41.16 7.01 -44.19
N TYR G 227 42.17 7.87 -44.09
CA TYR G 227 42.39 8.65 -42.87
C TYR G 227 41.69 9.99 -43.00
N CYS G 228 41.73 10.80 -41.95
CA CYS G 228 41.10 12.12 -41.98
C CYS G 228 41.85 13.07 -42.92
N PRO H 12 29.69 44.08 -41.09
CA PRO H 12 29.80 42.63 -40.91
C PRO H 12 30.30 42.26 -39.51
N LEU H 13 29.61 41.32 -38.87
CA LEU H 13 29.84 41.03 -37.46
C LEU H 13 30.93 40.01 -37.18
N VAL H 14 31.07 39.00 -38.04
CA VAL H 14 32.15 38.03 -37.88
C VAL H 14 33.26 38.30 -38.89
N THR H 15 34.46 38.54 -38.37
CA THR H 15 35.59 38.93 -39.22
C THR H 15 36.63 37.81 -39.34
N GLU H 16 37.74 38.12 -40.01
CA GLU H 16 38.77 37.12 -40.29
C GLU H 16 39.51 36.67 -39.03
N ASP H 17 39.77 37.60 -38.12
CA ASP H 17 40.44 37.28 -36.87
C ASP H 17 39.60 37.70 -35.68
N MET H 18 39.21 36.73 -34.85
CA MET H 18 38.40 37.02 -33.68
C MET H 18 38.94 36.28 -32.45
N CYS H 19 38.56 36.75 -31.27
CA CYS H 19 39.00 36.14 -30.02
C CYS H 19 37.87 35.40 -29.34
N ILE H 20 38.20 34.58 -28.35
CA ILE H 20 37.19 33.89 -27.57
C ILE H 20 37.44 34.02 -26.07
N LYS H 21 36.36 34.22 -25.33
CA LYS H 21 36.42 34.24 -23.88
C LYS H 21 35.43 33.22 -23.33
N MET H 22 35.93 32.22 -22.63
CA MET H 22 35.11 31.09 -22.24
C MET H 22 35.05 30.91 -20.72
N THR H 23 33.84 30.76 -20.20
CA THR H 23 33.66 30.39 -18.81
C THR H 23 32.93 29.06 -18.73
N MET H 24 33.47 28.13 -17.94
CA MET H 24 32.90 26.80 -17.81
C MET H 24 32.98 26.32 -16.38
N GLU H 25 31.85 25.82 -15.86
CA GLU H 25 31.82 25.18 -14.57
C GLU H 25 30.98 23.92 -14.63
N GLY H 26 31.21 23.02 -13.69
CA GLY H 26 30.42 21.80 -13.65
C GLY H 26 30.88 20.77 -12.65
N THR H 27 30.32 19.57 -12.78
CA THR H 27 30.63 18.48 -11.88
C THR H 27 30.81 17.19 -12.67
N ILE H 28 31.89 16.48 -12.39
CA ILE H 28 32.14 15.18 -13.02
C ILE H 28 32.32 14.12 -11.95
N ASN H 29 31.42 13.14 -11.92
CA ASN H 29 31.42 12.09 -10.91
C ASN H 29 31.47 12.64 -9.48
N GLY H 30 30.83 13.79 -9.28
CA GLY H 30 30.76 14.39 -7.96
C GLY H 30 31.84 15.42 -7.67
N HIS H 31 32.79 15.58 -8.58
CA HIS H 31 33.88 16.53 -8.41
CA HIS H 31 33.87 16.54 -8.39
C HIS H 31 33.56 17.86 -9.07
N HIS H 32 33.42 18.92 -8.26
CA HIS H 32 33.17 20.25 -8.80
CA HIS H 32 33.18 20.25 -8.78
C HIS H 32 34.44 20.86 -9.38
N PHE H 33 34.27 21.67 -10.42
CA PHE H 33 35.40 22.33 -11.05
C PHE H 33 34.95 23.57 -11.81
N LYS H 34 35.91 24.43 -12.11
CA LYS H 34 35.67 25.61 -12.92
C LYS H 34 36.92 25.89 -13.75
N CYS H 35 36.75 26.46 -14.93
CA CYS H 35 37.89 26.83 -15.75
C CYS H 35 37.56 28.02 -16.65
N VAL H 36 38.59 28.78 -16.98
CA VAL H 36 38.45 29.96 -17.82
C VAL H 36 39.35 29.85 -19.03
N GLY H 37 38.85 30.27 -20.19
CA GLY H 37 39.59 30.13 -21.43
C GLY H 37 39.75 31.42 -22.22
N GLU H 38 40.97 31.64 -22.70
CA GLU H 38 41.26 32.75 -23.60
C GLU H 38 41.90 32.22 -24.87
N GLY H 39 41.46 32.71 -26.02
CA GLY H 39 42.01 32.26 -27.28
C GLY H 39 41.64 33.12 -28.46
N GLU H 40 42.04 32.68 -29.64
CA GLU H 40 41.74 33.38 -30.89
C GLU H 40 41.73 32.38 -32.03
N GLY H 41 41.22 32.80 -33.18
CA GLY H 41 41.15 31.94 -34.33
C GLY H 41 40.64 32.64 -35.57
N LYS H 42 40.64 31.92 -36.68
CA LYS H 42 40.13 32.44 -37.94
C LYS H 42 38.84 31.70 -38.31
N PRO H 43 37.69 32.34 -38.07
CA PRO H 43 36.35 31.75 -38.26
C PRO H 43 36.14 31.16 -39.65
N PHE H 44 36.66 31.82 -40.68
CA PHE H 44 36.42 31.39 -42.05
C PHE H 44 37.45 30.38 -42.53
N GLU H 45 38.55 30.26 -41.81
CA GLU H 45 39.56 29.26 -42.12
C GLU H 45 39.36 28.03 -41.24
N GLY H 46 38.38 28.12 -40.34
CA GLY H 46 38.00 27.00 -39.50
C GLY H 46 39.07 26.58 -38.51
N THR H 47 39.89 27.52 -38.06
CA THR H 47 40.95 27.23 -37.10
C THR H 47 40.85 28.08 -35.85
N GLN H 48 41.28 27.53 -34.72
CA GLN H 48 41.25 28.23 -33.45
C GLN H 48 42.19 27.60 -32.45
N VAL H 49 42.68 28.40 -31.51
CA VAL H 49 43.51 27.91 -30.42
C VAL H 49 43.08 28.58 -29.13
N GLU H 50 43.15 27.88 -28.01
CA GLU H 50 42.65 28.41 -26.77
C GLU H 50 43.48 27.96 -25.62
N LYS H 51 43.66 28.84 -24.65
CA LYS H 51 44.39 28.54 -23.42
C LYS H 51 43.40 28.36 -22.27
N ILE H 52 43.42 27.20 -21.65
CA ILE H 52 42.44 26.88 -20.60
C ILE H 52 43.09 26.77 -19.23
N ARG H 53 42.55 27.53 -18.27
CA ARG H 53 43.05 27.52 -16.90
C ARG H 53 42.03 26.94 -15.93
N ILE H 54 42.38 25.86 -15.24
CA ILE H 54 41.52 25.32 -14.20
C ILE H 54 41.59 26.22 -12.97
N THR H 55 40.49 26.94 -12.70
CA THR H 55 40.48 27.91 -11.62
C THR H 55 39.95 27.34 -10.30
N GLU H 56 39.11 26.30 -10.40
CA GLU H 56 38.57 25.65 -9.20
C GLU H 56 38.53 24.14 -9.38
N GLY H 57 38.81 23.42 -8.31
CA GLY H 57 38.72 21.96 -8.31
C GLY H 57 39.96 21.27 -8.84
N GLY H 58 40.99 22.05 -9.15
CA GLY H 58 42.25 21.49 -9.64
C GLY H 58 43.10 20.95 -8.51
N PRO H 59 43.92 19.92 -8.81
CA PRO H 59 44.05 19.28 -10.11
C PRO H 59 42.90 18.32 -10.40
N LEU H 60 42.47 18.27 -11.65
CA LEU H 60 41.34 17.43 -12.05
C LEU H 60 41.58 15.95 -11.77
N PRO H 61 40.62 15.29 -11.11
CA PRO H 61 40.68 13.84 -10.85
C PRO H 61 40.23 13.03 -12.05
N PHE H 62 39.98 13.71 -13.16
CA PHE H 62 39.58 13.04 -14.40
C PHE H 62 40.38 13.58 -15.58
N ALA H 63 40.39 12.84 -16.68
CA ALA H 63 41.12 13.24 -17.88
C ALA H 63 40.54 14.53 -18.46
N TYR H 64 41.41 15.48 -18.74
CA TYR H 64 40.98 16.74 -19.28
C TYR H 64 40.40 16.55 -20.65
N ASP H 65 40.77 15.46 -21.30
CA ASP H 65 40.29 15.14 -22.63
C ASP H 65 38.76 15.27 -22.75
N ILE H 66 38.02 14.80 -21.75
CA ILE H 66 36.57 14.80 -21.86
C ILE H 66 35.97 16.22 -21.86
N LEU H 67 36.73 17.20 -21.40
CA LEU H 67 36.24 18.58 -21.39
C LEU H 67 36.53 19.30 -22.71
N ALA H 68 37.50 18.80 -23.45
CA ALA H 68 37.93 19.43 -24.71
C ALA H 68 36.81 19.61 -25.74
N PRO H 69 35.97 18.59 -25.97
CA PRO H 69 34.86 18.82 -26.91
C PRO H 69 33.81 19.81 -26.40
N CYS H 70 33.85 20.15 -25.11
CA CYS H 70 32.90 21.11 -24.56
C CYS H 70 33.31 22.57 -24.76
N CYS H 71 34.61 22.88 -24.68
CA CYS H 71 35.38 24.10 -24.80
CA CYS H 71 35.39 24.11 -24.77
C CYS H 71 35.39 24.48 -26.21
C CYS H 71 35.40 24.66 -26.13
N1 CH6 H 72 35.27 23.48 -27.15
CE CH6 H 72 39.50 25.45 -29.30
SD CH6 H 72 39.30 23.70 -29.25
CG1 CH6 H 72 37.83 24.27 -28.44
CB1 CH6 H 72 36.66 23.59 -29.13
CA1 CH6 H 72 35.28 23.77 -28.55
C1 CH6 H 72 34.42 22.82 -29.27
N2 CH6 H 72 34.91 21.96 -30.19
OH CH6 H 72 30.68 15.75 -32.16
CD2 CH6 H 72 33.77 17.73 -31.78
CE2 CH6 H 72 32.91 16.64 -31.89
CZ CH6 H 72 31.54 16.83 -32.06
CE1 CH6 H 72 30.99 18.09 -32.11
CD1 CH6 H 72 31.83 19.17 -32.01
CG2 CH6 H 72 33.21 19.01 -31.84
CB2 CH6 H 72 34.06 20.20 -31.73
CA2 CH6 H 72 33.91 21.20 -30.67
C2 CH6 H 72 32.68 21.72 -30.01
O2 CH6 H 72 31.46 21.33 -30.16
N3 CH6 H 72 33.08 22.68 -29.17
CA3 CH6 H 72 32.16 23.43 -28.30
C3 CH6 H 72 32.05 24.86 -28.84
O3 CH6 H 72 31.36 25.71 -28.33
N1 NRQ H 72 34.72 24.07 -27.17
CE NRQ H 72 39.50 25.45 -29.30
SD NRQ H 72 39.30 23.70 -29.25
CG1 NRQ H 72 37.83 24.27 -28.44
CB1 NRQ H 72 36.84 23.17 -28.02
CA1 NRQ H 72 35.33 23.33 -27.99
C1 NRQ H 72 34.48 22.58 -28.97
N2 NRQ H 72 34.97 21.73 -29.92
OH NRQ H 72 30.68 15.75 -32.16
CD2 NRQ H 72 33.77 17.73 -31.78
CE2 NRQ H 72 32.91 16.64 -31.89
CZ NRQ H 72 31.54 16.83 -32.06
CE1 NRQ H 72 30.99 18.09 -32.11
CD1 NRQ H 72 31.83 19.17 -32.01
CG2 NRQ H 72 33.21 19.01 -31.84
CB2 NRQ H 72 34.03 20.24 -31.75
CA2 NRQ H 72 33.94 21.18 -30.60
C2 NRQ H 72 32.72 21.83 -30.06
O2 NRQ H 72 31.51 21.65 -30.42
N3 NRQ H 72 33.12 22.62 -29.07
CA3 NRQ H 72 32.16 23.43 -28.30
C3 NRQ H 72 32.05 24.86 -28.84
O3 NRQ H 72 31.36 25.71 -28.33
N SER H 73 32.69 25.06 -29.99
CA SER H 73 32.99 26.39 -30.51
C SER H 73 32.75 26.41 -32.01
N LYS H 74 31.48 26.56 -32.39
CA LYS H 74 31.03 26.26 -33.75
C LYS H 74 31.09 27.44 -34.69
N THR H 75 31.79 28.49 -34.30
CA THR H 75 31.93 29.66 -35.17
C THR H 75 33.16 29.55 -36.05
N PHE H 76 34.09 28.73 -35.61
CA PHE H 76 35.36 28.57 -36.32
C PHE H 76 35.34 27.32 -37.19
N ILE H 77 34.39 27.28 -38.12
CA ILE H 77 34.25 26.15 -39.03
C ILE H 77 34.27 26.64 -40.47
N LYS H 78 35.21 26.14 -41.26
CA LYS H 78 35.30 26.55 -42.67
C LYS H 78 34.17 25.94 -43.49
N HIS H 79 33.45 26.80 -44.16
CA HIS H 79 32.43 26.39 -45.05
C HIS H 79 32.81 26.70 -46.46
N VAL H 80 32.89 25.68 -47.29
CA VAL H 80 32.65 25.75 -48.70
C VAL H 80 31.90 24.47 -48.95
N SER H 81 30.91 24.51 -49.83
CA SER H 81 30.71 25.55 -50.79
C SER H 81 29.60 26.49 -50.40
N GLY H 82 28.37 26.03 -50.61
CA GLY H 82 27.18 26.84 -50.50
C GLY H 82 26.46 26.59 -49.22
N ILE H 83 27.08 25.85 -48.32
CA ILE H 83 26.40 25.46 -47.13
C ILE H 83 26.28 26.67 -46.26
N PRO H 84 24.97 27.00 -45.93
CA PRO H 84 24.87 28.15 -45.02
C PRO H 84 25.54 27.93 -43.69
N ASP H 85 26.15 28.95 -43.12
CA ASP H 85 26.76 28.87 -41.79
C ASP H 85 25.73 29.28 -40.73
N TYR H 86 25.04 28.28 -40.20
CA TYR H 86 24.00 28.47 -39.19
C TYR H 86 24.49 29.28 -37.99
N PHE H 87 25.77 29.10 -37.66
CA PHE H 87 26.34 29.70 -36.47
C PHE H 87 26.84 31.14 -36.70
N LYS H 88 27.57 31.34 -37.79
CA LYS H 88 28.06 32.69 -38.14
C LYS H 88 26.90 33.64 -38.43
N GLU H 89 25.88 33.14 -39.12
CA GLU H 89 24.75 33.96 -39.54
C GLU H 89 23.72 34.16 -38.43
N SER H 90 24.02 33.66 -37.23
CA SER H 90 23.08 33.77 -36.11
C SER H 90 23.22 35.09 -35.37
N PHE H 91 24.34 35.78 -35.60
CA PHE H 91 24.65 37.00 -34.86
C PHE H 91 23.92 38.21 -35.45
N PRO H 92 23.69 39.25 -34.65
CA PRO H 92 24.15 39.48 -33.26
C PRO H 92 23.45 38.64 -32.19
N GLU H 93 22.30 38.05 -32.52
CA GLU H 93 21.54 37.26 -31.56
C GLU H 93 22.37 36.15 -30.95
N GLY H 94 23.12 35.42 -31.78
CA GLY H 94 23.95 34.34 -31.30
C GLY H 94 23.18 33.04 -31.25
N PHE H 95 23.68 32.09 -30.46
CA PHE H 95 23.04 30.78 -30.37
C PHE H 95 23.42 30.05 -29.09
N THR H 96 22.62 29.05 -28.75
CA THR H 96 22.96 28.11 -27.68
C THR H 96 23.00 26.70 -28.26
N TRP H 97 23.59 25.77 -27.52
CA TRP H 97 23.43 24.37 -27.88
C TRP H 97 23.45 23.47 -26.65
N GLU H 98 22.84 22.30 -26.82
CA GLU H 98 22.67 21.35 -25.74
C GLU H 98 23.14 19.99 -26.22
N ARG H 99 23.88 19.27 -25.38
CA ARG H 99 24.48 18.03 -25.83
C ARG H 99 24.55 16.97 -24.73
N THR H 100 24.25 15.73 -25.12
CA THR H 100 24.49 14.58 -24.26
C THR H 100 25.50 13.66 -24.94
N GLN H 101 26.55 13.30 -24.21
CA GLN H 101 27.58 12.42 -24.73
C GLN H 101 27.62 11.13 -23.94
N ILE H 102 27.35 10.01 -24.62
CA ILE H 102 27.30 8.71 -23.96
C ILE H 102 28.53 7.86 -24.29
N PHE H 103 29.35 7.59 -23.28
CA PHE H 103 30.52 6.73 -23.46
C PHE H 103 30.09 5.27 -23.40
N GLU H 104 30.83 4.40 -24.09
CA GLU H 104 30.43 3.00 -24.21
C GLU H 104 30.59 2.23 -22.90
N ASP H 105 31.32 2.81 -21.95
CA ASP H 105 31.57 2.11 -20.68
C ASP H 105 30.64 2.58 -19.55
N GLY H 106 29.70 3.45 -19.88
CA GLY H 106 28.70 3.87 -18.92
C GLY H 106 28.76 5.34 -18.55
N GLY H 107 29.90 5.97 -18.76
CA GLY H 107 30.07 7.38 -18.48
C GLY H 107 29.18 8.20 -19.37
N SER H 108 28.78 9.38 -18.89
CA SER H 108 27.93 10.26 -19.69
C SER H 108 28.14 11.73 -19.34
N LEU H 109 28.08 12.57 -20.37
CA LEU H 109 28.24 14.01 -20.22
C LEU H 109 27.05 14.74 -20.81
N THR H 110 26.54 15.73 -20.09
CA THR H 110 25.51 16.60 -20.66
C THR H 110 25.95 18.04 -20.51
N ILE H 111 25.86 18.78 -21.60
CA ILE H 111 26.39 20.13 -21.67
C ILE H 111 25.35 21.13 -22.15
N HIS H 112 25.33 22.29 -21.51
CA HIS H 112 24.64 23.44 -22.06
C HIS H 112 25.66 24.54 -22.31
N GLN H 113 25.55 25.19 -23.46
CA GLN H 113 26.51 26.21 -23.84
C GLN H 113 25.81 27.44 -24.41
N ASP H 114 26.30 28.61 -24.04
CA ASP H 114 25.77 29.86 -24.58
C ASP H 114 26.85 30.56 -25.39
N THR H 115 26.51 30.93 -26.62
CA THR H 115 27.43 31.65 -27.47
C THR H 115 26.88 33.02 -27.86
N SER H 116 27.56 34.07 -27.42
CA SER H 116 27.19 35.43 -27.77
C SER H 116 28.41 36.16 -28.35
N LEU H 117 28.18 37.34 -28.91
CA LEU H 117 29.25 38.12 -29.52
C LEU H 117 29.30 39.54 -28.97
N GLN H 118 30.44 39.93 -28.39
CA GLN H 118 30.65 41.33 -28.03
C GLN H 118 31.88 41.87 -28.76
N GLY H 119 31.64 42.79 -29.68
CA GLY H 119 32.69 43.36 -30.49
C GLY H 119 33.49 42.32 -31.26
N ASN H 120 34.73 42.11 -30.84
CA ASN H 120 35.65 41.19 -31.51
C ASN H 120 35.76 39.88 -30.76
N ASN H 121 35.00 39.74 -29.68
CA ASN H 121 35.11 38.56 -28.82
C ASN H 121 33.87 37.67 -28.82
N PHE H 122 34.07 36.38 -29.11
CA PHE H 122 33.03 35.39 -28.87
C PHE H 122 32.99 35.06 -27.39
N ILE H 123 31.80 35.03 -26.81
CA ILE H 123 31.65 34.73 -25.39
C ILE H 123 31.02 33.35 -25.19
N PHE H 124 31.68 32.51 -24.42
CA PHE H 124 31.20 31.18 -24.22
C PHE H 124 30.93 30.84 -22.78
N LYS H 125 29.67 30.58 -22.47
CA LYS H 125 29.26 30.12 -21.14
C LYS H 125 28.95 28.64 -21.20
N VAL H 126 29.66 27.83 -20.42
CA VAL H 126 29.46 26.38 -20.47
C VAL H 126 29.14 25.77 -19.11
N ASN H 127 28.08 24.95 -19.08
CA ASN H 127 27.74 24.16 -17.90
C ASN H 127 27.78 22.68 -18.22
N VAL H 128 28.46 21.90 -17.38
CA VAL H 128 28.68 20.48 -17.65
C VAL H 128 28.38 19.61 -16.44
N ILE H 129 27.63 18.54 -16.65
CA ILE H 129 27.46 17.54 -15.60
C ILE H 129 27.84 16.16 -16.11
N GLY H 130 28.74 15.50 -15.40
CA GLY H 130 29.18 14.17 -15.77
C GLY H 130 28.76 13.12 -14.77
N ALA H 131 28.34 11.96 -15.26
CA ALA H 131 27.82 10.92 -14.39
C ALA H 131 28.29 9.53 -14.79
N ASN H 132 28.56 8.70 -13.78
CA ASN H 132 28.76 7.26 -13.92
C ASN H 132 30.00 6.85 -14.70
N PHE H 133 31.05 7.67 -14.70
CA PHE H 133 32.31 7.27 -15.27
C PHE H 133 32.96 6.21 -14.37
N PRO H 134 33.21 5.02 -14.92
CA PRO H 134 33.76 3.89 -14.15
C PRO H 134 35.03 4.29 -13.40
N ALA H 135 35.16 3.81 -12.17
CA ALA H 135 36.28 4.18 -11.31
C ALA H 135 37.62 3.77 -11.93
N ASN H 136 37.64 2.63 -12.60
CA ASN H 136 38.86 2.11 -13.19
C ASN H 136 38.90 2.29 -14.70
N GLY H 137 38.02 3.14 -15.21
CA GLY H 137 37.99 3.47 -16.63
C GLY H 137 39.09 4.45 -16.99
N PRO H 138 39.36 4.62 -18.29
CA PRO H 138 40.43 5.49 -18.77
C PRO H 138 40.23 6.96 -18.37
N VAL H 139 38.98 7.40 -18.29
CA VAL H 139 38.68 8.79 -17.96
C VAL H 139 39.05 9.14 -16.52
N MET H 140 38.58 8.31 -15.58
CA MET H 140 38.82 8.57 -14.16
C MET H 140 40.25 8.23 -13.75
N GLN H 141 40.87 7.30 -14.47
CA GLN H 141 42.26 6.93 -14.20
C GLN H 141 43.23 7.80 -14.98
N LYS H 142 42.69 8.67 -15.82
CA LYS H 142 43.49 9.56 -16.66
C LYS H 142 44.47 8.78 -17.54
N LYS H 143 43.92 7.82 -18.28
CA LYS H 143 44.69 7.00 -19.20
C LYS H 143 44.40 7.33 -20.65
N THR H 144 44.00 8.57 -20.91
CA THR H 144 43.63 8.97 -22.27
C THR H 144 44.77 9.74 -22.94
N ALA H 145 44.83 9.67 -24.26
CA ALA H 145 45.91 10.32 -25.00
C ALA H 145 45.39 11.08 -26.22
N GLY H 146 44.34 11.87 -26.02
CA GLY H 146 43.81 12.71 -27.07
C GLY H 146 42.68 12.09 -27.87
N TRP H 147 42.06 12.90 -28.72
CA TRP H 147 40.94 12.46 -29.54
C TRP H 147 41.35 12.12 -30.97
N GLU H 148 40.72 11.11 -31.54
CA GLU H 148 40.77 10.90 -32.97
C GLU H 148 39.93 11.99 -33.62
N PRO H 149 40.27 12.36 -34.86
CA PRO H 149 39.40 13.28 -35.60
C PRO H 149 37.99 12.69 -35.74
N SER H 150 36.98 13.55 -35.76
CA SER H 150 35.60 13.10 -35.75
C SER H 150 34.79 13.64 -36.92
N VAL H 151 33.70 12.97 -37.24
CA VAL H 151 32.77 13.44 -38.25
C VAL H 151 31.39 13.59 -37.61
N GLU H 152 30.87 14.81 -37.65
CA GLU H 152 29.53 15.08 -37.15
C GLU H 152 28.57 15.20 -38.31
N ILE H 153 27.40 14.58 -38.20
CA ILE H 153 26.34 14.78 -39.18
C ILE H 153 25.43 15.91 -38.70
N LEU H 154 25.19 16.87 -39.58
CA LEU H 154 24.34 18.01 -39.24
C LEU H 154 23.08 17.96 -40.10
N TYR H 155 21.93 18.11 -39.46
CA TYR H 155 20.66 18.05 -40.18
C TYR H 155 19.58 18.85 -39.46
N PRO H 156 18.70 19.49 -40.24
CA PRO H 156 17.62 20.29 -39.67
C PRO H 156 16.52 19.44 -39.06
N ARG H 157 15.94 19.90 -37.96
CA ARG H 157 14.82 19.22 -37.34
C ARG H 157 14.00 20.16 -36.47
N ASP H 158 12.72 20.33 -36.84
CA ASP H 158 11.77 21.13 -36.07
C ASP H 158 12.22 22.58 -35.86
N GLY H 159 12.82 23.16 -36.90
CA GLY H 159 13.17 24.57 -36.88
C GLY H 159 14.58 24.88 -36.42
N VAL H 160 15.28 23.86 -35.92
CA VAL H 160 16.66 24.06 -35.45
C VAL H 160 17.61 23.04 -36.06
N LEU H 161 18.89 23.18 -35.75
CA LEU H 161 19.91 22.31 -36.32
C LEU H 161 20.36 21.25 -35.32
N CYS H 162 20.26 19.99 -35.74
CA CYS H 162 20.68 18.87 -34.89
C CYS H 162 22.01 18.32 -35.36
N GLY H 163 22.76 17.74 -34.41
CA GLY H 163 24.04 17.14 -34.72
C GLY H 163 24.23 15.85 -33.97
N GLN H 164 24.83 14.87 -34.65
CA GLN H 164 25.24 13.63 -34.03
C GLN H 164 26.65 13.28 -34.48
N ALA H 165 27.43 12.73 -33.58
CA ALA H 165 28.78 12.30 -33.93
C ALA H 165 29.26 11.15 -33.05
N LEU H 166 30.21 10.40 -33.59
CA LEU H 166 30.93 9.40 -32.82
C LEU H 166 32.33 9.92 -32.57
N MET H 167 32.76 9.90 -31.32
CA MET H 167 34.12 10.30 -31.01
C MET H 167 34.90 9.14 -30.41
N ALA H 168 36.17 9.02 -30.79
CA ALA H 168 37.01 7.94 -30.34
C ALA H 168 38.16 8.47 -29.49
N LEU H 169 38.10 8.20 -28.19
CA LEU H 169 39.12 8.65 -27.27
C LEU H 169 40.28 7.65 -27.22
N LYS H 170 41.47 8.12 -27.52
CA LYS H 170 42.66 7.26 -27.51
C LYS H 170 43.10 6.95 -26.09
N CYS H 171 43.34 5.68 -25.81
CA CYS H 171 43.80 5.25 -24.50
C CYS H 171 45.28 4.89 -24.53
N THR H 172 45.92 4.92 -23.37
CA THR H 172 47.37 4.70 -23.28
C THR H 172 47.75 3.25 -23.57
N ASP H 173 46.79 2.34 -23.46
CA ASP H 173 47.07 0.92 -23.73
C ASP H 173 46.95 0.61 -25.21
N GLY H 174 46.51 1.60 -25.98
CA GLY H 174 46.37 1.44 -27.42
C GLY H 174 44.93 1.32 -27.89
N ASP H 175 44.04 1.04 -26.94
CA ASP H 175 42.62 0.86 -27.26
C ASP H 175 41.93 2.22 -27.46
N HIS H 176 40.72 2.18 -28.00
CA HIS H 176 39.90 3.38 -28.15
C HIS H 176 38.65 3.28 -27.29
N LEU H 177 38.30 4.39 -26.64
CA LEU H 177 37.06 4.46 -25.86
C LEU H 177 36.06 5.35 -26.59
N THR H 178 35.06 4.73 -27.20
CA THR H 178 34.14 5.44 -28.08
C THR H 178 32.95 6.03 -27.34
N SER H 179 32.38 7.08 -27.93
CA SER H 179 31.20 7.73 -27.37
C SER H 179 30.29 8.23 -28.48
N HIS H 180 29.01 8.39 -28.14
CA HIS H 180 28.01 8.88 -29.08
C HIS H 180 27.48 10.24 -28.62
N LEU H 181 27.57 11.23 -29.49
CA LEU H 181 27.14 12.58 -29.17
C LEU H 181 25.82 12.91 -29.84
N ARG H 182 24.89 13.51 -29.08
CA ARG H 182 23.67 14.05 -29.66
C ARG H 182 23.51 15.51 -29.26
N THR H 183 23.46 16.38 -30.25
CA THR H 183 23.44 17.82 -30.01
C THR H 183 22.30 18.54 -30.73
N THR H 184 21.70 19.52 -30.07
CA THR H 184 20.75 20.43 -30.71
C THR H 184 21.30 21.84 -30.69
N TYR H 185 21.46 22.44 -31.87
CA TYR H 185 21.96 23.81 -31.98
C TYR H 185 20.81 24.77 -32.22
N ARG H 186 20.68 25.76 -31.34
CA ARG H 186 19.55 26.67 -31.38
C ARG H 186 19.97 28.12 -31.66
N SER H 187 19.74 28.58 -32.88
CA SER H 187 19.99 29.98 -33.22
C SER H 187 18.91 30.86 -32.60
N ARG H 188 19.32 32.02 -32.10
CA ARG H 188 18.40 32.98 -31.52
C ARG H 188 17.82 33.90 -32.57
N LYS H 189 18.23 33.69 -33.82
CA LYS H 189 17.67 34.45 -34.93
C LYS H 189 16.24 34.02 -35.20
N PRO H 190 15.36 34.99 -35.45
CA PRO H 190 13.95 34.79 -35.82
C PRO H 190 13.75 33.79 -36.97
N SER H 191 12.70 32.99 -36.88
CA SER H 191 12.42 31.92 -37.84
C SER H 191 12.30 32.41 -39.28
N ASN H 192 11.66 33.56 -39.44
CA ASN H 192 11.55 34.23 -40.73
C ASN H 192 12.93 34.46 -41.34
N ALA H 193 13.90 34.76 -40.48
CA ALA H 193 15.21 35.20 -40.91
C ALA H 193 16.29 34.15 -40.70
N VAL H 194 15.91 32.88 -40.65
CA VAL H 194 16.88 31.81 -40.56
C VAL H 194 17.12 31.17 -41.92
N ASN H 195 18.37 30.98 -42.28
CA ASN H 195 18.71 30.18 -43.44
C ASN H 195 19.27 28.84 -42.99
N MET H 196 18.39 27.84 -42.94
CA MET H 196 18.72 26.52 -42.47
C MET H 196 19.47 25.72 -43.52
N PRO H 197 20.62 25.14 -43.13
CA PRO H 197 21.39 24.31 -44.05
C PRO H 197 20.74 22.94 -44.23
N GLU H 198 21.09 22.25 -45.31
CA GLU H 198 20.64 20.88 -45.51
C GLU H 198 21.62 19.92 -44.84
N PHE H 199 21.35 18.63 -44.98
CA PHE H 199 22.21 17.59 -44.40
C PHE H 199 23.65 17.73 -44.87
N HIS H 200 24.58 17.79 -43.93
CA HIS H 200 26.00 17.88 -44.26
C HIS H 200 26.89 17.36 -43.13
N PHE H 201 28.18 17.29 -43.40
CA PHE H 201 29.14 16.74 -42.45
C PHE H 201 30.02 17.82 -41.83
N GLY H 202 30.55 17.52 -40.64
CA GLY H 202 31.48 18.42 -39.97
C GLY H 202 32.71 17.68 -39.50
N ASP H 203 33.82 17.87 -40.21
CA ASP H 203 35.10 17.28 -39.82
C ASP H 203 35.76 18.10 -38.71
N HIS H 204 35.99 17.47 -37.57
CA HIS H 204 36.64 18.16 -36.46
C HIS H 204 37.91 17.43 -36.01
N ARG H 205 38.96 18.19 -35.76
CA ARG H 205 40.21 17.64 -35.26
C ARG H 205 40.68 18.44 -34.05
N ILE H 206 40.89 17.77 -32.94
CA ILE H 206 41.32 18.47 -31.74
C ILE H 206 42.63 17.93 -31.20
N GLU H 207 43.59 18.82 -31.02
CA GLU H 207 44.79 18.45 -30.31
C GLU H 207 45.05 19.36 -29.14
N ILE H 208 45.47 18.75 -28.06
CA ILE H 208 45.65 19.47 -26.86
C ILE H 208 47.05 19.39 -26.35
N LEU H 209 47.53 20.52 -25.87
CA LEU H 209 48.91 20.66 -25.48
C LEU H 209 49.11 20.95 -24.02
N LYS H 210 50.06 20.26 -23.45
CA LYS H 210 50.67 20.62 -22.18
C LYS H 210 49.98 19.97 -21.00
N ALA H 211 50.74 19.84 -19.92
CA ALA H 211 50.21 19.50 -18.61
C ALA H 211 50.93 20.36 -17.57
N GLU H 212 50.66 21.67 -17.56
CA GLU H 212 51.21 22.54 -16.53
C GLU H 212 50.16 23.21 -15.64
N GLN H 213 50.10 22.81 -14.39
CA GLN H 213 50.69 21.56 -13.91
C GLN H 213 49.57 20.52 -13.80
N GLY H 214 48.47 20.80 -14.48
CA GLY H 214 47.15 20.26 -14.23
C GLY H 214 46.16 21.39 -14.18
N LYS H 215 46.64 22.63 -14.21
CA LYS H 215 45.79 23.80 -14.20
C LYS H 215 45.70 24.52 -15.54
N PHE H 216 46.48 24.07 -16.51
CA PHE H 216 46.65 24.83 -17.75
C PHE H 216 46.78 23.88 -18.93
N TYR H 217 45.99 24.16 -19.97
CA TYR H 217 45.97 23.37 -21.19
C TYR H 217 45.89 24.27 -22.41
N GLU H 218 46.63 23.93 -23.46
CA GLU H 218 46.50 24.63 -24.73
C GLU H 218 45.77 23.72 -25.71
N GLN H 219 44.77 24.28 -26.39
CA GLN H 219 43.86 23.46 -27.19
C GLN H 219 43.69 24.02 -28.60
N TYR H 220 43.99 23.20 -29.60
CA TYR H 220 43.86 23.59 -31.00
C TYR H 220 42.78 22.77 -31.71
N GLU H 221 42.01 23.43 -32.56
CA GLU H 221 41.01 22.72 -33.37
C GLU H 221 40.88 23.31 -34.77
N SER H 222 40.83 22.43 -35.76
CA SER H 222 40.47 22.79 -37.12
C SER H 222 39.15 22.12 -37.48
N ALA H 223 38.30 22.82 -38.22
CA ALA H 223 36.98 22.29 -38.54
C ALA H 223 36.49 22.69 -39.94
N VAL H 224 35.85 21.74 -40.63
CA VAL H 224 35.36 21.98 -41.98
C VAL H 224 33.96 21.39 -42.17
N ALA H 225 33.05 22.20 -42.69
CA ALA H 225 31.71 21.74 -43.05
C ALA H 225 31.64 21.42 -44.54
N ARG H 226 31.15 20.23 -44.89
CA ARG H 226 31.21 19.77 -46.26
C ARG H 226 30.13 18.73 -46.62
N TYR H 227 30.05 18.41 -47.90
CA TYR H 227 29.21 17.32 -48.37
C TYR H 227 30.06 16.08 -48.64
N CYS H 228 29.46 15.11 -49.34
CA CYS H 228 30.18 13.94 -49.83
C CYS H 228 30.93 13.19 -48.73
CL CL I . 0.80 -10.73 11.69
CL CL J . -35.43 10.45 6.44
CL CL K . 3.00 21.03 -16.94
CL CL L . -42.34 -17.44 34.91
#